data_6X19
#
_entry.id   6X19
#
_cell.length_a   1.00
_cell.length_b   1.00
_cell.length_c   1.00
_cell.angle_alpha   90.00
_cell.angle_beta   90.00
_cell.angle_gamma   90.00
#
_symmetry.space_group_name_H-M   'P 1'
#
loop_
_entity.id
_entity.type
_entity.pdbx_description
1 polymer 'Guanine nucleotide-binding protein G(s) subunit alpha isoforms short'
2 polymer 'Guanine nucleotide-binding protein G(I)/G(S)/G(T) subunit beta-1'
3 polymer 'Guanine nucleotide-binding protein G(I)/G(S)/G(O) subunit gamma-2'
4 polymer Nanobody35
5 polymer 'Glucagon-like peptide 1 receptor'
6 non-polymer 3-{(1S)-1-[5-(2,2-dimethylmorpholin-4-yl)-2-{(4S)-2-(4-fluoro-3,5-dimethylphenyl)-3-[3-(4-fluoro-1-methyl-1H-indazol-5-yl)-2-oxo-2,3-dihydro-1H-imidazol-1-yl]-4-methyl-2,4,6,7-tetrahydro-5H-pyrazolo[4,3-c]pyridine-5-carbonyl}-1H-indol-1-yl]butyl}-1,2,4-oxadiazol-5(4H)-one
7 water water
#
loop_
_entity_poly.entity_id
_entity_poly.type
_entity_poly.pdbx_seq_one_letter_code
_entity_poly.pdbx_strand_id
1 'polypeptide(L)'
;MGCLGNSKTEDQRNEEKAQREANKKIEKQLQKDKQVYRATHRLLLLGAGESGKNTIVKQMRILHVNGFNGEGGEEDPQAA
RSNSDGEKATKVQDIKNNLKEAIETIVAAMSNLVPPVELANPENQFRVDYILSVMNVPDFDFPPEFYEHAKALWEDEGVR
ACYERSNEYQLIDCAQYFLDKIDVIKQADYVPSDQDLLRCRVLTSGIFETKFQVDKVNFHMFDVGAQRDERRKWIQCFND
VTAIIFVVASSSYNMVIREDNQTNRLQAALKLFDSIWNNKWLRDTSVILFLNKQDLLAEKVLAGKSKIEDYFPEFARYTT
PEDATPEPGEDPRVTRAKYFIRDEFLRISTASGDGRHYCYPHFTCAVDTENIRRVFNDCRDIIQRMHLRQYELL
;
A
2 'polypeptide(L)'
;QSELDQLRQEAEQLKNQIRDARKACADATLSQITNNIDPVGRIQMRTRRTLRGHLAKIYAMHWGTDSRLLVSASQDGKLI
IWDSYTTNKVHAIPLRSSWVMTCAYAPSGNYVACGGLDNICSIYNLKTREGNVRVSRELAGHTGYLSCCRFLDDNQIVTS
SGDTTCALWDIETGQQTTTFTGHTGDVMSLSLAPDTRLFVSGACDASAKLWDVREGMCRQTFTGHESDINAICFFPNGNA
FATGSDDATCRLFDLRADQELMTYSHDNIICGITSVSFSKSGRLLLAGYDDFNCNVWDALKADRAGVLAGHDNRVSCLGV
TDDGMAVATGSWDSFLKIWN
;
B
3 'polypeptide(L)' NTASIAQARKLVEQLKMEANIDRIKVSKAAADLMAYCEAHAKEDPLLTPVPASENPFR G
4 'polypeptide(L)'
;QVQLQESGGGLVQPGGSLRLSCAASGFTFSNYKMNWVRQAPGKGLEWVSDISQSGASISYTGSVKGRFTISRDNAKNTLY
LQMNSLKPEDTAVYYCARCPAPFTRDCFDVTSTTYAYRGQGTQVTVSS
;
N
5 'polypeptide(L)'
;MKTIIALSYIFCLVFADYKDDDDLEVLFQGPARPQGATVSLWETVQKWREYRRQCQRSLTEDPPPATDLFCNRTFDEYAC
WPDGEPGSFVNVSCPWYLPWASSVPQGHVYRFCTAEGLWLQKDNSSLPWRDLSECEESKRGERSSPEEQLLFLYIIYTVG
YALSFSALVIASAILLGFRHLHCTRNYIHLNLFASFILRALSVFIKDAALKWMYSTAAQQHQWDGLLSYQDSLSCRLVFL
LMQYCVAANYYWLLVEGVYLYTLLAFSVFSEQWIFRLYVSIGWGVPLLFVVPWGIVKYLYEDEGCWTRNSNMNYWLIIRL
PILFAIGVNFLIFVRVICIVVSKLKANLMCKTDIKCRLAKSTLTLIPLLGTHEVIFAFVMDEHARGTLRFIKLFTELSFT
SFQGLMVAILYCFVNNEVQLEFRKSWERWRLEHLHIQRDSSMKPLKCPTSSLSSGATAGSSMYTATCQASCSPAGLEVLF
QGPHHHHHHHH
;
R
#
# COMPACT_ATOMS: atom_id res chain seq x y z
N GLN A 12 -11.18 10.00 -38.22
CA GLN A 12 -10.87 10.86 -39.39
C GLN A 12 -9.36 11.09 -39.43
N ARG A 13 -8.65 10.66 -38.39
CA ARG A 13 -7.17 10.80 -38.31
C ARG A 13 -6.85 12.20 -37.83
N ASN A 14 -7.85 13.10 -37.84
CA ASN A 14 -7.65 14.44 -37.25
C ASN A 14 -8.36 14.40 -35.90
N GLU A 15 -9.43 13.62 -35.81
CA GLU A 15 -10.09 13.42 -34.49
C GLU A 15 -9.10 12.63 -33.65
N GLU A 16 -8.48 11.61 -34.25
CA GLU A 16 -7.48 10.80 -33.51
C GLU A 16 -6.29 11.68 -33.14
N LYS A 17 -5.89 12.57 -34.03
CA LYS A 17 -4.75 13.46 -33.73
C LYS A 17 -5.12 14.36 -32.55
N ALA A 18 -6.34 14.88 -32.52
CA ALA A 18 -6.73 15.84 -31.48
C ALA A 18 -6.99 15.11 -30.15
N GLN A 19 -7.21 13.81 -30.20
CA GLN A 19 -7.40 13.01 -28.98
C GLN A 19 -6.02 12.65 -28.50
N ARG A 20 -5.07 12.64 -29.41
CA ARG A 20 -3.74 12.35 -28.89
C ARG A 20 -3.12 13.58 -28.23
N GLU A 21 -3.40 14.77 -28.74
CA GLU A 21 -2.86 15.98 -28.14
C GLU A 21 -3.54 16.28 -26.81
N ALA A 22 -4.85 16.05 -26.73
CA ALA A 22 -5.55 16.19 -25.46
C ALA A 22 -5.01 15.22 -24.43
N ASN A 23 -4.65 14.00 -24.86
CA ASN A 23 -4.07 13.04 -23.94
C ASN A 23 -2.67 13.47 -23.51
N LYS A 24 -1.88 14.03 -24.42
CA LYS A 24 -0.56 14.53 -24.05
C LYS A 24 -0.65 15.66 -23.03
N LYS A 25 -1.62 16.55 -23.20
CA LYS A 25 -1.78 17.65 -22.26
C LYS A 25 -2.24 17.16 -20.90
N ILE A 26 -3.00 16.06 -20.86
CA ILE A 26 -3.44 15.51 -19.58
C ILE A 26 -2.27 14.83 -18.87
N GLU A 27 -1.54 13.97 -19.58
CA GLU A 27 -0.42 13.26 -18.97
C GLU A 27 0.68 14.22 -18.54
N LYS A 28 0.76 15.40 -19.14
CA LYS A 28 1.66 16.44 -18.66
C LYS A 28 1.22 16.93 -17.28
N GLN A 29 -0.05 17.33 -17.15
CA GLN A 29 -0.58 17.76 -15.87
C GLN A 29 -0.52 16.63 -14.85
N LEU A 30 -0.76 15.39 -15.28
CA LEU A 30 -0.72 14.27 -14.35
C LEU A 30 0.69 14.07 -13.81
N GLN A 31 1.72 14.46 -14.57
CA GLN A 31 3.08 14.36 -14.07
C GLN A 31 3.32 15.38 -12.95
N LYS A 32 2.93 16.64 -13.18
CA LYS A 32 2.98 17.66 -12.15
C LYS A 32 2.24 17.22 -10.89
N ASP A 33 0.96 16.83 -11.05
CA ASP A 33 0.16 16.42 -9.91
C ASP A 33 0.78 15.22 -9.19
N LYS A 34 1.44 14.35 -9.94
CA LYS A 34 2.15 13.23 -9.34
C LYS A 34 3.32 13.70 -8.47
N GLN A 35 3.95 14.82 -8.80
CA GLN A 35 5.02 15.32 -7.96
C GLN A 35 4.49 15.75 -6.60
N VAL A 36 3.36 16.46 -6.59
CA VAL A 36 2.76 16.90 -5.34
C VAL A 36 2.29 15.71 -4.51
N TYR A 37 1.69 14.71 -5.16
CA TYR A 37 1.15 13.58 -4.43
C TYR A 37 2.25 12.77 -3.74
N ARG A 38 3.37 12.54 -4.43
CA ARG A 38 4.42 11.72 -3.85
C ARG A 38 5.22 12.44 -2.78
N ALA A 39 5.18 13.77 -2.76
CA ALA A 39 5.97 14.56 -1.82
C ALA A 39 5.15 15.04 -0.62
N THR A 40 3.92 14.58 -0.48
CA THR A 40 3.06 14.95 0.64
C THR A 40 2.74 13.70 1.44
N HIS A 41 2.85 13.79 2.76
CA HIS A 41 2.53 12.67 3.63
C HIS A 41 1.11 12.84 4.17
N ARG A 42 0.30 11.80 4.02
CA ARG A 42 -1.09 11.83 4.42
C ARG A 42 -1.28 11.12 5.76
N LEU A 43 -2.05 11.75 6.64
CA LEU A 43 -2.23 11.28 8.01
C LEU A 43 -3.71 11.20 8.33
N LEU A 44 -4.11 10.05 8.87
CA LEU A 44 -5.47 9.92 9.45
C LEU A 44 -5.42 10.22 10.96
N LEU A 45 -6.10 11.25 11.46
CA LEU A 45 -6.21 11.45 12.93
C LEU A 45 -7.46 10.74 13.43
N LEU A 46 -7.29 9.60 14.10
CA LEU A 46 -8.41 8.85 14.70
C LEU A 46 -8.36 9.10 16.19
N GLY A 47 -9.37 9.78 16.68
CA GLY A 47 -9.40 10.08 18.09
C GLY A 47 -10.49 9.27 18.74
N ALA A 48 -10.14 8.58 19.81
CA ALA A 48 -11.19 7.89 20.58
C ALA A 48 -12.01 9.02 21.24
N GLY A 49 -13.18 8.73 21.79
CA GLY A 49 -14.03 9.81 22.30
C GLY A 49 -13.40 10.64 23.41
N GLU A 50 -13.54 11.98 23.33
CA GLU A 50 -13.03 12.88 24.39
C GLU A 50 -11.54 12.60 24.63
N SER A 51 -10.77 12.55 23.55
CA SER A 51 -9.36 12.13 23.62
C SER A 51 -8.46 13.35 23.61
N GLY A 52 -8.95 14.52 23.17
CA GLY A 52 -8.11 15.73 23.07
C GLY A 52 -7.61 15.96 21.67
N LYS A 53 -8.09 15.17 20.73
CA LYS A 53 -7.60 15.25 19.33
C LYS A 53 -7.89 16.64 18.79
N ASN A 54 -9.06 17.18 19.10
CA ASN A 54 -9.46 18.50 18.55
C ASN A 54 -8.52 19.59 19.05
N THR A 55 -8.13 19.44 20.37
CA THR A 55 -7.21 20.44 20.97
C THR A 55 -5.89 20.34 20.23
N ILE A 56 -5.42 19.15 20.01
CA ILE A 56 -4.13 18.97 19.30
C ILE A 56 -4.24 19.65 17.93
N VAL A 57 -5.37 19.47 17.25
CA VAL A 57 -5.56 20.04 15.88
C VAL A 57 -5.52 21.57 15.96
N LYS A 58 -6.22 22.16 16.93
CA LYS A 58 -6.26 23.63 17.07
C LYS A 58 -4.83 24.12 17.25
N GLN A 59 -4.06 23.42 18.07
CA GLN A 59 -2.67 23.85 18.35
C GLN A 59 -1.89 23.83 17.03
N MET A 60 -2.05 22.78 16.23
CA MET A 60 -1.24 22.69 14.99
C MET A 60 -1.59 23.88 14.10
N ARG A 61 -2.88 24.17 13.94
CA ARG A 61 -3.29 25.27 13.03
C ARG A 61 -2.75 26.60 13.55
N ILE A 62 -2.84 26.84 14.86
CA ILE A 62 -2.39 28.13 15.43
C ILE A 62 -0.89 28.27 15.23
N LEU A 63 -0.14 27.19 15.47
CA LEU A 63 1.33 27.23 15.35
C LEU A 63 1.67 27.53 13.89
N HIS A 64 0.91 26.94 12.96
CA HIS A 64 1.12 27.22 11.52
C HIS A 64 0.34 28.48 11.11
N LYS A 88 -13.74 23.41 12.98
CA LYS A 88 -14.41 22.57 14.02
C LYS A 88 -14.34 23.28 15.37
N ALA A 89 -13.21 23.91 15.68
CA ALA A 89 -13.04 24.65 16.95
C ALA A 89 -14.02 25.83 16.99
N THR A 90 -14.29 26.47 15.85
CA THR A 90 -15.14 27.69 15.80
C THR A 90 -16.57 27.40 16.27
N LYS A 91 -16.97 26.13 16.31
CA LYS A 91 -18.36 25.76 16.66
C LYS A 91 -18.59 25.83 18.17
N VAL A 92 -17.56 26.20 18.95
CA VAL A 92 -17.67 26.22 20.45
C VAL A 92 -18.78 27.17 20.88
N GLN A 93 -18.91 28.32 20.21
CA GLN A 93 -19.94 29.31 20.60
C GLN A 93 -21.32 28.65 20.45
N ASP A 94 -21.53 27.88 19.39
CA ASP A 94 -22.85 27.24 19.16
C ASP A 94 -23.15 26.27 20.30
N ILE A 95 -22.16 25.48 20.72
CA ILE A 95 -22.37 24.47 21.79
C ILE A 95 -22.76 25.23 23.06
N LYS A 96 -22.08 26.34 23.33
CA LYS A 96 -22.44 27.17 24.50
C LYS A 96 -23.92 27.53 24.38
N ASN A 97 -24.29 28.06 23.21
CA ASN A 97 -25.65 28.62 22.98
C ASN A 97 -26.66 27.52 23.27
N ASN A 98 -26.39 26.31 22.77
CA ASN A 98 -27.31 25.17 22.99
C ASN A 98 -27.42 24.91 24.50
N LEU A 99 -26.29 24.86 25.20
CA LEU A 99 -26.32 24.59 26.66
C LEU A 99 -27.13 25.65 27.41
N LYS A 100 -27.03 26.91 27.01
CA LYS A 100 -27.76 28.05 27.64
C LYS A 100 -29.25 27.93 27.34
N GLU A 101 -29.59 27.58 26.11
CA GLU A 101 -31.01 27.46 25.73
C GLU A 101 -31.62 26.35 26.58
N ALA A 102 -30.87 25.27 26.77
CA ALA A 102 -31.39 24.13 27.55
C ALA A 102 -31.69 24.62 28.96
N ILE A 103 -30.75 25.35 29.57
CA ILE A 103 -30.97 25.78 30.98
C ILE A 103 -32.20 26.70 31.02
N GLU A 104 -32.31 27.62 30.05
CA GLU A 104 -33.43 28.60 30.09
C GLU A 104 -34.75 27.84 29.99
N THR A 105 -34.83 26.88 29.07
CA THR A 105 -36.12 26.15 28.88
C THR A 105 -36.43 25.37 30.17
N ILE A 106 -35.42 24.70 30.73
CA ILE A 106 -35.71 23.84 31.91
C ILE A 106 -36.25 24.76 33.01
N VAL A 107 -35.71 25.98 33.11
CA VAL A 107 -36.09 26.77 34.32
C VAL A 107 -37.52 27.29 34.08
N ALA A 108 -37.71 28.03 32.99
CA ALA A 108 -39.04 28.64 32.72
C ALA A 108 -40.08 27.53 32.74
N ALA A 109 -39.85 26.48 31.95
CA ALA A 109 -40.84 25.39 31.82
C ALA A 109 -41.09 24.74 33.18
N MET A 110 -40.04 24.61 34.00
CA MET A 110 -40.19 23.94 35.31
C MET A 110 -41.18 24.72 36.16
N SER A 111 -41.05 26.05 36.19
CA SER A 111 -41.93 26.91 37.01
C SER A 111 -43.37 26.83 36.51
N ASN A 112 -43.56 26.78 35.20
CA ASN A 112 -44.91 26.89 34.58
C ASN A 112 -45.55 25.50 34.49
N LEU A 113 -44.98 24.51 35.18
CA LEU A 113 -45.55 23.14 35.20
C LEU A 113 -46.85 23.14 36.03
N VAL A 114 -47.75 22.18 35.80
CA VAL A 114 -49.07 22.23 36.50
C VAL A 114 -48.80 22.19 38.00
N PRO A 115 -47.94 21.30 38.52
CA PRO A 115 -47.55 21.35 39.92
C PRO A 115 -46.16 21.99 39.76
N PRO A 116 -45.98 23.27 40.14
CA PRO A 116 -44.69 23.93 39.92
C PRO A 116 -43.64 23.20 40.76
N VAL A 117 -42.52 22.82 40.16
CA VAL A 117 -41.43 22.20 40.97
C VAL A 117 -40.83 23.30 41.84
N GLU A 118 -40.36 22.96 43.04
CA GLU A 118 -39.83 24.00 43.95
C GLU A 118 -38.33 23.79 44.15
N LEU A 119 -37.56 24.86 43.92
CA LEU A 119 -36.09 24.80 44.08
C LEU A 119 -35.79 24.41 45.53
N ALA A 120 -34.86 23.47 45.73
CA ALA A 120 -34.47 23.09 47.10
C ALA A 120 -33.99 24.36 47.81
N ASN A 121 -33.38 25.27 47.05
CA ASN A 121 -32.69 26.45 47.65
C ASN A 121 -33.31 27.76 47.15
N PRO A 122 -33.74 28.67 48.03
CA PRO A 122 -34.27 29.98 47.63
C PRO A 122 -33.19 30.83 46.94
N GLU A 123 -31.94 30.75 47.43
CA GLU A 123 -30.82 31.46 46.76
C GLU A 123 -30.65 30.88 45.34
N ASN A 124 -30.79 29.56 45.21
CA ASN A 124 -30.71 28.93 43.87
C ASN A 124 -31.84 29.49 43.01
N GLN A 125 -33.01 29.67 43.61
CA GLN A 125 -34.20 30.25 42.91
C GLN A 125 -33.85 31.67 42.44
N PHE A 126 -33.26 32.47 43.31
CA PHE A 126 -32.83 33.85 42.97
C PHE A 126 -31.94 33.79 41.72
N ARG A 127 -30.95 32.90 41.78
CA ARG A 127 -30.01 32.62 40.66
C ARG A 127 -30.84 32.30 39.41
N VAL A 128 -31.90 31.51 39.57
CA VAL A 128 -32.82 31.12 38.46
C VAL A 128 -33.49 32.40 37.95
N ASP A 129 -33.90 33.29 38.87
CA ASP A 129 -34.59 34.54 38.48
C ASP A 129 -33.64 35.38 37.62
N TYR A 130 -32.38 35.48 38.04
CA TYR A 130 -31.35 36.18 37.23
C TYR A 130 -31.39 35.61 35.81
N ILE A 131 -31.21 34.25 35.72
CA ILE A 131 -31.16 33.57 34.40
C ILE A 131 -32.42 33.92 33.60
N LEU A 132 -33.57 33.89 34.23
CA LEU A 132 -34.88 34.13 33.56
C LEU A 132 -34.83 35.55 32.99
N SER A 133 -34.27 36.49 33.75
CA SER A 133 -34.10 37.88 33.21
C SER A 133 -33.12 37.80 32.04
N VAL A 134 -32.09 36.95 32.16
CA VAL A 134 -31.04 36.84 31.10
C VAL A 134 -31.63 36.24 29.82
N MET A 135 -32.92 35.90 29.82
CA MET A 135 -33.56 35.34 28.60
C MET A 135 -33.56 36.33 27.43
N ASN A 136 -33.46 35.81 26.21
CA ASN A 136 -33.69 36.56 24.95
C ASN A 136 -32.72 37.72 24.81
N VAL A 137 -31.44 37.50 25.12
CA VAL A 137 -30.44 38.60 24.89
C VAL A 137 -29.44 38.12 23.83
N PRO A 138 -29.34 38.81 22.68
CA PRO A 138 -28.35 38.44 21.65
C PRO A 138 -26.94 38.85 22.11
N ASP A 139 -25.93 38.28 21.47
CA ASP A 139 -24.51 38.57 21.82
C ASP A 139 -24.30 38.25 23.30
N PHE A 140 -24.82 37.11 23.77
CA PHE A 140 -24.73 36.81 25.21
C PHE A 140 -23.25 36.65 25.60
N ASP A 141 -22.83 37.35 26.65
CA ASP A 141 -21.41 37.29 27.09
C ASP A 141 -21.03 35.92 27.65
N PHE A 142 -22.01 35.15 28.12
CA PHE A 142 -21.72 33.86 28.79
C PHE A 142 -20.84 34.07 30.01
N PRO A 143 -21.24 35.00 30.96
CA PRO A 143 -20.45 35.40 32.13
C PRO A 143 -20.15 34.21 33.04
N PRO A 144 -19.00 34.19 33.75
CA PRO A 144 -18.63 33.01 34.55
C PRO A 144 -19.72 32.74 35.58
N GLU A 145 -20.28 33.79 36.18
CA GLU A 145 -21.42 33.61 37.10
C GLU A 145 -22.42 32.71 36.39
N PHE A 146 -22.78 33.08 35.15
CA PHE A 146 -23.81 32.31 34.40
C PHE A 146 -23.49 30.82 34.50
N TYR A 147 -22.22 30.46 34.28
CA TYR A 147 -21.82 29.04 34.39
C TYR A 147 -22.03 28.57 35.83
N GLU A 148 -21.52 29.32 36.81
CA GLU A 148 -21.75 28.95 38.23
C GLU A 148 -23.26 28.90 38.47
N HIS A 149 -23.97 29.89 37.94
CA HIS A 149 -25.44 29.96 38.13
C HIS A 149 -26.04 28.70 37.52
N ALA A 150 -25.58 28.35 36.31
CA ALA A 150 -26.17 27.19 35.61
C ALA A 150 -25.91 25.93 36.42
N LYS A 151 -24.68 25.75 36.93
CA LYS A 151 -24.35 24.50 37.65
C LYS A 151 -25.20 24.43 38.91
N ALA A 152 -25.37 25.56 39.59
CA ALA A 152 -26.16 25.56 40.84
C ALA A 152 -27.59 25.13 40.52
N LEU A 153 -28.16 25.69 39.45
CA LEU A 153 -29.56 25.35 39.12
C LEU A 153 -29.62 23.86 38.78
N TRP A 154 -28.63 23.35 38.04
CA TRP A 154 -28.65 21.93 37.61
C TRP A 154 -28.62 21.02 38.85
N GLU A 155 -27.80 21.36 39.83
CA GLU A 155 -27.68 20.47 41.02
C GLU A 155 -28.90 20.70 41.93
N ASP A 156 -29.64 21.79 41.69
CA ASP A 156 -30.95 21.99 42.34
C ASP A 156 -31.88 20.82 42.01
N GLU A 157 -32.29 20.08 43.05
CA GLU A 157 -33.10 18.84 42.85
C GLU A 157 -34.46 19.21 42.27
N GLY A 158 -34.99 20.39 42.60
CA GLY A 158 -36.26 20.85 42.00
C GLY A 158 -36.14 21.03 40.51
N VAL A 159 -35.02 21.59 40.05
CA VAL A 159 -34.76 21.73 38.58
C VAL A 159 -34.64 20.34 37.98
N ARG A 160 -33.98 19.41 38.69
CA ARG A 160 -33.89 18.02 38.20
C ARG A 160 -35.28 17.39 38.13
N ALA A 161 -36.14 17.72 39.10
CA ALA A 161 -37.53 17.21 39.11
C ALA A 161 -38.26 17.75 37.89
N CYS A 162 -38.04 19.03 37.57
CA CYS A 162 -38.57 19.58 36.31
C CYS A 162 -38.12 18.65 35.18
N TYR A 163 -36.81 18.38 35.13
CA TYR A 163 -36.23 17.56 34.04
C TYR A 163 -36.96 16.22 33.95
N GLU A 164 -37.28 15.61 35.08
CA GLU A 164 -38.09 14.36 35.05
C GLU A 164 -39.33 14.58 34.19
N ARG A 165 -39.99 15.74 34.34
CA ARG A 165 -41.20 16.13 33.57
C ARG A 165 -40.79 17.05 32.42
N SER A 166 -39.47 17.23 32.23
CA SER A 166 -38.97 18.09 31.13
C SER A 166 -39.44 17.47 29.83
N ASN A 167 -39.49 16.14 29.78
CA ASN A 167 -39.90 15.43 28.54
C ASN A 167 -41.31 15.89 28.17
N GLU A 168 -42.15 16.15 29.18
CA GLU A 168 -43.55 16.57 28.93
C GLU A 168 -43.53 17.83 28.04
N TYR A 169 -42.89 18.92 28.51
CA TYR A 169 -42.76 20.11 27.64
C TYR A 169 -41.73 19.85 26.54
N GLN A 170 -41.69 20.73 25.55
CA GLN A 170 -40.61 20.61 24.51
C GLN A 170 -39.27 20.87 25.21
N LEU A 171 -38.27 20.02 24.97
CA LEU A 171 -36.91 20.29 25.53
C LEU A 171 -35.84 20.02 24.47
N ILE A 172 -34.68 20.68 24.56
CA ILE A 172 -33.57 20.43 23.58
C ILE A 172 -32.92 19.09 23.92
N ASP A 173 -32.69 18.25 22.91
CA ASP A 173 -32.26 16.84 23.15
C ASP A 173 -30.98 16.78 23.99
N CYS A 174 -29.98 17.59 23.66
CA CYS A 174 -28.67 17.53 24.37
C CYS A 174 -28.73 18.44 25.59
N ALA A 175 -29.59 18.12 26.56
CA ALA A 175 -29.72 18.97 27.76
C ALA A 175 -28.94 18.36 28.92
N GLN A 176 -29.16 17.08 29.20
CA GLN A 176 -28.40 16.40 30.27
C GLN A 176 -26.92 16.44 29.89
N TYR A 177 -26.60 16.04 28.66
CA TYR A 177 -25.18 15.88 28.28
C TYR A 177 -24.46 17.21 28.47
N PHE A 178 -25.05 18.29 27.98
CA PHE A 178 -24.36 19.61 28.08
C PHE A 178 -24.27 20.03 29.54
N LEU A 179 -25.36 19.86 30.30
CA LEU A 179 -25.39 20.31 31.72
C LEU A 179 -24.37 19.53 32.56
N ASP A 180 -24.25 18.22 32.35
CA ASP A 180 -23.26 17.40 33.09
C ASP A 180 -21.83 17.86 32.75
N LYS A 181 -21.58 18.28 31.51
CA LYS A 181 -20.20 18.65 31.08
C LYS A 181 -19.99 20.16 31.24
N ILE A 182 -20.69 20.80 32.17
CA ILE A 182 -20.63 22.29 32.32
C ILE A 182 -19.23 22.79 32.67
N ASP A 183 -18.49 22.10 33.55
CA ASP A 183 -17.16 22.58 33.98
C ASP A 183 -16.23 22.64 32.77
N VAL A 184 -16.29 21.60 31.93
CA VAL A 184 -15.40 21.54 30.75
C VAL A 184 -15.77 22.74 29.86
N ILE A 185 -17.06 22.98 29.67
CA ILE A 185 -17.50 24.08 28.76
C ILE A 185 -17.05 25.42 29.34
N LYS A 186 -17.11 25.56 30.66
CA LYS A 186 -16.74 26.83 31.32
C LYS A 186 -15.26 27.12 31.06
N GLN A 187 -14.40 26.10 31.14
CA GLN A 187 -12.94 26.36 30.97
C GLN A 187 -12.68 27.06 29.63
N ALA A 188 -12.20 28.31 29.66
CA ALA A 188 -12.06 29.14 28.43
C ALA A 188 -11.30 28.37 27.35
N ASP A 189 -10.33 27.56 27.75
CA ASP A 189 -9.50 26.80 26.78
C ASP A 189 -10.32 25.66 26.17
N TYR A 190 -11.56 25.43 26.63
CA TYR A 190 -12.36 24.28 26.16
C TYR A 190 -12.48 24.27 24.64
N VAL A 191 -12.25 23.10 24.04
CA VAL A 191 -12.41 22.94 22.56
C VAL A 191 -13.54 21.94 22.37
N PRO A 192 -14.53 22.21 21.51
CA PRO A 192 -15.66 21.29 21.38
C PRO A 192 -15.10 19.93 20.97
N SER A 193 -15.51 18.87 21.67
CA SER A 193 -15.07 17.50 21.31
C SER A 193 -16.01 16.88 20.28
N ASP A 194 -15.61 15.78 19.66
CA ASP A 194 -16.43 15.15 18.59
C ASP A 194 -17.77 14.69 19.14
N GLN A 195 -17.78 14.12 20.34
CA GLN A 195 -19.04 13.64 20.95
C GLN A 195 -19.97 14.83 21.14
N ASP A 196 -19.43 15.97 21.59
CA ASP A 196 -20.24 17.20 21.79
C ASP A 196 -20.80 17.68 20.44
N LEU A 197 -19.96 17.65 19.41
CA LEU A 197 -20.39 18.09 18.06
C LEU A 197 -21.50 17.17 17.58
N LEU A 198 -21.45 15.89 17.97
CA LEU A 198 -22.46 14.88 17.56
C LEU A 198 -23.72 15.01 18.42
N ARG A 199 -23.58 15.32 19.70
CA ARG A 199 -24.79 15.55 20.54
C ARG A 199 -25.56 16.71 19.93
N CYS A 200 -24.86 17.76 19.52
CA CYS A 200 -25.54 18.85 18.78
C CYS A 200 -25.55 18.44 17.30
N ARG A 201 -26.03 19.30 16.40
CA ARG A 201 -25.92 18.94 14.96
C ARG A 201 -25.23 20.11 14.28
N VAL A 202 -23.95 20.31 14.62
CA VAL A 202 -23.21 21.49 14.08
C VAL A 202 -22.24 21.03 13.00
N LEU A 203 -22.15 19.72 12.74
CA LEU A 203 -21.16 19.23 11.75
C LEU A 203 -21.86 18.93 10.43
N THR A 204 -21.40 19.56 9.35
CA THR A 204 -21.95 19.28 8.01
C THR A 204 -20.92 18.44 7.26
N SER A 205 -19.64 18.77 7.44
CA SER A 205 -18.57 18.21 6.57
C SER A 205 -18.19 16.81 7.03
N GLY A 206 -18.10 15.87 6.10
CA GLY A 206 -17.73 14.48 6.41
C GLY A 206 -16.30 14.35 6.86
N ILE A 207 -15.41 15.11 6.25
CA ILE A 207 -13.97 15.00 6.59
C ILE A 207 -13.37 16.39 6.73
N PHE A 208 -12.56 16.59 7.77
CA PHE A 208 -11.89 17.89 7.99
C PHE A 208 -10.41 17.72 7.67
N GLU A 209 -9.86 18.70 6.95
CA GLU A 209 -8.49 18.69 6.50
C GLU A 209 -7.70 19.80 7.17
N THR A 210 -6.42 19.54 7.42
CA THR A 210 -5.52 20.54 7.96
C THR A 210 -4.12 20.27 7.44
N LYS A 211 -3.53 21.27 6.80
CA LYS A 211 -2.17 21.17 6.29
C LYS A 211 -1.20 21.77 7.29
N PHE A 212 0.00 21.19 7.34
CA PHE A 212 1.11 21.80 8.05
C PHE A 212 2.41 21.34 7.41
N GLN A 213 3.48 22.04 7.76
CA GLN A 213 4.78 21.82 7.13
C GLN A 213 5.85 21.81 8.20
N VAL A 214 6.74 20.82 8.12
CA VAL A 214 7.87 20.68 9.04
C VAL A 214 9.12 20.44 8.21
N ASP A 215 10.11 21.32 8.35
CA ASP A 215 11.36 21.23 7.60
C ASP A 215 11.11 21.18 6.09
N LYS A 216 10.10 21.91 5.64
CA LYS A 216 9.67 22.02 4.24
C LYS A 216 9.08 20.72 3.71
N VAL A 217 8.76 19.76 4.56
CA VAL A 217 8.00 18.57 4.20
C VAL A 217 6.53 18.86 4.45
N ASN A 218 5.67 18.44 3.52
CA ASN A 218 4.25 18.73 3.58
C ASN A 218 3.48 17.55 4.18
N PHE A 219 2.58 17.85 5.10
CA PHE A 219 1.75 16.85 5.75
C PHE A 219 0.29 17.23 5.58
N HIS A 220 -0.52 16.28 5.12
CA HIS A 220 -1.96 16.46 4.97
C HIS A 220 -2.64 15.55 6.00
N MET A 221 -3.24 16.14 7.02
CA MET A 221 -3.89 15.40 8.09
C MET A 221 -5.39 15.51 7.94
N PHE A 222 -6.08 14.37 8.04
CA PHE A 222 -7.51 14.29 7.81
C PHE A 222 -8.21 13.84 9.09
N ASP A 223 -9.23 14.59 9.48
CA ASP A 223 -10.02 14.29 10.67
C ASP A 223 -11.44 13.98 10.25
N VAL A 224 -11.98 12.89 10.77
CA VAL A 224 -13.31 12.43 10.38
C VAL A 224 -14.35 13.40 10.94
N GLY A 225 -15.21 13.91 10.06
CA GLY A 225 -16.28 14.79 10.47
C GLY A 225 -17.57 14.05 10.72
N ALA A 226 -18.60 14.35 9.93
CA ALA A 226 -19.91 13.73 10.07
C ALA A 226 -19.87 12.33 9.47
N GLN A 227 -19.48 11.36 10.28
CA GLN A 227 -19.58 9.95 9.94
C GLN A 227 -20.09 9.19 11.16
N ARG A 228 -20.85 8.14 10.92
CA ARG A 228 -21.39 7.37 12.02
C ARG A 228 -20.29 6.58 12.74
N ASP A 229 -20.61 6.09 13.93
CA ASP A 229 -19.63 5.38 14.74
C ASP A 229 -19.32 3.98 14.22
N GLU A 230 -19.97 3.52 13.16
CA GLU A 230 -19.62 2.27 12.50
C GLU A 230 -18.53 2.55 11.48
N ARG A 231 -17.32 2.08 11.75
CA ARG A 231 -16.14 2.48 10.99
C ARG A 231 -15.65 1.42 10.00
N ARG A 232 -16.12 0.18 10.11
CA ARG A 232 -15.49 -0.92 9.39
C ARG A 232 -15.45 -0.71 7.88
N LYS A 233 -16.31 0.16 7.35
CA LYS A 233 -16.29 0.42 5.91
C LYS A 233 -15.40 1.61 5.57
N TRP A 234 -15.67 2.78 6.16
CA TRP A 234 -14.95 3.98 5.73
C TRP A 234 -13.50 4.00 6.20
N ILE A 235 -13.12 3.14 7.15
CA ILE A 235 -11.72 3.11 7.60
C ILE A 235 -10.81 2.51 6.54
N GLN A 236 -11.37 1.78 5.57
CA GLN A 236 -10.57 1.18 4.51
C GLN A 236 -9.99 2.22 3.54
N CYS A 237 -10.57 3.42 3.49
CA CYS A 237 -10.02 4.46 2.62
C CYS A 237 -8.61 4.86 3.01
N PHE A 238 -8.24 4.67 4.28
CA PHE A 238 -6.97 5.15 4.80
C PHE A 238 -5.92 4.05 4.88
N ASN A 239 -5.99 3.07 3.98
CA ASN A 239 -5.04 1.97 3.97
C ASN A 239 -3.63 2.40 3.57
N ASP A 240 -3.49 3.50 2.85
CA ASP A 240 -2.18 3.91 2.33
C ASP A 240 -1.73 5.27 2.87
N VAL A 241 -2.33 5.75 3.95
CA VAL A 241 -1.79 6.92 4.62
C VAL A 241 -0.42 6.57 5.19
N THR A 242 0.42 7.59 5.35
CA THR A 242 1.72 7.38 5.98
C THR A 242 1.55 6.80 7.38
N ALA A 243 0.63 7.35 8.16
CA ALA A 243 0.39 6.85 9.51
C ALA A 243 -1.01 7.25 9.96
N ILE A 244 -1.56 6.44 10.85
CA ILE A 244 -2.77 6.77 11.59
C ILE A 244 -2.36 7.32 12.95
N ILE A 245 -2.79 8.54 13.26
CA ILE A 245 -2.50 9.16 14.56
C ILE A 245 -3.66 8.81 15.48
N PHE A 246 -3.45 7.81 16.33
CA PHE A 246 -4.48 7.36 17.31
C PHE A 246 -4.32 8.15 18.62
N VAL A 247 -5.28 9.04 18.91
CA VAL A 247 -5.23 9.84 20.17
C VAL A 247 -6.06 9.11 21.24
N VAL A 248 -5.47 8.85 22.41
CA VAL A 248 -6.18 8.11 23.49
C VAL A 248 -6.11 8.95 24.78
N ALA A 249 -7.26 9.19 25.43
CA ALA A 249 -7.26 9.88 26.74
C ALA A 249 -6.82 8.89 27.83
N SER A 250 -5.57 9.00 28.27
CA SER A 250 -4.92 8.02 29.15
C SER A 250 -5.57 7.98 30.53
N SER A 251 -6.17 9.08 30.97
CA SER A 251 -6.65 9.21 32.34
C SER A 251 -8.12 8.86 32.50
N SER A 252 -8.69 8.05 31.59
CA SER A 252 -10.12 7.72 31.71
C SER A 252 -10.35 6.74 32.85
N TYR A 253 -9.82 5.53 32.72
CA TYR A 253 -9.92 4.53 33.79
C TYR A 253 -8.75 3.55 33.69
N ASN A 264 -15.55 2.92 30.91
CA ASN A 264 -14.19 2.45 30.64
C ASN A 264 -13.76 2.82 29.23
N ARG A 265 -13.38 4.07 29.04
CA ARG A 265 -12.98 4.52 27.69
C ARG A 265 -11.63 3.96 27.28
N LEU A 266 -10.72 3.78 28.23
CA LEU A 266 -9.41 3.23 27.88
C LEU A 266 -9.54 1.84 27.28
N GLN A 267 -10.44 1.02 27.83
CA GLN A 267 -10.63 -0.32 27.29
C GLN A 267 -11.31 -0.27 25.93
N ALA A 268 -12.21 0.70 25.72
CA ALA A 268 -12.81 0.87 24.40
C ALA A 268 -11.76 1.28 23.37
N ALA A 269 -10.87 2.19 23.79
CA ALA A 269 -9.74 2.62 22.93
C ALA A 269 -8.87 1.40 22.59
N LEU A 270 -8.67 0.51 23.57
CA LEU A 270 -7.86 -0.69 23.35
C LEU A 270 -8.48 -1.59 22.29
N LYS A 271 -9.80 -1.80 22.37
CA LYS A 271 -10.48 -2.63 21.38
C LYS A 271 -10.39 -2.02 19.99
N LEU A 272 -10.58 -0.71 19.88
CA LEU A 272 -10.47 -0.02 18.61
C LEU A 272 -9.07 -0.18 18.01
N PHE A 273 -8.05 0.11 18.82
CA PHE A 273 -6.67 -0.06 18.36
C PHE A 273 -6.41 -1.49 17.90
N ASP A 274 -6.92 -2.46 18.64
CA ASP A 274 -6.75 -3.87 18.29
C ASP A 274 -7.33 -4.17 16.92
N SER A 275 -8.56 -3.71 16.66
CA SER A 275 -9.20 -3.94 15.37
C SER A 275 -8.45 -3.26 14.25
N ILE A 276 -8.00 -2.02 14.48
CA ILE A 276 -7.17 -1.33 13.49
C ILE A 276 -5.90 -2.11 13.22
N TRP A 277 -5.22 -2.55 14.29
CA TRP A 277 -3.94 -3.22 14.13
C TRP A 277 -4.07 -4.57 13.43
N ASN A 278 -5.24 -5.20 13.51
CA ASN A 278 -5.43 -6.53 12.96
C ASN A 278 -6.31 -6.55 11.71
N ASN A 279 -6.73 -5.39 11.21
CA ASN A 279 -7.54 -5.36 10.00
C ASN A 279 -6.68 -5.64 8.78
N LYS A 280 -7.19 -6.48 7.87
CA LYS A 280 -6.37 -6.96 6.76
C LYS A 280 -5.95 -5.82 5.83
N TRP A 281 -6.77 -4.78 5.71
CA TRP A 281 -6.43 -3.68 4.82
C TRP A 281 -5.51 -2.65 5.49
N LEU A 282 -5.39 -2.69 6.80
CA LEU A 282 -4.55 -1.77 7.54
C LEU A 282 -3.27 -2.42 8.06
N ARG A 283 -3.00 -3.66 7.67
CA ARG A 283 -1.87 -4.42 8.21
C ARG A 283 -0.54 -3.76 7.89
N ASP A 284 -0.47 -2.97 6.83
CA ASP A 284 0.78 -2.31 6.46
C ASP A 284 0.84 -0.85 6.91
N THR A 285 -0.18 -0.37 7.62
CA THR A 285 -0.24 1.01 8.06
C THR A 285 0.32 1.14 9.47
N SER A 286 1.31 2.01 9.64
CA SER A 286 1.85 2.27 10.96
C SER A 286 0.89 3.16 11.74
N VAL A 287 1.02 3.12 13.07
CA VAL A 287 0.16 3.87 13.96
C VAL A 287 1.02 4.71 14.91
N ILE A 288 0.89 6.02 14.81
CA ILE A 288 1.46 6.94 15.80
C ILE A 288 0.45 7.04 16.94
N LEU A 289 0.80 6.45 18.08
CA LEU A 289 -0.11 6.36 19.22
C LEU A 289 0.20 7.48 20.21
N PHE A 290 -0.75 8.39 20.38
CA PHE A 290 -0.62 9.50 21.33
C PHE A 290 -1.40 9.16 22.59
N LEU A 291 -0.70 8.75 23.64
CA LEU A 291 -1.30 8.55 24.95
C LEU A 291 -1.48 9.92 25.59
N ASN A 292 -2.64 10.50 25.35
CA ASN A 292 -2.91 11.90 25.59
C ASN A 292 -3.33 12.15 27.03
N LYS A 293 -3.34 13.41 27.44
CA LYS A 293 -3.93 13.82 28.74
C LYS A 293 -3.10 13.26 29.89
N GLN A 294 -1.79 13.30 29.75
CA GLN A 294 -0.92 12.68 30.80
C GLN A 294 -1.04 13.55 32.06
N ASP A 295 -1.33 14.82 31.90
CA ASP A 295 -1.47 15.74 33.06
C ASP A 295 -2.66 15.28 33.91
N LEU A 296 -3.81 15.07 33.28
CA LEU A 296 -4.98 14.48 33.97
C LEU A 296 -4.59 13.20 34.72
N LEU A 297 -3.79 12.31 34.09
CA LEU A 297 -3.51 11.00 34.73
C LEU A 297 -2.66 11.24 35.96
N ALA A 298 -1.65 12.10 35.86
CA ALA A 298 -0.74 12.33 36.99
C ALA A 298 -1.62 12.83 38.14
N GLU A 299 -2.54 13.72 37.84
CA GLU A 299 -3.43 14.30 38.88
C GLU A 299 -4.28 13.21 39.51
N LYS A 300 -4.94 12.38 38.69
CA LYS A 300 -5.81 11.29 39.18
C LYS A 300 -5.00 10.27 39.97
N VAL A 301 -3.83 9.88 39.44
CA VAL A 301 -2.99 8.84 40.10
C VAL A 301 -2.51 9.30 41.49
N LEU A 302 -2.01 10.53 41.65
CA LEU A 302 -1.46 10.93 42.97
C LEU A 302 -2.60 10.88 44.00
N ALA A 303 -3.82 11.26 43.61
CA ALA A 303 -4.98 11.32 44.53
C ALA A 303 -5.30 9.96 45.13
N GLY A 304 -5.29 8.91 44.31
CA GLY A 304 -5.65 7.57 44.80
C GLY A 304 -7.14 7.32 44.81
N LYS A 305 -7.95 8.30 44.35
CA LYS A 305 -9.41 8.18 44.58
C LYS A 305 -9.98 7.02 43.75
N SER A 306 -9.50 6.92 42.50
CA SER A 306 -9.84 5.80 41.58
C SER A 306 -8.59 4.97 41.32
N LYS A 307 -8.67 3.66 41.55
CA LYS A 307 -7.51 2.78 41.36
C LYS A 307 -7.61 2.16 39.97
N ILE A 308 -6.58 2.35 39.15
CA ILE A 308 -6.53 1.73 37.80
C ILE A 308 -6.62 0.22 38.02
N GLU A 309 -6.36 -0.22 39.24
CA GLU A 309 -6.38 -1.67 39.54
C GLU A 309 -7.81 -2.22 39.35
N ASP A 310 -8.83 -1.44 39.69
CA ASP A 310 -10.21 -1.97 39.59
C ASP A 310 -10.58 -2.18 38.12
N TYR A 311 -10.33 -1.21 37.25
CA TYR A 311 -10.61 -1.34 35.81
C TYR A 311 -9.65 -2.32 35.13
N PHE A 312 -8.38 -2.29 35.51
CA PHE A 312 -7.39 -3.24 34.95
C PHE A 312 -6.78 -4.02 36.11
N PRO A 313 -7.24 -5.24 36.41
CA PRO A 313 -6.78 -5.95 37.60
C PRO A 313 -5.30 -6.31 37.67
N GLU A 314 -4.68 -6.62 36.53
CA GLU A 314 -3.25 -7.03 36.48
C GLU A 314 -2.33 -5.88 36.93
N PHE A 315 -2.78 -4.63 36.82
CA PHE A 315 -1.96 -3.49 37.33
C PHE A 315 -1.39 -3.87 38.69
N ALA A 316 -2.12 -4.63 39.50
CA ALA A 316 -1.65 -4.75 40.91
C ALA A 316 -0.30 -5.47 40.92
N ARG A 317 0.04 -6.14 39.82
CA ARG A 317 1.30 -6.91 39.63
C ARG A 317 2.26 -6.23 38.65
N TYR A 318 1.87 -5.09 38.09
CA TYR A 318 2.73 -4.42 37.07
C TYR A 318 3.89 -3.70 37.75
N THR A 319 5.11 -4.05 37.39
CA THR A 319 6.30 -3.30 37.79
C THR A 319 6.73 -2.38 36.66
N THR A 320 7.24 -1.22 37.02
CA THR A 320 7.71 -0.26 36.02
C THR A 320 8.81 -0.89 35.19
N PRO A 321 8.80 -0.70 33.86
CA PRO A 321 9.86 -1.29 33.02
C PRO A 321 11.22 -0.76 33.40
N GLU A 322 12.20 -1.66 33.41
CA GLU A 322 13.58 -1.32 33.78
C GLU A 322 14.26 -0.42 32.76
N ASP A 323 13.58 -0.02 31.69
CA ASP A 323 14.13 0.90 30.70
C ASP A 323 13.25 2.12 30.51
N ALA A 324 12.42 2.44 31.50
CA ALA A 324 11.52 3.59 31.42
C ALA A 324 12.30 4.89 31.59
N THR A 325 11.94 5.91 30.82
CA THR A 325 12.51 7.23 30.97
C THR A 325 11.44 8.19 31.50
N PRO A 326 11.24 8.26 32.81
CA PRO A 326 10.22 9.15 33.36
C PRO A 326 10.61 10.61 33.17
N GLU A 327 9.62 11.48 33.35
CA GLU A 327 9.91 12.90 33.44
C GLU A 327 10.89 13.14 34.59
N PRO A 328 11.68 14.22 34.53
CA PRO A 328 12.66 14.48 35.60
C PRO A 328 12.12 14.32 37.01
N GLY A 329 11.01 14.97 37.35
CA GLY A 329 10.56 15.05 38.73
C GLY A 329 9.36 14.22 39.13
N GLU A 330 8.70 13.54 38.19
CA GLU A 330 7.47 12.82 38.56
C GLU A 330 7.79 11.62 39.45
N ASP A 331 6.81 11.24 40.25
CA ASP A 331 6.98 10.16 41.22
C ASP A 331 6.76 8.80 40.58
N PRO A 332 7.22 7.72 41.22
CA PRO A 332 7.10 6.39 40.59
C PRO A 332 5.68 5.96 40.27
N ARG A 333 4.68 6.46 41.00
CA ARG A 333 3.33 5.97 40.80
C ARG A 333 2.75 6.42 39.46
N VAL A 334 3.00 7.68 39.08
CA VAL A 334 2.53 8.15 37.78
C VAL A 334 3.34 7.54 36.65
N THR A 335 4.61 7.21 36.90
CA THR A 335 5.41 6.54 35.89
C THR A 335 4.94 5.11 35.69
N ARG A 336 4.59 4.41 36.78
CA ARG A 336 4.04 3.07 36.65
C ARG A 336 2.69 3.10 35.92
N ALA A 337 1.84 4.06 36.26
CA ALA A 337 0.54 4.17 35.61
C ALA A 337 0.68 4.42 34.12
N LYS A 338 1.48 5.42 33.74
CA LYS A 338 1.57 5.80 32.34
C LYS A 338 2.22 4.70 31.50
N TYR A 339 3.12 3.92 32.08
CA TYR A 339 3.78 2.86 31.34
C TYR A 339 2.97 1.57 31.32
N PHE A 340 2.08 1.37 32.29
CA PHE A 340 1.14 0.25 32.22
C PHE A 340 0.17 0.44 31.07
N ILE A 341 -0.35 1.67 30.91
CA ILE A 341 -1.26 1.96 29.82
C ILE A 341 -0.56 1.78 28.47
N ARG A 342 0.68 2.28 28.37
CA ARG A 342 1.45 2.08 27.14
C ARG A 342 1.68 0.60 26.88
N ASP A 343 1.94 -0.19 27.94
CA ASP A 343 2.17 -1.61 27.76
C ASP A 343 0.91 -2.37 27.40
N GLU A 344 -0.27 -1.81 27.70
CA GLU A 344 -1.51 -2.43 27.22
C GLU A 344 -1.66 -2.28 25.72
N PHE A 345 -1.17 -1.18 25.16
CA PHE A 345 -1.21 -0.97 23.71
C PHE A 345 -0.08 -1.73 23.03
N LEU A 346 1.13 -1.68 23.59
CA LEU A 346 2.25 -2.37 22.99
C LEU A 346 2.06 -3.87 22.98
N ARG A 347 1.34 -4.42 23.97
CA ARG A 347 1.06 -5.85 23.96
C ARG A 347 0.25 -6.25 22.73
N ILE A 348 -0.69 -5.39 22.32
CA ILE A 348 -1.43 -5.65 21.09
C ILE A 348 -0.53 -5.50 19.88
N SER A 349 0.27 -4.43 19.84
CA SER A 349 1.04 -4.12 18.64
C SER A 349 2.17 -5.11 18.40
N THR A 350 2.78 -5.63 19.46
CA THR A 350 3.87 -6.59 19.31
C THR A 350 3.39 -8.01 19.08
N ALA A 351 2.10 -8.28 19.24
CA ALA A 351 1.60 -9.63 19.01
C ALA A 351 1.43 -9.96 17.53
N SER A 352 1.50 -8.98 16.64
CA SER A 352 1.32 -9.21 15.22
C SER A 352 2.02 -8.12 14.43
N GLY A 353 2.35 -8.44 13.19
CA GLY A 353 2.89 -7.44 12.26
C GLY A 353 4.18 -6.79 12.69
N ASP A 354 5.23 -7.58 12.90
CA ASP A 354 6.51 -7.02 13.35
C ASP A 354 7.18 -6.20 12.25
N GLY A 355 7.26 -6.77 11.04
CA GLY A 355 8.02 -6.12 9.99
C GLY A 355 7.19 -5.21 9.10
N ARG A 356 5.88 -5.45 9.04
CA ARG A 356 5.04 -4.77 8.06
C ARG A 356 4.66 -3.37 8.51
N HIS A 357 4.35 -3.20 9.79
CA HIS A 357 3.89 -1.90 10.31
C HIS A 357 4.27 -1.79 11.77
N TYR A 358 4.35 -0.55 12.24
CA TYR A 358 4.97 -0.24 13.52
C TYR A 358 4.10 0.70 14.33
N CYS A 359 4.25 0.64 15.65
CA CYS A 359 3.51 1.46 16.59
C CYS A 359 4.47 2.38 17.32
N TYR A 360 4.23 3.69 17.23
CA TYR A 360 5.06 4.71 17.86
C TYR A 360 4.31 5.34 19.03
N PRO A 361 4.45 4.82 20.24
CA PRO A 361 3.75 5.42 21.39
C PRO A 361 4.45 6.66 21.90
N HIS A 362 3.65 7.68 22.26
CA HIS A 362 4.14 8.94 22.80
C HIS A 362 3.25 9.38 23.94
N PHE A 363 3.84 9.64 25.11
CA PHE A 363 3.09 10.18 26.28
C PHE A 363 2.98 11.65 25.95
N THR A 364 1.76 12.13 25.83
CA THR A 364 1.58 13.50 25.33
C THR A 364 0.53 14.27 26.11
N CYS A 365 0.55 15.58 25.94
CA CYS A 365 -0.56 16.39 26.50
C CYS A 365 -1.06 17.14 25.28
N ALA A 366 -2.36 17.39 25.18
CA ALA A 366 -2.91 17.91 23.93
C ALA A 366 -2.29 19.24 23.46
N VAL A 367 -1.66 20.01 24.37
CA VAL A 367 -1.17 21.37 24.07
C VAL A 367 0.35 21.38 23.87
N ASP A 368 0.99 20.21 23.79
CA ASP A 368 2.43 20.14 23.50
C ASP A 368 2.73 20.76 22.13
N THR A 369 3.77 21.57 22.03
CA THR A 369 4.17 22.17 20.73
C THR A 369 5.10 21.15 20.04
N GLU A 370 5.41 20.06 20.74
CA GLU A 370 6.29 19.02 20.17
C GLU A 370 5.47 17.94 19.43
N ASN A 371 4.15 18.04 19.40
CA ASN A 371 3.37 16.96 18.73
C ASN A 371 3.71 16.92 17.24
N ILE A 372 3.90 18.10 16.65
CA ILE A 372 4.21 18.22 15.22
C ILE A 372 5.57 17.60 14.95
N ARG A 373 6.55 17.86 15.83
CA ARG A 373 7.87 17.26 15.57
C ARG A 373 7.84 15.75 15.82
N ARG A 374 7.03 15.29 16.77
CA ARG A 374 6.90 13.86 17.01
C ARG A 374 6.34 13.14 15.79
N VAL A 375 5.32 13.73 15.15
CA VAL A 375 4.76 13.15 13.94
C VAL A 375 5.81 13.11 12.84
N PHE A 376 6.55 14.22 12.67
CA PHE A 376 7.60 14.28 11.66
C PHE A 376 8.63 13.18 11.86
N ASN A 377 9.10 13.01 13.10
CA ASN A 377 10.14 12.02 13.36
C ASN A 377 9.65 10.60 13.17
N ASP A 378 8.37 10.33 13.47
CA ASP A 378 7.84 9.00 13.25
C ASP A 378 7.63 8.73 11.76
N CYS A 379 7.18 9.74 11.02
CA CYS A 379 6.99 9.58 9.57
C CYS A 379 8.33 9.36 8.87
N ARG A 380 9.39 10.05 9.33
CA ARG A 380 10.72 9.79 8.81
C ARG A 380 11.13 8.35 9.05
N ASP A 381 10.92 7.86 10.28
CA ASP A 381 11.23 6.48 10.58
C ASP A 381 10.39 5.51 9.76
N ILE A 382 9.13 5.86 9.52
CA ILE A 382 8.23 4.98 8.76
C ILE A 382 8.73 4.84 7.33
N ILE A 383 9.01 5.97 6.67
CA ILE A 383 9.45 5.92 5.28
C ILE A 383 10.84 5.30 5.18
N GLN A 384 11.73 5.63 6.13
CA GLN A 384 13.04 4.98 6.17
C GLN A 384 12.92 3.48 6.28
N ARG A 385 12.04 2.99 7.15
CA ARG A 385 11.86 1.55 7.29
C ARG A 385 11.26 0.94 6.03
N MET A 386 10.40 1.69 5.34
CA MET A 386 9.83 1.18 4.09
C MET A 386 10.91 0.96 3.04
N HIS A 387 11.77 1.96 2.83
CA HIS A 387 12.81 1.85 1.82
C HIS A 387 13.81 0.77 2.18
N LEU A 388 14.20 0.68 3.46
CA LEU A 388 15.06 -0.41 3.90
C LEU A 388 14.41 -1.77 3.67
N ARG A 389 13.08 -1.84 3.73
CA ARG A 389 12.38 -3.08 3.45
C ARG A 389 12.47 -3.44 1.97
N GLN A 390 12.36 -2.44 1.09
CA GLN A 390 12.44 -2.70 -0.34
C GLN A 390 13.82 -3.22 -0.74
N TYR A 391 14.86 -2.79 -0.04
CA TYR A 391 16.22 -3.25 -0.30
C TYR A 391 16.59 -4.48 0.51
N GLU A 392 15.67 -5.01 1.31
CA GLU A 392 15.90 -6.22 2.11
C GLU A 392 17.03 -6.01 3.12
N LEU A 393 17.18 -4.79 3.63
CA LEU A 393 18.18 -4.48 4.62
C LEU A 393 17.64 -4.52 6.04
N LEU A 394 16.36 -4.84 6.21
CA LEU A 394 15.77 -5.07 7.52
C LEU A 394 14.87 -6.30 7.49
N GLU B 3 -46.78 -0.90 24.03
CA GLU B 3 -45.79 -1.73 24.70
C GLU B 3 -44.76 -2.27 23.70
N LEU B 4 -43.49 -1.97 23.96
CA LEU B 4 -42.42 -2.44 23.08
C LEU B 4 -42.37 -3.96 23.04
N ASP B 5 -42.82 -4.62 24.12
CA ASP B 5 -42.63 -6.06 24.22
C ASP B 5 -43.48 -6.81 23.21
N GLN B 6 -44.78 -6.55 23.18
CA GLN B 6 -45.63 -7.17 22.16
C GLN B 6 -45.38 -6.56 20.79
N LEU B 7 -45.06 -5.27 20.74
CA LEU B 7 -44.67 -4.65 19.47
C LEU B 7 -43.52 -5.41 18.81
N ARG B 8 -42.56 -5.87 19.62
CA ARG B 8 -41.47 -6.67 19.07
C ARG B 8 -41.93 -8.09 18.77
N GLN B 9 -42.98 -8.57 19.45
CA GLN B 9 -43.43 -9.94 19.24
C GLN B 9 -44.37 -10.09 18.05
N GLU B 10 -45.03 -9.02 17.62
CA GLU B 10 -45.82 -9.09 16.39
C GLU B 10 -44.97 -8.90 15.14
N ALA B 11 -43.70 -8.52 15.30
CA ALA B 11 -42.78 -8.57 14.18
C ALA B 11 -42.19 -9.97 14.02
N GLU B 12 -42.19 -10.76 15.09
CA GLU B 12 -41.81 -12.16 14.97
C GLU B 12 -42.83 -12.95 14.18
N GLN B 13 -44.12 -12.73 14.46
CA GLN B 13 -45.18 -13.40 13.72
C GLN B 13 -45.24 -12.92 12.28
N LEU B 14 -45.03 -11.62 12.05
CA LEU B 14 -45.04 -11.11 10.69
C LEU B 14 -43.85 -11.64 9.90
N LYS B 15 -42.68 -11.74 10.52
CA LYS B 15 -41.56 -12.41 9.87
C LYS B 15 -41.75 -13.92 9.83
N ASN B 16 -42.61 -14.46 10.70
CA ASN B 16 -43.01 -15.86 10.58
C ASN B 16 -44.04 -16.03 9.48
N GLN B 17 -44.94 -15.06 9.33
CA GLN B 17 -45.89 -15.07 8.22
C GLN B 17 -45.17 -15.01 6.88
N ILE B 18 -44.22 -14.09 6.75
CA ILE B 18 -43.50 -13.94 5.49
C ILE B 18 -42.66 -15.17 5.19
N ARG B 19 -42.11 -15.81 6.22
CA ARG B 19 -41.20 -16.93 5.98
C ARG B 19 -41.94 -18.16 5.48
N ASP B 20 -43.10 -18.47 6.07
CA ASP B 20 -43.87 -19.61 5.58
C ASP B 20 -44.49 -19.32 4.21
N ALA B 21 -44.87 -18.07 3.96
CA ALA B 21 -45.40 -17.72 2.65
C ALA B 21 -44.33 -17.82 1.58
N ARG B 22 -43.07 -17.55 1.93
CA ARG B 22 -41.98 -17.73 0.98
C ARG B 22 -41.65 -19.20 0.79
N LYS B 23 -41.88 -20.03 1.81
CA LYS B 23 -41.59 -21.46 1.68
C LYS B 23 -42.68 -22.19 0.90
N ALA B 24 -43.92 -21.71 0.96
CA ALA B 24 -44.97 -22.29 0.13
C ALA B 24 -44.67 -22.05 -1.34
N CYS B 25 -44.15 -20.87 -1.68
CA CYS B 25 -43.78 -20.57 -3.05
C CYS B 25 -42.65 -21.47 -3.53
N ALA B 26 -41.71 -21.78 -2.65
CA ALA B 26 -40.56 -22.62 -3.00
C ALA B 26 -41.02 -24.05 -3.18
N ASP B 27 -41.21 -24.45 -4.44
CA ASP B 27 -41.61 -25.81 -4.77
C ASP B 27 -40.54 -26.60 -5.52
N ALA B 28 -39.61 -25.91 -6.18
CA ALA B 28 -38.49 -26.55 -6.84
C ALA B 28 -37.34 -25.56 -6.89
N THR B 29 -36.12 -26.05 -6.70
CA THR B 29 -34.96 -25.19 -6.69
C THR B 29 -34.53 -24.83 -8.11
N LEU B 30 -33.95 -23.64 -8.26
CA LEU B 30 -33.41 -23.23 -9.55
C LEU B 30 -32.37 -24.24 -10.05
N SER B 31 -31.61 -24.84 -9.14
CA SER B 31 -30.71 -25.92 -9.51
C SER B 31 -31.45 -27.08 -10.16
N GLN B 32 -32.70 -27.34 -9.74
CA GLN B 32 -33.49 -28.41 -10.32
C GLN B 32 -34.10 -28.00 -11.65
N ILE B 33 -34.44 -26.73 -11.82
CA ILE B 33 -35.02 -26.26 -13.08
C ILE B 33 -33.98 -26.27 -14.19
N THR B 34 -32.73 -25.93 -13.88
CA THR B 34 -31.67 -25.80 -14.86
C THR B 34 -30.69 -26.96 -14.83
N ASN B 35 -31.05 -28.07 -14.19
CA ASN B 35 -30.13 -29.20 -14.06
C ASN B 35 -29.81 -29.83 -15.40
N ASN B 36 -30.74 -29.76 -16.37
CA ASN B 36 -30.59 -30.46 -17.63
C ASN B 36 -30.18 -29.55 -18.79
N ILE B 37 -29.76 -28.33 -18.51
CA ILE B 37 -29.22 -27.46 -19.55
C ILE B 37 -27.71 -27.62 -19.58
N ASP B 38 -27.13 -27.47 -20.76
CA ASP B 38 -25.69 -27.64 -20.90
C ASP B 38 -24.95 -26.49 -20.24
N PRO B 39 -23.80 -26.77 -19.63
CA PRO B 39 -22.98 -25.68 -19.04
C PRO B 39 -22.51 -24.67 -20.07
N VAL B 40 -21.95 -23.56 -19.60
CA VAL B 40 -21.37 -22.55 -20.48
C VAL B 40 -19.97 -22.92 -20.94
N GLY B 41 -19.38 -23.98 -20.39
CA GLY B 41 -18.01 -24.31 -20.72
C GLY B 41 -17.04 -23.32 -20.11
N ARG B 42 -15.77 -23.52 -20.46
CA ARG B 42 -14.71 -22.66 -19.94
C ARG B 42 -14.79 -21.28 -20.58
N ILE B 43 -14.96 -20.26 -19.75
CA ILE B 43 -14.91 -18.87 -20.19
C ILE B 43 -13.50 -18.37 -19.92
N GLN B 44 -12.81 -17.95 -20.98
CA GLN B 44 -11.40 -17.56 -20.90
C GLN B 44 -11.25 -16.17 -21.52
N MET B 45 -11.41 -15.14 -20.71
CA MET B 45 -11.22 -13.78 -21.17
C MET B 45 -9.76 -13.35 -20.96
N ARG B 46 -9.35 -12.36 -21.74
CA ARG B 46 -8.00 -11.84 -21.67
C ARG B 46 -8.04 -10.32 -21.51
N THR B 47 -7.00 -9.78 -20.90
CA THR B 47 -6.86 -8.33 -20.81
C THR B 47 -6.59 -7.76 -22.18
N ARG B 48 -7.49 -6.91 -22.66
CA ARG B 48 -7.31 -6.25 -23.95
C ARG B 48 -6.78 -4.83 -23.83
N ARG B 49 -7.03 -4.17 -22.70
CA ARG B 49 -6.51 -2.85 -22.42
C ARG B 49 -6.14 -2.77 -20.95
N THR B 50 -5.03 -2.12 -20.66
CA THR B 50 -4.68 -1.76 -19.29
C THR B 50 -4.61 -0.24 -19.22
N LEU B 51 -5.52 0.36 -18.46
CA LEU B 51 -5.61 1.80 -18.35
C LEU B 51 -4.71 2.26 -17.20
N ARG B 52 -3.72 3.08 -17.51
CA ARG B 52 -2.70 3.52 -16.57
C ARG B 52 -2.78 5.02 -16.40
N GLY B 53 -2.53 5.49 -15.18
CA GLY B 53 -2.53 6.91 -14.92
C GLY B 53 -3.05 7.35 -13.57
N HIS B 54 -3.83 6.51 -12.91
CA HIS B 54 -4.26 6.84 -11.56
C HIS B 54 -3.12 6.64 -10.57
N LEU B 55 -2.95 7.62 -9.68
CA LEU B 55 -1.82 7.59 -8.75
C LEU B 55 -2.06 6.64 -7.58
N ALA B 56 -3.32 6.45 -7.17
CA ALA B 56 -3.63 5.68 -5.98
C ALA B 56 -4.76 4.70 -6.29
N LYS B 57 -5.26 4.05 -5.25
CA LYS B 57 -6.25 2.99 -5.43
C LYS B 57 -7.52 3.54 -6.08
N ILE B 58 -8.07 2.74 -7.00
CA ILE B 58 -9.34 3.08 -7.65
C ILE B 58 -10.47 2.49 -6.84
N TYR B 59 -11.45 3.32 -6.47
CA TYR B 59 -12.64 2.84 -5.79
C TYR B 59 -13.83 2.55 -6.68
N ALA B 60 -13.99 3.23 -7.80
CA ALA B 60 -15.20 3.05 -8.59
C ALA B 60 -14.94 3.35 -10.05
N MET B 61 -15.80 2.80 -10.90
CA MET B 61 -15.81 3.07 -12.33
C MET B 61 -17.23 2.92 -12.85
N HIS B 62 -17.50 3.58 -13.98
CA HIS B 62 -18.80 3.45 -14.61
C HIS B 62 -18.67 3.64 -16.12
N TRP B 63 -19.15 2.66 -16.88
CA TRP B 63 -19.18 2.76 -18.33
C TRP B 63 -20.17 3.82 -18.78
N GLY B 64 -19.77 4.62 -19.75
CA GLY B 64 -20.74 5.40 -20.51
C GLY B 64 -21.68 4.49 -21.28
N THR B 65 -22.84 5.06 -21.65
CA THR B 65 -23.83 4.27 -22.36
C THR B 65 -23.40 3.94 -23.78
N ASP B 66 -22.43 4.67 -24.33
CA ASP B 66 -21.90 4.36 -25.65
C ASP B 66 -20.95 3.17 -25.64
N SER B 67 -20.74 2.55 -24.47
CA SER B 67 -19.89 1.37 -24.32
C SER B 67 -18.45 1.61 -24.78
N ARG B 68 -18.07 2.87 -24.93
CA ARG B 68 -16.72 3.24 -25.32
C ARG B 68 -16.03 4.08 -24.25
N LEU B 69 -16.65 5.15 -23.80
CA LEU B 69 -16.10 5.97 -22.74
C LEU B 69 -16.48 5.42 -21.38
N LEU B 70 -15.59 5.62 -20.41
CA LEU B 70 -15.87 5.27 -19.03
C LEU B 70 -15.19 6.30 -18.14
N VAL B 71 -15.67 6.39 -16.91
CA VAL B 71 -15.11 7.27 -15.89
C VAL B 71 -14.61 6.41 -14.74
N SER B 72 -13.51 6.82 -14.13
CA SER B 72 -12.97 6.13 -12.97
C SER B 72 -12.66 7.15 -11.89
N ALA B 73 -12.72 6.70 -10.64
CA ALA B 73 -12.46 7.55 -9.49
C ALA B 73 -11.38 6.91 -8.64
N SER B 74 -10.31 7.66 -8.39
CA SER B 74 -9.23 7.20 -7.55
C SER B 74 -9.04 8.17 -6.40
N GLN B 75 -8.60 7.64 -5.26
CA GLN B 75 -8.45 8.46 -4.07
C GLN B 75 -7.20 9.33 -4.10
N ASP B 76 -6.50 9.38 -5.24
CA ASP B 76 -5.57 10.47 -5.48
C ASP B 76 -6.28 11.79 -5.72
N GLY B 77 -7.61 11.78 -5.81
CA GLY B 77 -8.37 12.98 -6.05
C GLY B 77 -8.62 13.28 -7.51
N LYS B 78 -8.79 12.25 -8.34
CA LYS B 78 -8.95 12.41 -9.78
C LYS B 78 -10.15 11.63 -10.28
N LEU B 79 -10.95 12.27 -11.12
CA LEU B 79 -11.83 11.60 -12.06
C LEU B 79 -11.14 11.60 -13.42
N ILE B 80 -11.07 10.45 -14.07
CA ILE B 80 -10.51 10.33 -15.40
C ILE B 80 -11.56 9.68 -16.30
N ILE B 81 -11.87 10.32 -17.41
CA ILE B 81 -12.70 9.74 -18.46
C ILE B 81 -11.78 9.17 -19.53
N TRP B 82 -11.84 7.86 -19.73
CA TRP B 82 -11.01 7.18 -20.69
C TRP B 82 -11.79 6.87 -21.96
N ASP B 83 -11.08 6.87 -23.09
CA ASP B 83 -11.53 6.21 -24.31
C ASP B 83 -10.95 4.80 -24.27
N SER B 84 -11.81 3.81 -24.01
CA SER B 84 -11.32 2.45 -23.81
C SER B 84 -10.75 1.87 -25.10
N TYR B 85 -11.23 2.32 -26.26
CA TYR B 85 -10.72 1.81 -27.52
C TYR B 85 -9.25 2.18 -27.70
N THR B 86 -8.91 3.45 -27.52
CA THR B 86 -7.57 3.97 -27.77
C THR B 86 -6.71 4.10 -26.51
N THR B 87 -7.29 3.89 -25.33
CA THR B 87 -6.65 4.09 -24.02
C THR B 87 -6.37 5.56 -23.72
N ASN B 88 -6.70 6.44 -24.66
CA ASN B 88 -6.46 7.86 -24.43
C ASN B 88 -7.35 8.40 -23.32
N LYS B 89 -6.80 9.33 -22.54
CA LYS B 89 -7.55 10.01 -21.50
C LYS B 89 -8.22 11.25 -22.11
N VAL B 90 -9.54 11.34 -21.92
CA VAL B 90 -10.31 12.44 -22.50
C VAL B 90 -10.42 13.61 -21.53
N HIS B 91 -10.65 13.33 -20.25
CA HIS B 91 -10.72 14.36 -19.23
C HIS B 91 -10.00 13.89 -17.97
N ALA B 92 -9.37 14.84 -17.29
CA ALA B 92 -8.79 14.62 -15.97
C ALA B 92 -9.35 15.70 -15.05
N ILE B 93 -10.24 15.30 -14.15
CA ILE B 93 -10.97 16.24 -13.31
C ILE B 93 -10.37 16.21 -11.91
N PRO B 94 -9.77 17.30 -11.44
CA PRO B 94 -9.28 17.34 -10.06
C PRO B 94 -10.44 17.55 -9.08
N LEU B 95 -10.55 16.64 -8.12
CA LEU B 95 -11.65 16.68 -7.16
C LEU B 95 -11.30 17.56 -5.97
N ARG B 96 -12.32 18.17 -5.39
CA ARG B 96 -12.10 19.01 -4.21
C ARG B 96 -11.72 18.16 -3.00
N SER B 97 -12.38 17.02 -2.82
CA SER B 97 -12.07 16.07 -1.76
C SER B 97 -11.51 14.80 -2.38
N SER B 98 -10.31 14.41 -1.95
CA SER B 98 -9.63 13.28 -2.56
C SER B 98 -10.23 11.94 -2.15
N TRP B 99 -11.05 11.91 -1.11
CA TRP B 99 -11.57 10.64 -0.59
C TRP B 99 -12.88 10.27 -1.30
N VAL B 100 -12.75 9.95 -2.58
CA VAL B 100 -13.90 9.60 -3.41
C VAL B 100 -14.16 8.10 -3.33
N MET B 101 -15.42 7.72 -3.26
CA MET B 101 -15.81 6.32 -3.15
C MET B 101 -16.74 5.84 -4.25
N THR B 102 -17.27 6.73 -5.08
CA THR B 102 -18.19 6.35 -6.13
C THR B 102 -18.09 7.36 -7.26
N CYS B 103 -18.37 6.90 -8.47
CA CYS B 103 -18.55 7.78 -9.61
C CYS B 103 -19.66 7.24 -10.48
N ALA B 104 -20.28 8.13 -11.23
CA ALA B 104 -21.38 7.78 -12.11
C ALA B 104 -21.24 8.56 -13.40
N TYR B 105 -21.63 7.94 -14.50
CA TYR B 105 -21.65 8.58 -15.80
C TYR B 105 -23.11 8.73 -16.21
N ALA B 106 -23.51 9.94 -16.56
CA ALA B 106 -24.90 10.17 -16.97
C ALA B 106 -25.16 9.46 -18.29
N PRO B 107 -26.34 8.85 -18.46
CA PRO B 107 -26.63 8.13 -19.71
C PRO B 107 -26.53 9.00 -20.94
N SER B 108 -26.72 10.31 -20.82
CA SER B 108 -26.61 11.23 -21.95
C SER B 108 -25.18 11.63 -22.27
N GLY B 109 -24.21 11.22 -21.45
CA GLY B 109 -22.83 11.60 -21.65
C GLY B 109 -22.47 13.00 -21.21
N ASN B 110 -23.44 13.82 -20.82
CA ASN B 110 -23.19 15.22 -20.53
C ASN B 110 -22.60 15.46 -19.15
N TYR B 111 -22.74 14.51 -18.22
CA TYR B 111 -22.35 14.77 -16.84
C TYR B 111 -21.74 13.53 -16.21
N VAL B 112 -20.88 13.76 -15.22
CA VAL B 112 -20.41 12.72 -14.32
C VAL B 112 -20.68 13.18 -12.90
N ALA B 113 -20.88 12.20 -12.01
CA ALA B 113 -21.03 12.47 -10.59
C ALA B 113 -19.97 11.69 -9.84
N CYS B 114 -19.71 12.11 -8.60
CA CYS B 114 -18.77 11.43 -7.74
C CYS B 114 -18.91 11.97 -6.33
N GLY B 115 -18.62 11.12 -5.35
CA GLY B 115 -18.68 11.53 -3.97
C GLY B 115 -17.94 10.54 -3.09
N GLY B 116 -17.85 10.88 -1.81
CA GLY B 116 -17.13 10.05 -0.88
C GLY B 116 -17.24 10.50 0.56
N LEU B 117 -16.11 10.51 1.27
CA LEU B 117 -16.11 10.91 2.67
C LEU B 117 -16.48 12.38 2.88
N ASP B 118 -16.58 13.16 1.81
CA ASP B 118 -17.06 14.53 1.94
C ASP B 118 -18.58 14.62 2.10
N ASN B 119 -19.29 13.50 1.96
CA ASN B 119 -20.74 13.41 2.12
C ASN B 119 -21.50 14.21 1.06
N ILE B 120 -20.84 14.58 -0.03
CA ILE B 120 -21.42 15.40 -1.08
C ILE B 120 -21.40 14.63 -2.38
N CYS B 121 -22.46 14.76 -3.16
CA CYS B 121 -22.49 14.26 -4.53
C CYS B 121 -22.24 15.46 -5.46
N SER B 122 -21.09 15.45 -6.13
CA SER B 122 -20.69 16.55 -6.99
C SER B 122 -20.96 16.20 -8.44
N ILE B 123 -21.67 17.08 -9.14
CA ILE B 123 -22.00 16.91 -10.55
C ILE B 123 -21.03 17.73 -11.38
N TYR B 124 -20.43 17.12 -12.38
CA TYR B 124 -19.48 17.80 -13.26
C TYR B 124 -20.06 17.86 -14.67
N ASN B 125 -20.07 19.06 -15.24
CA ASN B 125 -20.55 19.26 -16.61
C ASN B 125 -19.38 19.03 -17.56
N LEU B 126 -19.56 18.08 -18.48
CA LEU B 126 -18.52 17.74 -19.44
C LEU B 126 -18.62 18.53 -20.74
N LYS B 127 -19.72 19.25 -20.96
CA LYS B 127 -19.92 20.00 -22.19
C LYS B 127 -20.27 21.45 -21.92
N THR B 128 -19.50 22.11 -21.06
CA THR B 128 -19.80 23.50 -20.70
C THR B 128 -19.71 24.40 -21.92
N ARG B 129 -20.64 25.36 -21.99
CA ARG B 129 -20.65 26.28 -23.13
C ARG B 129 -19.37 27.10 -23.20
N GLU B 130 -18.74 27.36 -22.05
CA GLU B 130 -17.44 28.04 -22.07
C GLU B 130 -16.33 27.13 -22.57
N GLY B 131 -16.48 25.82 -22.41
CA GLY B 131 -15.60 24.86 -23.05
C GLY B 131 -14.64 24.09 -22.17
N ASN B 132 -14.89 24.04 -20.86
CA ASN B 132 -13.97 23.40 -19.92
C ASN B 132 -14.78 22.65 -18.88
N VAL B 133 -14.21 21.57 -18.35
CA VAL B 133 -14.90 20.78 -17.34
C VAL B 133 -14.89 21.52 -16.01
N ARG B 134 -16.07 21.69 -15.41
CA ARG B 134 -16.19 22.34 -14.12
C ARG B 134 -17.41 21.79 -13.39
N VAL B 135 -17.30 21.73 -12.06
CA VAL B 135 -18.43 21.30 -11.24
C VAL B 135 -19.61 22.22 -11.47
N SER B 136 -20.79 21.61 -11.63
CA SER B 136 -22.01 22.37 -11.88
C SER B 136 -23.00 22.32 -10.72
N ARG B 137 -22.84 21.39 -9.79
CA ARG B 137 -23.80 21.23 -8.70
C ARG B 137 -23.16 20.41 -7.60
N GLU B 138 -23.34 20.86 -6.36
CA GLU B 138 -22.94 20.10 -5.17
C GLU B 138 -24.20 19.75 -4.39
N LEU B 139 -24.39 18.47 -4.13
CA LEU B 139 -25.60 17.96 -3.48
C LEU B 139 -25.23 17.60 -2.04
N ALA B 140 -25.53 18.51 -1.12
CA ALA B 140 -25.14 18.36 0.28
C ALA B 140 -26.38 18.17 1.15
N GLY B 141 -26.81 16.91 1.27
CA GLY B 141 -27.84 16.57 2.23
C GLY B 141 -27.48 15.42 3.16
N HIS B 142 -26.61 14.52 2.71
CA HIS B 142 -26.33 13.30 3.45
C HIS B 142 -25.49 13.60 4.69
N THR B 143 -25.65 12.77 5.71
CA THR B 143 -24.90 12.88 6.95
C THR B 143 -23.93 11.71 7.12
N GLY B 144 -23.47 11.17 6.00
CA GLY B 144 -22.52 10.08 6.00
C GLY B 144 -21.93 9.97 4.62
N TYR B 145 -20.88 9.16 4.50
CA TYR B 145 -20.15 9.10 3.24
C TYR B 145 -21.06 8.63 2.12
N LEU B 146 -20.77 9.12 0.91
CA LEU B 146 -21.49 8.68 -0.28
C LEU B 146 -20.87 7.39 -0.79
N SER B 147 -21.67 6.33 -0.88
CA SER B 147 -21.15 5.04 -1.30
C SER B 147 -21.50 4.68 -2.75
N CYS B 148 -22.56 5.28 -3.31
CA CYS B 148 -22.95 4.96 -4.67
C CYS B 148 -23.89 6.05 -5.18
N CYS B 149 -23.78 6.34 -6.47
CA CYS B 149 -24.68 7.26 -7.14
C CYS B 149 -24.95 6.77 -8.55
N ARG B 150 -26.16 7.01 -9.04
CA ARG B 150 -26.53 6.63 -10.40
C ARG B 150 -27.52 7.66 -10.94
N PHE B 151 -27.22 8.21 -12.10
CA PHE B 151 -28.13 9.13 -12.76
C PHE B 151 -29.37 8.41 -13.26
N LEU B 152 -30.54 9.00 -13.02
CA LEU B 152 -31.74 8.60 -13.75
C LEU B 152 -31.85 9.33 -15.07
N ASP B 153 -31.42 10.58 -15.10
CA ASP B 153 -31.43 11.46 -16.26
C ASP B 153 -30.51 12.63 -15.92
N ASP B 154 -30.55 13.69 -16.73
CA ASP B 154 -29.63 14.79 -16.51
C ASP B 154 -29.98 15.59 -15.26
N ASN B 155 -31.23 15.52 -14.81
CA ASN B 155 -31.69 16.31 -13.68
C ASN B 155 -32.06 15.48 -12.46
N GLN B 156 -31.80 14.19 -12.46
CA GLN B 156 -32.16 13.34 -11.33
C GLN B 156 -31.05 12.33 -11.08
N ILE B 157 -30.73 12.12 -9.81
CA ILE B 157 -29.71 11.15 -9.42
C ILE B 157 -30.11 10.56 -8.08
N VAL B 158 -29.95 9.25 -7.95
CA VAL B 158 -30.16 8.54 -6.68
C VAL B 158 -28.80 8.30 -6.06
N THR B 159 -28.70 8.54 -4.76
CA THR B 159 -27.47 8.35 -4.00
C THR B 159 -27.72 7.36 -2.86
N SER B 160 -26.65 6.68 -2.43
CA SER B 160 -26.67 5.84 -1.25
C SER B 160 -25.52 6.26 -0.35
N SER B 161 -25.72 6.14 0.96
CA SER B 161 -24.83 6.80 1.91
C SER B 161 -24.58 5.96 3.15
N GLY B 162 -23.46 6.24 3.79
CA GLY B 162 -23.17 5.66 5.10
C GLY B 162 -24.16 6.07 6.19
N ASP B 163 -24.99 7.07 5.94
CA ASP B 163 -26.01 7.46 6.91
C ASP B 163 -27.22 6.52 6.91
N THR B 164 -27.10 5.35 6.28
CA THR B 164 -28.11 4.30 6.19
C THR B 164 -29.32 4.67 5.35
N THR B 165 -29.27 5.77 4.60
CA THR B 165 -30.38 6.16 3.73
C THR B 165 -29.93 6.20 2.27
N CYS B 166 -30.91 6.18 1.38
CA CYS B 166 -30.75 6.57 0.00
C CYS B 166 -31.60 7.81 -0.25
N ALA B 167 -31.21 8.58 -1.25
CA ALA B 167 -31.92 9.81 -1.57
C ALA B 167 -32.04 9.99 -3.06
N LEU B 168 -33.19 10.52 -3.49
CA LEU B 168 -33.41 10.96 -4.86
C LEU B 168 -33.27 12.48 -4.90
N TRP B 169 -32.47 12.97 -5.85
CA TRP B 169 -32.11 14.37 -5.90
C TRP B 169 -32.67 15.04 -7.14
N ASP B 170 -33.00 16.31 -7.00
CA ASP B 170 -33.31 17.20 -8.12
C ASP B 170 -32.07 18.05 -8.34
N ILE B 171 -31.36 17.79 -9.44
CA ILE B 171 -30.06 18.42 -9.64
C ILE B 171 -30.23 19.92 -9.86
N GLU B 172 -31.32 20.35 -10.49
CA GLU B 172 -31.52 21.78 -10.74
C GLU B 172 -31.65 22.56 -9.44
N THR B 173 -32.58 22.14 -8.57
CA THR B 173 -32.77 22.82 -7.30
C THR B 173 -31.73 22.43 -6.26
N GLY B 174 -30.91 21.42 -6.52
CA GLY B 174 -29.96 20.93 -5.55
C GLY B 174 -30.62 20.33 -4.33
N GLN B 175 -31.93 20.13 -4.38
CA GLN B 175 -32.69 19.69 -3.23
C GLN B 175 -32.89 18.18 -3.24
N GLN B 176 -33.17 17.65 -2.05
CA GLN B 176 -33.46 16.25 -1.87
C GLN B 176 -34.97 16.04 -2.04
N THR B 177 -35.35 15.32 -3.09
CA THR B 177 -36.77 15.14 -3.41
C THR B 177 -37.40 14.02 -2.61
N THR B 178 -36.72 12.88 -2.48
CA THR B 178 -37.25 11.74 -1.74
C THR B 178 -36.11 11.11 -0.96
N THR B 179 -36.41 10.67 0.26
CA THR B 179 -35.45 9.97 1.11
C THR B 179 -35.97 8.56 1.35
N PHE B 180 -35.09 7.58 1.19
CA PHE B 180 -35.45 6.16 1.35
C PHE B 180 -34.78 5.64 2.62
N THR B 181 -35.59 5.35 3.63
CA THR B 181 -35.11 4.90 4.93
C THR B 181 -35.64 3.51 5.23
N GLY B 182 -34.96 2.83 6.15
CA GLY B 182 -35.32 1.48 6.52
C GLY B 182 -34.14 0.57 6.72
N HIS B 183 -33.06 0.81 5.98
CA HIS B 183 -31.81 0.10 6.26
C HIS B 183 -31.28 0.50 7.63
N THR B 184 -30.64 -0.43 8.30
CA THR B 184 -30.07 -0.23 9.63
C THR B 184 -28.57 -0.42 9.60
N GLY B 185 -27.93 0.00 8.52
CA GLY B 185 -26.50 -0.07 8.36
C GLY B 185 -26.10 0.75 7.15
N ASP B 186 -24.79 0.99 7.03
CA ASP B 186 -24.23 1.64 5.86
C ASP B 186 -24.80 1.02 4.59
N VAL B 187 -25.41 1.85 3.74
CA VAL B 187 -25.86 1.41 2.42
C VAL B 187 -24.68 1.53 1.47
N MET B 188 -24.28 0.40 0.89
CA MET B 188 -23.02 0.31 0.16
C MET B 188 -23.17 0.44 -1.35
N SER B 189 -24.29 0.00 -1.91
CA SER B 189 -24.44 -0.06 -3.35
C SER B 189 -25.90 0.02 -3.72
N LEU B 190 -26.18 0.58 -4.89
CA LEU B 190 -27.52 0.59 -5.45
C LEU B 190 -27.45 0.24 -6.92
N SER B 191 -28.55 -0.31 -7.44
CA SER B 191 -28.68 -0.66 -8.85
C SER B 191 -30.05 -0.23 -9.34
N LEU B 192 -30.09 0.57 -10.40
CA LEU B 192 -31.35 1.00 -10.99
C LEU B 192 -31.90 -0.11 -11.87
N ALA B 193 -33.20 -0.37 -11.74
CA ALA B 193 -33.86 -1.30 -12.65
C ALA B 193 -33.82 -0.73 -14.07
N PRO B 194 -33.86 -1.60 -15.08
CA PRO B 194 -33.77 -1.10 -16.47
C PRO B 194 -34.81 -0.06 -16.82
N ASP B 195 -35.96 -0.05 -16.15
CA ASP B 195 -36.98 0.97 -16.39
C ASP B 195 -36.84 2.18 -15.46
N THR B 196 -35.87 2.15 -14.54
CA THR B 196 -35.61 3.21 -13.57
C THR B 196 -36.86 3.62 -12.79
N ARG B 197 -37.84 2.72 -12.69
CA ARG B 197 -38.96 2.92 -11.79
C ARG B 197 -38.72 2.34 -10.41
N LEU B 198 -37.82 1.37 -10.30
CA LEU B 198 -37.41 0.79 -9.03
C LEU B 198 -35.89 0.77 -8.96
N PHE B 199 -35.39 0.63 -7.73
CA PHE B 199 -33.97 0.38 -7.54
C PHE B 199 -33.79 -0.45 -6.28
N VAL B 200 -32.72 -1.21 -6.24
CA VAL B 200 -32.38 -2.03 -5.09
C VAL B 200 -31.12 -1.45 -4.45
N SER B 201 -30.97 -1.72 -3.16
CA SER B 201 -29.82 -1.25 -2.40
C SER B 201 -29.33 -2.34 -1.48
N GLY B 202 -28.03 -2.49 -1.35
CA GLY B 202 -27.41 -3.43 -0.44
C GLY B 202 -26.70 -2.69 0.67
N ALA B 203 -26.88 -3.17 1.90
CA ALA B 203 -26.42 -2.45 3.07
C ALA B 203 -25.67 -3.38 4.01
N CYS B 204 -25.06 -2.79 5.03
CA CYS B 204 -24.28 -3.52 6.01
C CYS B 204 -25.15 -4.17 7.10
N ASP B 205 -26.44 -4.33 6.87
CA ASP B 205 -27.29 -5.14 7.72
C ASP B 205 -27.55 -6.52 7.13
N ALA B 206 -26.82 -6.90 6.07
CA ALA B 206 -26.98 -8.16 5.35
C ALA B 206 -28.34 -8.27 4.66
N SER B 207 -28.95 -7.14 4.30
CA SER B 207 -30.24 -7.15 3.63
C SER B 207 -30.20 -6.25 2.41
N ALA B 208 -30.92 -6.67 1.37
CA ALA B 208 -31.20 -5.84 0.22
C ALA B 208 -32.66 -5.41 0.26
N LYS B 209 -32.92 -4.20 -0.23
CA LYS B 209 -34.27 -3.65 -0.24
C LYS B 209 -34.61 -3.13 -1.62
N LEU B 210 -35.86 -3.35 -2.03
CA LEU B 210 -36.38 -2.87 -3.30
C LEU B 210 -37.23 -1.63 -3.04
N TRP B 211 -36.87 -0.52 -3.69
CA TRP B 211 -37.52 0.75 -3.47
C TRP B 211 -38.28 1.21 -4.71
N ASP B 212 -39.37 1.91 -4.48
CA ASP B 212 -40.15 2.54 -5.54
C ASP B 212 -39.71 3.99 -5.65
N VAL B 213 -39.15 4.35 -6.80
CA VAL B 213 -38.62 5.71 -6.98
C VAL B 213 -39.74 6.74 -6.92
N ARG B 214 -40.88 6.44 -7.55
CA ARG B 214 -41.97 7.41 -7.62
C ARG B 214 -42.62 7.61 -6.26
N GLU B 215 -42.99 6.50 -5.60
CA GLU B 215 -43.63 6.60 -4.30
C GLU B 215 -42.62 7.01 -3.22
N GLY B 216 -41.59 6.19 -3.02
CA GLY B 216 -40.57 6.52 -2.05
C GLY B 216 -40.52 5.55 -0.89
N MET B 217 -41.14 4.38 -1.07
CA MET B 217 -41.25 3.39 -0.02
C MET B 217 -40.51 2.11 -0.41
N CYS B 218 -40.21 1.31 0.60
CA CYS B 218 -39.62 -0.01 0.37
C CYS B 218 -40.73 -1.02 0.07
N ARG B 219 -40.60 -1.73 -1.04
CA ARG B 219 -41.59 -2.74 -1.40
C ARG B 219 -41.27 -4.10 -0.79
N GLN B 220 -40.01 -4.54 -0.89
CA GLN B 220 -39.61 -5.86 -0.45
C GLN B 220 -38.23 -5.77 0.20
N THR B 221 -37.99 -6.66 1.16
CA THR B 221 -36.71 -6.78 1.84
C THR B 221 -36.21 -8.21 1.66
N PHE B 222 -34.94 -8.35 1.31
CA PHE B 222 -34.35 -9.63 0.96
C PHE B 222 -33.22 -9.92 1.93
N THR B 223 -33.33 -11.05 2.63
CA THR B 223 -32.33 -11.48 3.59
C THR B 223 -31.83 -12.86 3.19
N GLY B 224 -30.72 -13.26 3.79
CA GLY B 224 -30.11 -14.54 3.49
C GLY B 224 -28.60 -14.45 3.47
N HIS B 225 -28.07 -13.28 3.17
CA HIS B 225 -26.63 -13.05 3.31
C HIS B 225 -26.25 -13.05 4.79
N GLU B 226 -25.06 -13.55 5.07
CA GLU B 226 -24.60 -13.66 6.46
C GLU B 226 -23.91 -12.41 6.96
N SER B 227 -23.48 -11.50 6.08
CA SER B 227 -22.68 -10.37 6.48
C SER B 227 -23.00 -9.19 5.56
N ASP B 228 -22.17 -8.14 5.65
CA ASP B 228 -22.40 -6.92 4.89
C ASP B 228 -22.49 -7.21 3.40
N ILE B 229 -23.47 -6.58 2.75
CA ILE B 229 -23.59 -6.62 1.30
C ILE B 229 -22.81 -5.44 0.75
N ASN B 230 -21.82 -5.73 -0.10
CA ASN B 230 -20.94 -4.71 -0.64
C ASN B 230 -21.33 -4.27 -2.04
N ALA B 231 -22.18 -5.03 -2.72
CA ALA B 231 -22.41 -4.83 -4.14
C ALA B 231 -23.73 -5.45 -4.53
N ILE B 232 -24.37 -4.87 -5.54
CA ILE B 232 -25.69 -5.29 -5.98
C ILE B 232 -25.85 -4.91 -7.45
N CYS B 233 -26.66 -5.68 -8.16
CA CYS B 233 -26.82 -5.48 -9.60
C CYS B 233 -28.09 -6.18 -10.07
N PHE B 234 -28.91 -5.47 -10.83
CA PHE B 234 -30.12 -6.05 -11.40
C PHE B 234 -29.81 -7.06 -12.48
N PHE B 235 -30.61 -8.11 -12.55
CA PHE B 235 -30.63 -8.99 -13.71
C PHE B 235 -31.16 -8.20 -14.91
N PRO B 236 -30.69 -8.51 -16.12
CA PRO B 236 -31.06 -7.66 -17.28
C PRO B 236 -32.55 -7.50 -17.50
N ASN B 237 -33.38 -8.47 -17.14
CA ASN B 237 -34.81 -8.33 -17.35
C ASN B 237 -35.52 -7.56 -16.24
N GLY B 238 -34.79 -7.10 -15.23
CA GLY B 238 -35.38 -6.33 -14.14
C GLY B 238 -36.16 -7.13 -13.13
N ASN B 239 -36.26 -8.45 -13.29
CA ASN B 239 -37.06 -9.29 -12.40
C ASN B 239 -36.24 -9.98 -11.33
N ALA B 240 -34.93 -9.74 -11.28
CA ALA B 240 -34.07 -10.39 -10.32
C ALA B 240 -32.83 -9.53 -10.13
N PHE B 241 -32.06 -9.84 -9.10
CA PHE B 241 -30.82 -9.13 -8.85
C PHE B 241 -29.87 -10.03 -8.09
N ALA B 242 -28.59 -9.70 -8.18
CA ALA B 242 -27.53 -10.44 -7.50
C ALA B 242 -26.82 -9.50 -6.53
N THR B 243 -26.39 -10.07 -5.40
CA THR B 243 -25.72 -9.33 -4.34
C THR B 243 -24.41 -10.02 -3.98
N GLY B 244 -23.42 -9.23 -3.61
CA GLY B 244 -22.14 -9.75 -3.15
C GLY B 244 -21.81 -9.29 -1.76
N SER B 245 -21.41 -10.21 -0.89
CA SER B 245 -21.30 -9.92 0.54
C SER B 245 -19.92 -10.28 1.08
N ASP B 246 -19.64 -9.76 2.27
CA ASP B 246 -18.43 -10.13 3.02
C ASP B 246 -18.42 -11.61 3.42
N ASP B 247 -19.56 -12.29 3.33
CA ASP B 247 -19.63 -13.70 3.68
C ASP B 247 -19.06 -14.62 2.60
N ALA B 248 -18.33 -14.06 1.62
CA ALA B 248 -17.69 -14.85 0.55
C ALA B 248 -18.73 -15.53 -0.33
N THR B 249 -19.85 -14.87 -0.57
CA THR B 249 -20.95 -15.47 -1.29
C THR B 249 -21.64 -14.43 -2.16
N CYS B 250 -21.96 -14.82 -3.39
CA CYS B 250 -22.93 -14.12 -4.21
C CYS B 250 -24.26 -14.85 -4.12
N ARG B 251 -25.35 -14.09 -4.18
CA ARG B 251 -26.67 -14.67 -4.09
C ARG B 251 -27.59 -13.98 -5.09
N LEU B 252 -28.44 -14.78 -5.72
CA LEU B 252 -29.41 -14.30 -6.70
C LEU B 252 -30.79 -14.30 -6.08
N PHE B 253 -31.48 -13.16 -6.19
CA PHE B 253 -32.78 -12.97 -5.57
C PHE B 253 -33.83 -12.69 -6.64
N ASP B 254 -35.00 -13.30 -6.47
CA ASP B 254 -36.11 -13.12 -7.39
C ASP B 254 -37.11 -12.13 -6.81
N LEU B 255 -37.45 -11.10 -7.59
CA LEU B 255 -38.40 -10.09 -7.14
C LEU B 255 -39.80 -10.68 -6.98
N ARG B 256 -40.24 -11.50 -7.93
CA ARG B 256 -41.60 -12.00 -7.93
C ARG B 256 -41.79 -13.19 -6.99
N ALA B 257 -40.79 -14.07 -6.88
CA ALA B 257 -40.84 -15.11 -5.87
C ALA B 257 -40.44 -14.60 -4.49
N ASP B 258 -39.87 -13.40 -4.41
CA ASP B 258 -39.58 -12.71 -3.16
C ASP B 258 -38.71 -13.57 -2.22
N GLN B 259 -37.65 -14.14 -2.78
CA GLN B 259 -36.75 -14.96 -1.98
C GLN B 259 -35.51 -15.27 -2.80
N GLU B 260 -34.47 -15.74 -2.10
CA GLU B 260 -33.23 -16.13 -2.74
C GLU B 260 -33.44 -17.35 -3.63
N LEU B 261 -32.75 -17.37 -4.77
CA LEU B 261 -32.81 -18.48 -5.71
C LEU B 261 -31.55 -19.34 -5.70
N MET B 262 -30.37 -18.74 -5.61
CA MET B 262 -29.14 -19.49 -5.84
C MET B 262 -28.01 -18.85 -5.05
N THR B 263 -27.06 -19.68 -4.64
CA THR B 263 -25.87 -19.27 -3.91
C THR B 263 -24.64 -19.62 -4.71
N TYR B 264 -23.78 -18.63 -4.94
CA TYR B 264 -22.55 -18.80 -5.71
C TYR B 264 -21.38 -18.77 -4.73
N SER B 265 -20.85 -19.95 -4.39
CA SER B 265 -19.83 -20.05 -3.36
C SER B 265 -18.98 -21.28 -3.59
N HIS B 266 -17.72 -21.19 -3.19
CA HIS B 266 -16.78 -22.31 -3.21
C HIS B 266 -15.96 -22.30 -1.94
N ASP B 267 -15.58 -23.50 -1.49
CA ASP B 267 -14.73 -23.62 -0.30
C ASP B 267 -13.45 -22.81 -0.43
N ASN B 268 -12.84 -22.82 -1.61
CA ASN B 268 -11.58 -22.12 -1.84
C ASN B 268 -11.71 -20.61 -1.78
N ILE B 269 -12.92 -20.08 -1.58
CA ILE B 269 -13.17 -18.65 -1.54
C ILE B 269 -13.61 -18.28 -0.13
N ILE B 270 -12.84 -17.42 0.52
CA ILE B 270 -13.11 -17.04 1.91
C ILE B 270 -13.09 -15.53 2.04
N CYS B 271 -12.74 -14.83 0.98
CA CYS B 271 -12.72 -13.38 0.98
C CYS B 271 -14.06 -12.83 0.51
N GLY B 272 -14.30 -11.56 0.80
CA GLY B 272 -15.57 -10.95 0.44
C GLY B 272 -15.62 -10.50 -1.01
N ILE B 273 -16.84 -10.31 -1.49
CA ILE B 273 -17.09 -9.81 -2.84
C ILE B 273 -17.22 -8.30 -2.79
N THR B 274 -16.47 -7.61 -3.66
CA THR B 274 -16.51 -6.15 -3.73
C THR B 274 -17.48 -5.63 -4.77
N SER B 275 -17.80 -6.42 -5.80
CA SER B 275 -18.55 -5.92 -6.94
C SER B 275 -19.12 -7.09 -7.72
N VAL B 276 -20.28 -6.88 -8.32
CA VAL B 276 -20.95 -7.89 -9.12
C VAL B 276 -21.55 -7.23 -10.37
N SER B 277 -21.72 -8.03 -11.41
CA SER B 277 -22.32 -7.55 -12.65
C SER B 277 -22.68 -8.75 -13.51
N PHE B 278 -23.79 -8.64 -14.24
CA PHE B 278 -24.20 -9.67 -15.18
C PHE B 278 -23.67 -9.35 -16.57
N SER B 279 -23.55 -10.39 -17.39
CA SER B 279 -23.34 -10.17 -18.81
C SER B 279 -24.65 -9.71 -19.46
N LYS B 280 -24.58 -9.38 -20.76
CA LYS B 280 -25.73 -8.82 -21.45
C LYS B 280 -26.96 -9.74 -21.35
N SER B 281 -26.77 -11.03 -21.58
CA SER B 281 -27.87 -11.97 -21.52
C SER B 281 -28.21 -12.41 -20.10
N GLY B 282 -27.38 -12.08 -19.11
CA GLY B 282 -27.59 -12.52 -17.75
C GLY B 282 -27.10 -13.91 -17.44
N ARG B 283 -26.53 -14.62 -18.42
CA ARG B 283 -26.09 -15.99 -18.18
C ARG B 283 -24.85 -16.06 -17.31
N LEU B 284 -24.00 -15.04 -17.38
CA LEU B 284 -22.80 -14.97 -16.57
C LEU B 284 -22.93 -13.90 -15.50
N LEU B 285 -22.49 -14.22 -14.30
CA LEU B 285 -22.43 -13.28 -13.18
C LEU B 285 -20.98 -13.08 -12.82
N LEU B 286 -20.48 -11.87 -13.05
CA LEU B 286 -19.08 -11.55 -12.79
C LEU B 286 -18.97 -10.86 -11.45
N ALA B 287 -18.05 -11.34 -10.61
CA ALA B 287 -17.90 -10.87 -9.24
C ALA B 287 -16.43 -10.58 -8.95
N GLY B 288 -16.15 -9.40 -8.42
CA GLY B 288 -14.81 -9.05 -8.00
C GLY B 288 -14.59 -9.40 -6.53
N TYR B 289 -13.38 -9.86 -6.21
CA TYR B 289 -13.09 -10.41 -4.90
C TYR B 289 -11.94 -9.67 -4.24
N ASP B 290 -11.87 -9.80 -2.91
CA ASP B 290 -10.76 -9.25 -2.14
C ASP B 290 -9.44 -9.95 -2.46
N ASP B 291 -9.48 -11.20 -2.91
CA ASP B 291 -8.26 -11.95 -3.17
C ASP B 291 -7.60 -11.61 -4.50
N PHE B 292 -7.93 -10.46 -5.08
CA PHE B 292 -7.36 -9.82 -6.26
C PHE B 292 -7.92 -10.39 -7.56
N ASN B 293 -8.81 -11.38 -7.51
CA ASN B 293 -9.35 -12.00 -8.71
C ASN B 293 -10.79 -11.58 -8.94
N CYS B 294 -11.28 -11.86 -10.14
CA CYS B 294 -12.69 -11.79 -10.48
C CYS B 294 -13.12 -13.15 -11.00
N ASN B 295 -14.16 -13.71 -10.40
CA ASN B 295 -14.69 -14.99 -10.84
C ASN B 295 -15.88 -14.78 -11.76
N VAL B 296 -16.04 -15.69 -12.71
CA VAL B 296 -17.15 -15.68 -13.66
C VAL B 296 -18.04 -16.87 -13.33
N TRP B 297 -19.23 -16.59 -12.82
CA TRP B 297 -20.16 -17.62 -12.41
C TRP B 297 -21.21 -17.86 -13.48
N ASP B 298 -21.63 -19.12 -13.61
CA ASP B 298 -22.78 -19.48 -14.42
C ASP B 298 -24.02 -19.23 -13.57
N ALA B 299 -24.74 -18.16 -13.89
CA ALA B 299 -25.84 -17.71 -13.04
C ALA B 299 -26.93 -18.76 -12.89
N LEU B 300 -27.09 -19.64 -13.88
CA LEU B 300 -28.18 -20.61 -13.86
C LEU B 300 -27.79 -21.91 -13.18
N LYS B 301 -26.52 -22.30 -13.24
CA LYS B 301 -26.09 -23.60 -12.72
C LYS B 301 -25.23 -23.48 -11.47
N ALA B 302 -24.87 -22.27 -11.04
CA ALA B 302 -24.06 -22.06 -9.83
C ALA B 302 -22.69 -22.72 -9.94
N ASP B 303 -22.17 -22.79 -11.16
CA ASP B 303 -20.83 -23.32 -11.40
C ASP B 303 -19.91 -22.19 -11.82
N ARG B 304 -18.65 -22.27 -11.37
CA ARG B 304 -17.68 -21.27 -11.75
C ARG B 304 -17.20 -21.54 -13.17
N ALA B 305 -17.30 -20.53 -14.03
CA ALA B 305 -17.00 -20.69 -15.44
C ALA B 305 -15.63 -20.15 -15.83
N GLY B 306 -15.00 -19.36 -14.97
CA GLY B 306 -13.69 -18.83 -15.28
C GLY B 306 -13.28 -17.79 -14.25
N VAL B 307 -12.06 -17.31 -14.41
CA VAL B 307 -11.44 -16.34 -13.52
C VAL B 307 -10.86 -15.22 -14.37
N LEU B 308 -10.90 -14.01 -13.85
CA LEU B 308 -10.23 -12.85 -14.46
C LEU B 308 -9.08 -12.48 -13.53
N ALA B 309 -7.95 -13.14 -13.74
CA ALA B 309 -6.76 -12.92 -12.93
C ALA B 309 -5.81 -11.97 -13.67
N GLY B 310 -5.09 -11.16 -12.90
CA GLY B 310 -4.23 -10.17 -13.52
C GLY B 310 -4.10 -8.87 -12.75
N HIS B 311 -4.91 -8.69 -11.71
CA HIS B 311 -4.76 -7.57 -10.81
C HIS B 311 -3.84 -7.95 -9.66
N ASP B 312 -3.11 -6.97 -9.15
CA ASP B 312 -2.13 -7.19 -8.09
C ASP B 312 -2.60 -6.70 -6.73
N ASN B 313 -3.82 -6.16 -6.65
CA ASN B 313 -4.38 -5.71 -5.39
C ASN B 313 -5.90 -5.90 -5.46
N ARG B 314 -6.57 -5.50 -4.39
CA ARG B 314 -8.01 -5.66 -4.27
C ARG B 314 -8.73 -5.16 -5.52
N VAL B 315 -9.64 -5.98 -6.03
CA VAL B 315 -10.50 -5.58 -7.13
C VAL B 315 -11.67 -4.80 -6.53
N SER B 316 -11.75 -3.51 -6.81
CA SER B 316 -12.72 -2.66 -6.14
C SER B 316 -14.01 -2.50 -6.91
N CYS B 317 -14.00 -2.68 -8.23
CA CYS B 317 -15.20 -2.39 -9.01
C CYS B 317 -15.14 -3.14 -10.34
N LEU B 318 -16.32 -3.46 -10.86
CA LEU B 318 -16.49 -4.07 -12.16
C LEU B 318 -17.57 -3.33 -12.94
N GLY B 319 -17.64 -3.62 -14.22
CA GLY B 319 -18.66 -3.05 -15.06
C GLY B 319 -18.66 -3.63 -16.45
N VAL B 320 -19.81 -4.04 -16.94
CA VAL B 320 -19.98 -4.58 -18.28
C VAL B 320 -20.59 -3.51 -19.16
N THR B 321 -20.07 -3.37 -20.37
CA THR B 321 -20.59 -2.39 -21.31
C THR B 321 -22.06 -2.64 -21.61
N ASP B 322 -22.75 -1.58 -22.03
CA ASP B 322 -24.15 -1.70 -22.43
C ASP B 322 -24.31 -2.63 -23.63
N ASP B 323 -23.35 -2.64 -24.54
CA ASP B 323 -23.39 -3.58 -25.65
C ASP B 323 -22.89 -4.96 -25.29
N GLY B 324 -22.48 -5.17 -24.03
CA GLY B 324 -22.00 -6.46 -23.58
C GLY B 324 -20.69 -6.91 -24.19
N MET B 325 -19.97 -6.03 -24.88
CA MET B 325 -18.75 -6.44 -25.56
C MET B 325 -17.57 -6.63 -24.61
N ALA B 326 -17.51 -5.86 -23.52
CA ALA B 326 -16.32 -5.90 -22.67
C ALA B 326 -16.69 -5.74 -21.21
N VAL B 327 -15.76 -6.13 -20.35
CA VAL B 327 -15.82 -5.90 -18.91
C VAL B 327 -14.68 -4.94 -18.55
N ALA B 328 -14.94 -4.08 -17.58
CA ALA B 328 -13.91 -3.25 -16.98
C ALA B 328 -13.79 -3.60 -15.51
N THR B 329 -12.56 -3.71 -15.03
CA THR B 329 -12.29 -3.93 -13.61
C THR B 329 -11.40 -2.81 -13.10
N GLY B 330 -11.68 -2.37 -11.88
CA GLY B 330 -10.84 -1.39 -11.21
C GLY B 330 -10.25 -2.03 -9.96
N SER B 331 -9.06 -1.58 -9.60
CA SER B 331 -8.33 -2.23 -8.52
C SER B 331 -7.62 -1.21 -7.64
N TRP B 332 -7.29 -1.66 -6.44
CA TRP B 332 -6.46 -0.86 -5.55
C TRP B 332 -5.03 -0.75 -6.05
N ASP B 333 -4.63 -1.59 -7.01
CA ASP B 333 -3.34 -1.43 -7.67
C ASP B 333 -3.30 -0.22 -8.61
N SER B 334 -4.39 0.54 -8.70
CA SER B 334 -4.49 1.81 -9.40
C SER B 334 -4.64 1.66 -10.91
N PHE B 335 -4.90 0.45 -11.40
CA PHE B 335 -5.10 0.23 -12.82
C PHE B 335 -6.53 -0.20 -13.11
N LEU B 336 -7.01 0.15 -14.30
CA LEU B 336 -8.22 -0.41 -14.86
C LEU B 336 -7.86 -1.35 -16.00
N LYS B 337 -8.48 -2.52 -16.02
CA LYS B 337 -8.29 -3.49 -17.09
C LYS B 337 -9.59 -3.71 -17.83
N ILE B 338 -9.49 -3.85 -19.14
CA ILE B 338 -10.63 -4.15 -20.01
C ILE B 338 -10.48 -5.58 -20.49
N TRP B 339 -11.46 -6.42 -20.17
CA TRP B 339 -11.44 -7.82 -20.54
C TRP B 339 -12.52 -8.08 -21.60
N ASN B 340 -12.31 -9.15 -22.36
CA ASN B 340 -13.21 -9.47 -23.46
C ASN B 340 -13.18 -10.96 -23.77
N THR C 2 -41.48 5.65 24.29
CA THR C 2 -40.30 6.47 23.98
C THR C 2 -40.02 6.48 22.49
N ALA C 3 -38.78 6.74 22.13
CA ALA C 3 -38.36 6.80 20.73
C ALA C 3 -38.03 5.42 20.15
N SER C 4 -37.99 4.39 20.98
CA SER C 4 -37.85 3.02 20.49
C SER C 4 -39.20 2.40 20.15
N ILE C 5 -40.28 2.85 20.79
CA ILE C 5 -41.62 2.40 20.44
C ILE C 5 -41.93 2.78 19.00
N ALA C 6 -41.72 4.05 18.65
CA ALA C 6 -41.98 4.53 17.30
C ALA C 6 -41.06 3.92 16.25
N GLN C 7 -40.00 3.23 16.67
CA GLN C 7 -39.10 2.58 15.71
C GLN C 7 -39.48 1.12 15.48
N ALA C 8 -40.03 0.45 16.49
CA ALA C 8 -40.58 -0.88 16.29
C ALA C 8 -41.97 -0.80 15.66
N ARG C 9 -42.73 0.26 15.98
CA ARG C 9 -44.01 0.46 15.33
C ARG C 9 -43.84 0.72 13.83
N LYS C 10 -42.80 1.47 13.46
CA LYS C 10 -42.50 1.67 12.05
C LYS C 10 -41.99 0.41 11.38
N LEU C 11 -41.56 -0.58 12.17
CA LEU C 11 -41.08 -1.85 11.62
C LEU C 11 -42.17 -2.91 11.54
N VAL C 12 -43.20 -2.81 12.39
CA VAL C 12 -44.36 -3.68 12.22
C VAL C 12 -45.16 -3.26 11.00
N GLU C 13 -45.39 -1.95 10.84
CA GLU C 13 -46.18 -1.44 9.72
C GLU C 13 -45.48 -1.71 8.39
N GLN C 14 -44.16 -1.84 8.38
CA GLN C 14 -43.46 -2.16 7.14
C GLN C 14 -43.53 -3.66 6.85
N LEU C 15 -43.45 -4.49 7.89
CA LEU C 15 -43.66 -5.93 7.71
C LEU C 15 -45.10 -6.24 7.33
N LYS C 16 -46.05 -5.36 7.68
CA LYS C 16 -47.42 -5.52 7.19
C LYS C 16 -47.45 -5.41 5.67
N MET C 17 -46.81 -4.38 5.11
CA MET C 17 -46.79 -4.19 3.67
C MET C 17 -46.00 -5.28 2.95
N GLU C 18 -45.04 -5.92 3.61
CA GLU C 18 -44.31 -7.01 2.97
C GLU C 18 -45.07 -8.32 3.03
N ALA C 19 -45.79 -8.56 4.14
CA ALA C 19 -46.54 -9.81 4.28
C ALA C 19 -47.62 -9.94 3.21
N ASN C 20 -48.28 -8.84 2.85
CA ASN C 20 -49.37 -8.86 1.89
C ASN C 20 -48.85 -8.35 0.55
N ILE C 21 -48.20 -9.24 -0.20
CA ILE C 21 -47.80 -9.00 -1.57
C ILE C 21 -48.13 -10.25 -2.37
N ASP C 22 -48.11 -10.11 -3.69
CA ASP C 22 -48.32 -11.25 -4.58
C ASP C 22 -47.00 -11.96 -4.83
N ARG C 23 -47.03 -13.28 -4.80
CA ARG C 23 -45.84 -14.10 -4.96
C ARG C 23 -46.16 -15.27 -5.88
N ILE C 24 -45.23 -15.56 -6.78
CA ILE C 24 -45.38 -16.66 -7.71
C ILE C 24 -44.49 -17.81 -7.26
N LYS C 25 -44.69 -18.97 -7.86
CA LYS C 25 -43.87 -20.13 -7.54
C LYS C 25 -42.43 -19.89 -7.98
N VAL C 26 -41.49 -20.49 -7.24
CA VAL C 26 -40.08 -20.36 -7.59
C VAL C 26 -39.79 -21.07 -8.90
N SER C 27 -40.39 -22.24 -9.11
CA SER C 27 -40.22 -22.95 -10.37
C SER C 27 -40.63 -22.09 -11.56
N LYS C 28 -41.69 -21.29 -11.39
CA LYS C 28 -42.10 -20.39 -12.47
C LYS C 28 -41.10 -19.26 -12.66
N ALA C 29 -40.71 -18.61 -11.57
CA ALA C 29 -39.73 -17.53 -11.67
C ALA C 29 -38.40 -18.04 -12.23
N ALA C 30 -38.02 -19.27 -11.87
CA ALA C 30 -36.80 -19.85 -12.41
C ALA C 30 -36.91 -20.09 -13.91
N ALA C 31 -38.07 -20.58 -14.36
CA ALA C 31 -38.28 -20.81 -15.79
C ALA C 31 -38.22 -19.51 -16.59
N ASP C 32 -38.61 -18.39 -15.97
CA ASP C 32 -38.59 -17.12 -16.67
C ASP C 32 -37.18 -16.58 -16.84
N LEU C 33 -36.33 -16.72 -15.82
CA LEU C 33 -34.93 -16.35 -15.97
C LEU C 33 -34.23 -17.26 -16.97
N MET C 34 -34.49 -18.57 -16.87
CA MET C 34 -33.91 -19.51 -17.82
C MET C 34 -34.30 -19.17 -19.25
N ALA C 35 -35.58 -18.82 -19.47
CA ALA C 35 -36.05 -18.48 -20.82
C ALA C 35 -35.37 -17.22 -21.33
N TYR C 36 -35.22 -16.21 -20.48
CA TYR C 36 -34.57 -14.97 -20.90
C TYR C 36 -33.15 -15.23 -21.36
N CYS C 37 -32.45 -16.14 -20.68
CA CYS C 37 -31.05 -16.40 -21.03
C CYS C 37 -30.93 -17.09 -22.39
N GLU C 38 -31.82 -18.04 -22.71
CA GLU C 38 -31.81 -18.60 -24.06
C GLU C 38 -32.19 -17.55 -25.09
N ALA C 39 -33.17 -16.69 -24.78
CA ALA C 39 -33.65 -15.73 -25.74
C ALA C 39 -32.56 -14.76 -26.17
N HIS C 40 -31.59 -14.50 -25.31
CA HIS C 40 -30.54 -13.53 -25.59
C HIS C 40 -29.15 -14.14 -25.61
N ALA C 41 -29.03 -15.47 -25.70
CA ALA C 41 -27.72 -16.11 -25.62
C ALA C 41 -26.84 -15.73 -26.80
N LYS C 42 -27.38 -15.73 -28.02
CA LYS C 42 -26.59 -15.39 -29.19
C LYS C 42 -26.19 -13.92 -29.22
N GLU C 43 -26.84 -13.08 -28.43
CA GLU C 43 -26.56 -11.65 -28.40
C GLU C 43 -25.55 -11.27 -27.32
N ASP C 44 -24.98 -12.25 -26.61
CA ASP C 44 -24.07 -11.99 -25.50
C ASP C 44 -22.64 -12.20 -25.97
N PRO C 45 -21.87 -11.15 -26.25
CA PRO C 45 -20.49 -11.33 -26.72
C PRO C 45 -19.57 -11.95 -25.69
N LEU C 46 -19.87 -11.84 -24.40
CA LEU C 46 -19.04 -12.48 -23.38
C LEU C 46 -19.28 -13.97 -23.30
N LEU C 47 -20.49 -14.41 -23.66
CA LEU C 47 -20.82 -15.83 -23.60
C LEU C 47 -20.11 -16.60 -24.71
N THR C 48 -19.93 -15.99 -25.87
CA THR C 48 -19.21 -16.59 -26.99
C THR C 48 -18.18 -15.59 -27.49
N PRO C 49 -16.87 -15.90 -27.37
CA PRO C 49 -15.83 -15.02 -27.92
C PRO C 49 -16.16 -14.50 -29.31
N VAL C 50 -16.23 -13.18 -29.44
CA VAL C 50 -16.66 -12.54 -30.68
C VAL C 50 -15.52 -12.70 -31.68
N PRO C 51 -15.81 -12.77 -32.98
CA PRO C 51 -14.72 -12.85 -33.98
C PRO C 51 -13.73 -11.70 -33.80
N ALA C 52 -12.44 -12.03 -34.00
CA ALA C 52 -11.37 -11.05 -33.80
C ALA C 52 -11.55 -9.82 -34.67
N SER C 53 -12.27 -9.92 -35.79
CA SER C 53 -12.56 -8.75 -36.61
C SER C 53 -13.74 -7.96 -36.05
N GLU C 54 -14.60 -8.61 -35.27
CA GLU C 54 -15.72 -7.92 -34.66
C GLU C 54 -15.32 -7.20 -33.37
N ASN C 55 -14.27 -7.66 -32.71
CA ASN C 55 -13.86 -7.17 -31.40
C ASN C 55 -13.23 -5.77 -31.52
N PRO C 56 -13.88 -4.74 -30.99
CA PRO C 56 -13.29 -3.40 -31.03
C PRO C 56 -12.05 -3.25 -30.15
N PHE C 57 -11.78 -4.23 -29.27
CA PHE C 57 -10.66 -4.16 -28.34
C PHE C 57 -9.45 -4.95 -28.80
N ARG C 58 -9.23 -5.00 -30.12
CA ARG C 58 -7.98 -5.55 -30.66
C ARG C 58 -7.37 -4.58 -31.66
N GLN D 1 -31.79 -15.24 7.49
CA GLN D 1 -31.64 -14.00 8.24
C GLN D 1 -30.83 -14.23 9.52
N VAL D 2 -29.92 -13.31 9.79
CA VAL D 2 -29.06 -13.41 10.98
C VAL D 2 -29.87 -13.00 12.20
N GLN D 3 -30.00 -13.90 13.16
CA GLN D 3 -30.75 -13.64 14.38
C GLN D 3 -29.97 -14.11 15.59
N LEU D 4 -29.82 -13.21 16.57
CA LEU D 4 -29.24 -13.53 17.86
C LEU D 4 -30.29 -13.25 18.93
N GLN D 5 -30.57 -14.24 19.77
CA GLN D 5 -31.56 -14.11 20.83
C GLN D 5 -30.96 -14.59 22.14
N GLU D 6 -30.80 -13.67 23.08
CA GLU D 6 -30.17 -13.98 24.36
C GLU D 6 -31.19 -14.54 25.34
N SER D 7 -30.77 -15.56 26.07
CA SER D 7 -31.60 -16.24 27.06
C SER D 7 -30.94 -16.14 28.43
N GLY D 8 -31.77 -16.27 29.46
CA GLY D 8 -31.29 -16.11 30.82
C GLY D 8 -31.46 -14.68 31.30
N GLY D 9 -30.85 -14.42 32.45
CA GLY D 9 -30.99 -13.13 33.08
C GLY D 9 -32.22 -13.08 33.99
N GLY D 10 -32.31 -11.99 34.73
CA GLY D 10 -33.39 -11.81 35.68
C GLY D 10 -32.92 -10.97 36.86
N LEU D 11 -33.27 -11.43 38.06
CA LEU D 11 -32.94 -10.75 39.29
C LEU D 11 -32.18 -11.69 40.21
N VAL D 12 -31.03 -11.24 40.72
CA VAL D 12 -30.25 -11.98 41.69
C VAL D 12 -29.73 -11.04 42.77
N GLN D 13 -29.24 -11.63 43.84
CA GLN D 13 -28.60 -10.92 44.93
C GLN D 13 -27.09 -10.83 44.69
N PRO D 14 -26.42 -9.85 45.28
CA PRO D 14 -24.97 -9.76 45.12
C PRO D 14 -24.28 -11.03 45.58
N GLY D 15 -23.30 -11.48 44.79
CA GLY D 15 -22.64 -12.74 45.03
C GLY D 15 -23.29 -13.93 44.38
N GLY D 16 -24.53 -13.81 43.89
CA GLY D 16 -25.19 -14.90 43.22
C GLY D 16 -24.68 -15.10 41.81
N SER D 17 -25.09 -16.22 41.21
CA SER D 17 -24.65 -16.61 39.88
C SER D 17 -25.80 -16.52 38.90
N LEU D 18 -25.45 -16.69 37.62
CA LEU D 18 -26.40 -16.56 36.53
C LEU D 18 -25.74 -17.05 35.25
N ARG D 19 -26.50 -17.73 34.40
CA ARG D 19 -25.97 -18.28 33.16
C ARG D 19 -26.78 -17.76 31.98
N LEU D 20 -26.16 -16.93 31.16
CA LEU D 20 -26.77 -16.40 29.96
C LEU D 20 -26.50 -17.30 28.77
N SER D 21 -27.42 -17.28 27.80
CA SER D 21 -27.31 -18.08 26.60
C SER D 21 -27.55 -17.20 25.38
N CYS D 22 -27.09 -17.68 24.23
CA CYS D 22 -27.24 -16.98 22.96
C CYS D 22 -27.53 -18.02 21.88
N ALA D 23 -28.76 -18.07 21.41
CA ALA D 23 -29.14 -18.95 20.32
C ALA D 23 -28.92 -18.23 18.99
N ALA D 24 -27.97 -18.70 18.21
CA ALA D 24 -27.66 -18.10 16.93
C ALA D 24 -28.31 -18.87 15.79
N SER D 25 -28.65 -18.16 14.72
CA SER D 25 -29.19 -18.78 13.51
C SER D 25 -29.08 -17.79 12.38
N GLY D 26 -28.91 -18.33 11.17
CA GLY D 26 -28.76 -17.50 9.99
C GLY D 26 -27.33 -17.26 9.56
N PHE D 27 -26.37 -17.94 10.16
CA PHE D 27 -24.98 -17.85 9.73
C PHE D 27 -24.24 -19.07 10.24
N THR D 28 -23.07 -19.32 9.64
CA THR D 28 -22.20 -20.41 10.07
C THR D 28 -21.51 -19.96 11.34
N PHE D 29 -22.10 -20.32 12.47
CA PHE D 29 -21.61 -19.95 13.80
C PHE D 29 -20.10 -20.13 13.94
N SER D 30 -19.59 -21.26 13.42
CA SER D 30 -18.19 -21.63 13.64
C SER D 30 -17.20 -20.67 12.98
N ASN D 31 -17.65 -19.81 12.06
CA ASN D 31 -16.75 -18.95 11.32
C ASN D 31 -16.59 -17.57 11.93
N TYR D 32 -17.24 -17.27 13.05
CA TYR D 32 -17.28 -15.92 13.59
C TYR D 32 -16.76 -15.89 15.02
N LYS D 33 -15.98 -14.86 15.32
CA LYS D 33 -15.69 -14.53 16.70
C LYS D 33 -16.94 -13.89 17.32
N MET D 34 -17.23 -14.28 18.56
CA MET D 34 -18.42 -13.83 19.26
C MET D 34 -18.05 -12.91 20.41
N ASN D 35 -19.02 -12.10 20.83
CA ASN D 35 -18.82 -11.10 21.86
C ASN D 35 -20.02 -11.08 22.80
N TRP D 36 -19.76 -10.80 24.07
CA TRP D 36 -20.77 -10.33 24.99
C TRP D 36 -20.51 -8.85 25.25
N VAL D 37 -21.54 -8.03 25.12
CA VAL D 37 -21.47 -6.61 25.44
C VAL D 37 -22.67 -6.27 26.31
N ARG D 38 -22.58 -5.14 27.00
CA ARG D 38 -23.62 -4.75 27.94
C ARG D 38 -23.80 -3.25 27.92
N GLN D 39 -24.99 -2.82 28.35
CA GLN D 39 -25.33 -1.40 28.47
C GLN D 39 -25.93 -1.18 29.85
N ALA D 40 -25.12 -0.63 30.77
CA ALA D 40 -25.61 -0.28 32.08
C ALA D 40 -26.67 0.82 31.96
N PRO D 41 -27.63 0.86 32.89
CA PRO D 41 -28.64 1.92 32.85
C PRO D 41 -28.00 3.30 32.95
N GLY D 42 -28.19 4.12 31.92
CA GLY D 42 -27.65 5.45 31.88
C GLY D 42 -26.43 5.62 30.99
N LYS D 43 -25.57 4.60 30.88
CA LYS D 43 -24.31 4.70 30.18
C LYS D 43 -24.41 4.01 28.81
N GLY D 44 -23.32 4.11 28.05
CA GLY D 44 -23.26 3.53 26.73
C GLY D 44 -22.84 2.07 26.73
N LEU D 45 -22.88 1.47 25.54
CA LEU D 45 -22.53 0.07 25.40
C LEU D 45 -21.06 -0.15 25.72
N GLU D 46 -20.77 -1.20 26.47
CA GLU D 46 -19.43 -1.51 26.93
C GLU D 46 -19.12 -2.97 26.62
N TRP D 47 -17.96 -3.21 26.02
CA TRP D 47 -17.53 -4.56 25.72
C TRP D 47 -17.26 -5.33 27.01
N VAL D 48 -17.64 -6.60 27.03
CA VAL D 48 -17.49 -7.44 28.21
C VAL D 48 -16.49 -8.57 27.98
N SER D 49 -16.66 -9.30 26.88
CA SER D 49 -15.89 -10.50 26.65
C SER D 49 -16.01 -10.89 25.18
N ASP D 50 -15.06 -11.69 24.72
CA ASP D 50 -15.13 -12.26 23.39
C ASP D 50 -14.55 -13.66 23.42
N ILE D 51 -14.64 -14.34 22.28
CA ILE D 51 -14.14 -15.70 22.16
C ILE D 51 -13.93 -16.00 20.68
N SER D 52 -12.82 -16.65 20.36
CA SER D 52 -12.47 -16.92 18.97
C SER D 52 -13.38 -18.00 18.38
N GLN D 53 -13.19 -18.26 17.09
CA GLN D 53 -14.06 -19.20 16.38
C GLN D 53 -14.02 -20.59 17.00
N SER D 54 -12.83 -21.12 17.26
CA SER D 54 -12.73 -22.45 17.86
C SER D 54 -13.02 -22.45 19.34
N GLY D 55 -12.91 -21.29 20.00
CA GLY D 55 -13.10 -21.23 21.43
C GLY D 55 -11.78 -21.40 22.17
N ALA D 56 -10.71 -20.87 21.58
CA ALA D 56 -9.38 -20.98 22.14
C ALA D 56 -8.81 -19.65 22.62
N SER D 57 -9.06 -18.55 21.90
CA SER D 57 -8.59 -17.23 22.28
C SER D 57 -9.74 -16.52 22.97
N ILE D 58 -9.66 -16.41 24.29
CA ILE D 58 -10.70 -15.81 25.12
C ILE D 58 -10.15 -14.54 25.76
N SER D 59 -11.04 -13.56 25.95
CA SER D 59 -10.64 -12.28 26.52
C SER D 59 -11.81 -11.69 27.30
N TYR D 60 -11.48 -10.90 28.32
CA TYR D 60 -12.47 -10.34 29.22
C TYR D 60 -12.10 -8.91 29.55
N THR D 61 -13.13 -8.09 29.78
CA THR D 61 -12.90 -6.76 30.33
C THR D 61 -12.44 -6.89 31.78
N GLY D 62 -11.67 -5.90 32.24
CA GLY D 62 -11.02 -6.01 33.53
C GLY D 62 -11.99 -6.21 34.69
N SER D 63 -13.14 -5.54 34.63
CA SER D 63 -14.09 -5.57 35.73
C SER D 63 -14.64 -6.97 36.01
N VAL D 64 -14.56 -7.89 35.05
CA VAL D 64 -15.20 -9.19 35.18
C VAL D 64 -14.22 -10.35 35.14
N LYS D 65 -12.93 -10.10 34.94
CA LYS D 65 -11.96 -11.19 34.94
C LYS D 65 -11.98 -11.93 36.26
N GLY D 66 -12.02 -13.26 36.18
CA GLY D 66 -12.16 -14.10 37.34
C GLY D 66 -13.58 -14.44 37.72
N ARG D 67 -14.55 -13.62 37.32
CA ARG D 67 -15.95 -13.84 37.66
C ARG D 67 -16.74 -14.47 36.52
N PHE D 68 -16.61 -13.94 35.31
CA PHE D 68 -17.36 -14.41 34.16
C PHE D 68 -16.55 -15.43 33.37
N THR D 69 -17.26 -16.40 32.79
CA THR D 69 -16.64 -17.42 31.95
C THR D 69 -17.43 -17.53 30.65
N ILE D 70 -16.85 -17.05 29.55
CA ILE D 70 -17.46 -17.17 28.24
C ILE D 70 -17.13 -18.53 27.65
N SER D 71 -18.03 -19.04 26.81
CA SER D 71 -17.84 -20.33 26.18
C SER D 71 -18.84 -20.46 25.04
N ARG D 72 -18.52 -21.32 24.08
CA ARG D 72 -19.34 -21.49 22.90
C ARG D 72 -19.44 -22.97 22.55
N ASP D 73 -20.62 -23.39 22.13
CA ASP D 73 -20.86 -24.75 21.64
C ASP D 73 -21.10 -24.63 20.14
N ASN D 74 -20.05 -24.94 19.35
CA ASN D 74 -20.14 -24.76 17.91
C ASN D 74 -21.08 -25.76 17.27
N ALA D 75 -21.31 -26.91 17.91
CA ALA D 75 -22.23 -27.90 17.34
C ALA D 75 -23.68 -27.42 17.46
N LYS D 76 -24.03 -26.76 18.56
CA LYS D 76 -25.39 -26.35 18.83
C LYS D 76 -25.62 -24.86 18.61
N ASN D 77 -24.61 -24.15 18.09
CA ASN D 77 -24.76 -22.74 17.73
C ASN D 77 -25.19 -21.91 18.93
N THR D 78 -24.50 -22.08 20.05
CA THR D 78 -24.87 -21.42 21.29
C THR D 78 -23.64 -20.77 21.92
N LEU D 79 -23.84 -19.56 22.45
CA LEU D 79 -22.82 -18.85 23.21
C LEU D 79 -23.27 -18.71 24.65
N TYR D 80 -22.33 -18.81 25.58
CA TYR D 80 -22.64 -18.80 27.00
C TYR D 80 -21.84 -17.73 27.73
N LEU D 81 -22.44 -17.24 28.82
CA LEU D 81 -21.74 -16.38 29.79
C LEU D 81 -22.16 -16.83 31.18
N GLN D 82 -21.31 -17.63 31.82
CA GLN D 82 -21.50 -17.97 33.22
C GLN D 82 -21.02 -16.81 34.08
N MET D 83 -21.94 -16.19 34.79
CA MET D 83 -21.65 -14.98 35.57
C MET D 83 -21.67 -15.33 37.05
N ASN D 84 -20.50 -15.28 37.68
CA ASN D 84 -20.36 -15.55 39.11
C ASN D 84 -20.03 -14.25 39.86
N SER D 85 -20.25 -14.30 41.18
CA SER D 85 -19.92 -13.19 42.07
C SER D 85 -20.50 -11.88 41.57
N LEU D 86 -21.78 -11.91 41.21
CA LEU D 86 -22.41 -10.75 40.60
C LEU D 86 -22.48 -9.59 41.59
N LYS D 87 -22.22 -8.39 41.09
CA LYS D 87 -22.24 -7.15 41.86
C LYS D 87 -23.29 -6.23 41.28
N PRO D 88 -23.80 -5.28 42.09
CA PRO D 88 -24.80 -4.33 41.57
C PRO D 88 -24.31 -3.55 40.36
N GLU D 89 -22.98 -3.40 40.23
CA GLU D 89 -22.42 -2.74 39.05
C GLU D 89 -22.50 -3.61 37.80
N ASP D 90 -22.78 -4.90 37.94
CA ASP D 90 -23.01 -5.76 36.79
C ASP D 90 -24.41 -5.60 36.19
N THR D 91 -25.27 -4.82 36.83
CA THR D 91 -26.64 -4.66 36.35
C THR D 91 -26.66 -3.91 35.04
N ALA D 92 -27.21 -4.54 34.01
CA ALA D 92 -27.21 -4.00 32.65
C ALA D 92 -28.04 -4.94 31.78
N VAL D 93 -28.27 -4.51 30.54
CA VAL D 93 -28.75 -5.40 29.50
C VAL D 93 -27.54 -5.97 28.77
N TYR D 94 -27.46 -7.29 28.72
CA TYR D 94 -26.32 -7.97 28.13
C TYR D 94 -26.68 -8.47 26.74
N TYR D 95 -25.86 -8.12 25.75
CA TYR D 95 -26.14 -8.40 24.35
C TYR D 95 -25.14 -9.40 23.81
N CYS D 96 -25.65 -10.35 23.02
CA CYS D 96 -24.82 -11.23 22.21
C CYS D 96 -24.51 -10.51 20.90
N ALA D 97 -23.23 -10.31 20.61
CA ALA D 97 -22.81 -9.53 19.45
C ALA D 97 -21.78 -10.32 18.65
N ARG D 98 -22.10 -10.55 17.38
CA ARG D 98 -21.22 -11.27 16.48
C ARG D 98 -20.31 -10.27 15.74
N CYS D 99 -19.05 -10.65 15.58
CA CYS D 99 -18.17 -9.83 14.75
C CYS D 99 -18.71 -9.74 13.33
N PRO D 100 -18.49 -8.65 12.61
CA PRO D 100 -19.25 -8.41 11.38
C PRO D 100 -18.89 -9.36 10.24
N ALA D 101 -17.64 -9.77 10.11
CA ALA D 101 -17.24 -10.62 9.00
C ALA D 101 -16.63 -11.92 9.52
N PRO D 102 -16.76 -13.01 8.76
CA PRO D 102 -16.16 -14.27 9.18
C PRO D 102 -14.67 -14.33 8.88
N PHE D 103 -13.99 -15.25 9.56
CA PHE D 103 -12.55 -15.51 9.37
C PHE D 103 -11.73 -14.22 9.47
N THR D 104 -11.95 -13.46 10.53
CA THR D 104 -11.22 -12.22 10.74
C THR D 104 -10.70 -12.15 12.18
N ARG D 105 -9.69 -11.28 12.36
CA ARG D 105 -9.08 -10.97 13.69
C ARG D 105 -9.46 -9.55 14.09
N ASP D 106 -9.97 -8.75 13.16
CA ASP D 106 -10.46 -7.40 13.51
C ASP D 106 -11.98 -7.52 13.67
N CYS D 107 -12.52 -7.01 14.77
CA CYS D 107 -13.97 -7.14 15.05
C CYS D 107 -14.49 -5.78 15.51
N PHE D 108 -14.72 -4.88 14.56
CA PHE D 108 -14.81 -3.41 14.80
C PHE D 108 -16.11 -3.05 15.52
N ASP D 109 -17.30 -3.20 14.84
CA ASP D 109 -18.44 -2.33 15.23
C ASP D 109 -19.31 -2.90 16.36
N VAL D 110 -18.81 -3.78 17.26
CA VAL D 110 -19.78 -4.53 18.06
C VAL D 110 -20.40 -3.70 19.19
N THR D 111 -19.80 -2.56 19.56
CA THR D 111 -20.36 -1.71 20.60
C THR D 111 -20.98 -0.44 20.03
N SER D 112 -21.19 -0.36 18.72
CA SER D 112 -21.84 0.80 18.13
C SER D 112 -23.28 0.89 18.61
N THR D 113 -23.80 2.13 18.62
CA THR D 113 -25.16 2.36 19.07
C THR D 113 -26.14 1.50 18.28
N THR D 114 -26.16 1.66 16.97
CA THR D 114 -26.85 0.74 16.07
C THR D 114 -25.82 -0.20 15.47
N TYR D 115 -26.04 -1.49 15.65
CA TYR D 115 -25.19 -2.52 15.05
C TYR D 115 -26.10 -3.69 14.72
N ALA D 116 -25.97 -4.21 13.50
CA ALA D 116 -26.95 -5.15 13.00
C ALA D 116 -26.80 -6.54 13.61
N TYR D 117 -25.58 -7.01 13.81
CA TYR D 117 -25.34 -8.40 14.21
C TYR D 117 -25.26 -8.52 15.73
N ARG D 118 -26.29 -8.02 16.41
CA ARG D 118 -26.38 -8.00 17.86
C ARG D 118 -27.83 -8.24 18.26
N GLY D 119 -28.04 -9.13 19.22
CA GLY D 119 -29.38 -9.50 19.63
C GLY D 119 -30.12 -8.37 20.34
N GLN D 120 -31.32 -8.71 20.79
CA GLN D 120 -32.12 -7.76 21.57
C GLN D 120 -31.59 -7.56 22.98
N GLY D 121 -30.88 -8.54 23.51
CA GLY D 121 -30.31 -8.45 24.84
C GLY D 121 -31.08 -9.27 25.86
N THR D 122 -30.72 -9.07 27.12
CA THR D 122 -31.42 -9.69 28.24
C THR D 122 -31.08 -8.91 29.50
N GLN D 123 -32.11 -8.51 30.24
CA GLN D 123 -31.93 -7.68 31.42
C GLN D 123 -31.37 -8.51 32.57
N VAL D 124 -30.24 -8.07 33.13
CA VAL D 124 -29.67 -8.66 34.33
C VAL D 124 -29.70 -7.60 35.43
N THR D 125 -30.41 -7.89 36.51
CA THR D 125 -30.56 -6.97 37.63
C THR D 125 -29.96 -7.59 38.88
N VAL D 126 -29.05 -6.86 39.52
CA VAL D 126 -28.40 -7.34 40.73
C VAL D 126 -28.74 -6.45 41.92
N THR E 38 58.08 -12.16 -15.55
CA THR E 38 57.14 -12.57 -16.62
C THR E 38 57.21 -11.57 -17.79
N VAL E 39 57.24 -12.08 -19.01
CA VAL E 39 57.18 -11.25 -20.24
C VAL E 39 56.08 -11.74 -21.17
N SER E 40 55.26 -10.81 -21.66
CA SER E 40 54.25 -11.19 -22.68
C SER E 40 54.81 -10.87 -24.07
N LEU E 41 54.24 -11.53 -25.07
CA LEU E 41 54.42 -11.30 -26.50
C LEU E 41 54.04 -9.87 -26.86
N TRP E 42 53.13 -9.27 -26.10
CA TRP E 42 52.76 -7.87 -26.33
C TRP E 42 53.96 -6.94 -26.15
N GLU E 43 54.74 -7.15 -25.09
CA GLU E 43 55.87 -6.26 -24.82
C GLU E 43 57.12 -6.63 -25.59
N THR E 44 57.11 -7.85 -26.15
CA THR E 44 58.26 -8.49 -26.88
C THR E 44 58.33 -8.04 -28.34
N VAL E 45 57.20 -7.94 -29.05
CA VAL E 45 57.22 -7.40 -30.43
C VAL E 45 57.71 -5.96 -30.37
N GLN E 46 57.33 -5.21 -29.33
CA GLN E 46 57.76 -3.81 -29.17
C GLN E 46 59.26 -3.74 -28.99
N LYS E 47 59.81 -4.65 -28.19
CA LYS E 47 61.27 -4.72 -27.94
C LYS E 47 61.98 -5.09 -29.22
N TRP E 48 61.41 -6.03 -29.97
CA TRP E 48 61.99 -6.39 -31.27
C TRP E 48 62.02 -5.18 -32.20
N ARG E 49 60.95 -4.40 -32.24
CA ARG E 49 60.93 -3.19 -33.10
C ARG E 49 61.99 -2.17 -32.65
N GLU E 50 62.15 -1.97 -31.35
CA GLU E 50 63.21 -1.06 -30.86
C GLU E 50 64.61 -1.61 -31.19
N TYR E 51 64.82 -2.91 -31.06
CA TYR E 51 66.06 -3.55 -31.51
C TYR E 51 66.29 -3.20 -32.97
N ARG E 52 65.26 -3.33 -33.78
CA ARG E 52 65.38 -3.16 -35.24
C ARG E 52 65.77 -1.73 -35.57
N ARG E 53 65.23 -0.79 -34.82
CA ARG E 53 65.45 0.65 -35.03
C ARG E 53 66.95 0.91 -34.88
N GLN E 54 67.49 0.56 -33.71
CA GLN E 54 68.90 0.77 -33.33
C GLN E 54 69.78 0.08 -34.38
N CYS E 55 69.32 -1.01 -34.97
CA CYS E 55 70.16 -1.66 -36.02
C CYS E 55 70.11 -0.82 -37.30
N GLN E 56 68.93 -0.42 -37.75
CA GLN E 56 68.89 0.23 -39.07
C GLN E 56 69.69 1.52 -38.96
N ARG E 57 69.47 2.22 -37.85
CA ARG E 57 70.23 3.45 -37.54
C ARG E 57 71.71 3.13 -37.52
N SER E 58 72.07 2.02 -36.89
CA SER E 58 73.51 1.68 -36.75
C SER E 58 74.13 1.47 -38.13
N LEU E 59 73.43 0.80 -39.03
CA LEU E 59 74.08 0.50 -40.32
C LEU E 59 74.40 1.83 -41.00
N THR E 60 73.44 2.77 -41.01
CA THR E 60 73.66 4.08 -41.65
C THR E 60 74.74 4.89 -40.93
N GLU E 61 74.67 5.02 -39.61
CA GLU E 61 75.63 5.87 -38.84
C GLU E 61 77.03 5.27 -38.85
N ASP E 62 77.15 3.94 -38.77
CA ASP E 62 78.50 3.34 -38.66
C ASP E 62 79.27 3.54 -39.96
N PRO E 63 80.63 3.74 -39.92
CA PRO E 63 81.51 3.91 -41.08
C PRO E 63 81.78 2.58 -41.77
N PRO E 64 82.08 2.56 -43.09
CA PRO E 64 82.45 1.33 -43.77
C PRO E 64 83.80 0.87 -43.23
N PRO E 65 84.12 -0.44 -43.31
CA PRO E 65 85.36 -0.98 -42.78
C PRO E 65 86.65 -0.44 -43.43
N ALA E 66 86.60 -0.05 -44.70
CA ALA E 66 87.84 0.38 -45.40
C ALA E 66 88.82 -0.79 -45.43
N THR E 67 88.33 -2.00 -45.61
CA THR E 67 89.23 -3.15 -45.80
C THR E 67 88.74 -3.93 -47.01
N ASP E 68 89.51 -4.92 -47.46
CA ASP E 68 89.18 -5.63 -48.73
C ASP E 68 88.17 -6.76 -48.56
N LEU E 69 87.18 -6.83 -49.45
CA LEU E 69 86.21 -7.97 -49.45
C LEU E 69 85.54 -8.17 -48.10
N PHE E 70 85.00 -7.12 -47.48
CA PHE E 70 84.21 -7.32 -46.25
C PHE E 70 82.83 -7.89 -46.64
N CYS E 71 82.26 -8.74 -45.78
CA CYS E 71 80.83 -9.17 -45.84
C CYS E 71 79.96 -8.00 -45.34
N ASN E 72 78.89 -7.59 -46.07
CA ASN E 72 78.26 -6.31 -45.71
C ASN E 72 77.37 -6.42 -44.46
N ARG E 73 77.31 -5.38 -43.64
CA ARG E 73 76.42 -5.29 -42.46
C ARG E 73 74.99 -5.65 -42.89
N THR E 74 74.24 -6.35 -42.04
CA THR E 74 72.83 -6.68 -42.34
C THR E 74 71.99 -6.89 -41.09
N PHE E 75 70.67 -6.93 -41.23
CA PHE E 75 69.76 -7.29 -40.11
C PHE E 75 68.87 -8.41 -40.66
N ASP E 76 68.97 -9.62 -40.11
CA ASP E 76 68.34 -10.83 -40.68
C ASP E 76 67.00 -11.12 -40.02
N GLU E 77 66.46 -10.18 -39.26
CA GLU E 77 65.16 -10.36 -38.55
C GLU E 77 65.38 -11.07 -37.22
N TYR E 78 66.58 -11.53 -36.95
CA TYR E 78 66.88 -12.10 -35.62
C TYR E 78 67.93 -11.22 -34.94
N ALA E 79 69.05 -11.03 -35.60
CA ALA E 79 70.22 -10.38 -35.01
C ALA E 79 70.78 -9.39 -36.02
N CYS E 80 71.30 -8.28 -35.54
CA CYS E 80 71.89 -7.26 -36.42
C CYS E 80 73.36 -7.56 -36.60
N TRP E 81 73.70 -8.24 -37.67
CA TRP E 81 75.10 -8.66 -37.86
C TRP E 81 75.94 -7.44 -38.18
N PRO E 82 77.22 -7.47 -37.82
CA PRO E 82 78.08 -6.34 -38.03
C PRO E 82 78.82 -6.60 -39.33
N ASP E 83 79.77 -5.74 -39.60
CA ASP E 83 80.68 -5.90 -40.77
C ASP E 83 81.67 -7.01 -40.48
N GLY E 84 81.99 -7.82 -41.49
CA GLY E 84 82.87 -8.99 -41.29
C GLY E 84 84.26 -8.75 -41.87
N GLU E 85 85.32 -8.99 -41.09
CA GLU E 85 86.68 -9.15 -41.66
C GLU E 85 86.73 -10.48 -42.43
N PRO E 86 87.53 -10.62 -43.51
CA PRO E 86 87.48 -11.86 -44.32
C PRO E 86 88.05 -13.15 -43.72
N GLY E 87 87.31 -14.25 -43.82
CA GLY E 87 87.82 -15.56 -43.36
C GLY E 87 87.69 -15.75 -41.86
N SER E 88 87.16 -14.74 -41.15
CA SER E 88 86.94 -14.88 -39.69
C SER E 88 85.45 -15.10 -39.39
N PHE E 89 85.12 -15.54 -38.18
CA PHE E 89 83.71 -15.61 -37.71
C PHE E 89 83.24 -14.25 -37.24
N VAL E 90 81.92 -13.99 -37.26
CA VAL E 90 81.39 -12.71 -36.70
C VAL E 90 80.54 -13.07 -35.49
N ASN E 91 80.65 -12.31 -34.40
CA ASN E 91 80.05 -12.76 -33.13
C ASN E 91 79.21 -11.63 -32.54
N VAL E 92 77.94 -11.89 -32.33
CA VAL E 92 76.97 -10.83 -31.90
C VAL E 92 76.36 -11.32 -30.59
N SER E 93 76.01 -10.41 -29.70
CA SER E 93 75.28 -10.77 -28.46
C SER E 93 73.89 -11.29 -28.80
N CYS E 94 73.42 -12.32 -28.08
CA CYS E 94 72.05 -12.81 -28.26
C CYS E 94 71.18 -11.56 -28.23
N PRO E 95 70.22 -11.38 -29.14
CA PRO E 95 69.49 -10.11 -29.16
C PRO E 95 68.79 -9.70 -27.86
N TRP E 96 68.89 -8.43 -27.50
CA TRP E 96 68.35 -7.89 -26.22
C TRP E 96 66.83 -7.82 -26.18
N TYR E 97 66.13 -8.38 -27.17
CA TYR E 97 64.65 -8.35 -27.21
C TYR E 97 64.04 -9.70 -26.88
N LEU E 98 64.86 -10.73 -26.76
CA LEU E 98 64.32 -12.09 -26.63
C LEU E 98 63.75 -12.21 -25.22
N PRO E 99 62.69 -13.00 -24.95
CA PRO E 99 62.20 -13.11 -23.59
C PRO E 99 63.28 -13.70 -22.65
N TRP E 100 64.09 -14.63 -23.14
CA TRP E 100 65.17 -15.26 -22.31
C TRP E 100 66.52 -14.56 -22.41
N ALA E 101 66.52 -13.24 -22.53
CA ALA E 101 67.77 -12.46 -22.57
C ALA E 101 68.54 -12.60 -21.24
N SER E 102 67.83 -12.52 -20.10
CA SER E 102 68.45 -12.63 -18.76
C SER E 102 69.06 -14.02 -18.52
N SER E 103 68.43 -15.08 -19.02
CA SER E 103 68.89 -16.49 -18.93
C SER E 103 70.22 -16.69 -19.68
N VAL E 104 70.46 -15.95 -20.76
CA VAL E 104 71.82 -15.94 -21.40
C VAL E 104 72.27 -14.48 -21.37
N PRO E 105 72.53 -13.90 -20.17
CA PRO E 105 72.81 -12.47 -20.07
C PRO E 105 74.05 -12.14 -20.90
N GLN E 106 75.10 -12.92 -20.79
CA GLN E 106 76.20 -12.75 -21.77
C GLN E 106 76.35 -14.04 -22.56
N GLY E 107 76.15 -13.94 -23.87
CA GLY E 107 76.07 -15.07 -24.82
C GLY E 107 76.37 -14.53 -26.20
N HIS E 108 76.41 -15.35 -27.23
CA HIS E 108 76.84 -14.84 -28.56
C HIS E 108 76.25 -15.69 -29.68
N VAL E 109 75.87 -15.03 -30.78
CA VAL E 109 75.33 -15.78 -31.96
C VAL E 109 76.38 -15.64 -33.06
N TYR E 110 76.77 -16.73 -33.71
CA TYR E 110 77.93 -16.65 -34.64
C TYR E 110 77.54 -16.95 -36.08
N ARG E 111 78.06 -16.14 -37.00
CA ARG E 111 78.01 -16.35 -38.47
C ARG E 111 79.45 -16.32 -39.03
N PHE E 112 79.73 -17.07 -40.10
CA PHE E 112 81.09 -17.11 -40.70
C PHE E 112 81.21 -16.25 -41.96
N CYS E 113 82.22 -15.39 -42.03
CA CYS E 113 82.44 -14.55 -43.24
C CYS E 113 83.59 -15.18 -44.03
N THR E 114 83.33 -15.61 -45.26
CA THR E 114 84.36 -16.33 -46.05
C THR E 114 85.44 -15.39 -46.60
N ALA E 115 86.58 -15.95 -46.99
CA ALA E 115 87.70 -15.16 -47.54
C ALA E 115 87.29 -14.46 -48.84
N GLU E 116 86.35 -15.06 -49.58
CA GLU E 116 85.86 -14.43 -50.84
C GLU E 116 85.26 -13.07 -50.49
N GLY E 117 84.76 -12.92 -49.25
CA GLY E 117 84.16 -11.64 -48.80
C GLY E 117 82.67 -11.76 -48.59
N LEU E 118 82.13 -12.96 -48.76
CA LEU E 118 80.67 -13.17 -48.59
C LEU E 118 80.38 -14.05 -47.37
N TRP E 119 79.12 -14.05 -46.90
CA TRP E 119 78.73 -14.88 -45.73
C TRP E 119 78.62 -16.33 -46.16
N LEU E 120 79.24 -17.24 -45.42
CA LEU E 120 79.10 -18.69 -45.69
C LEU E 120 77.62 -19.02 -45.73
N GLN E 121 77.25 -19.97 -46.58
CA GLN E 121 75.83 -20.40 -46.65
C GLN E 121 75.62 -21.71 -45.88
N LYS E 122 74.46 -22.35 -46.05
CA LYS E 122 74.13 -23.54 -45.23
C LYS E 122 73.89 -24.78 -46.09
N ASP E 123 73.36 -25.84 -45.48
CA ASP E 123 73.00 -27.05 -46.27
C ASP E 123 72.02 -26.58 -47.35
N ASN E 124 72.27 -26.97 -48.60
CA ASN E 124 71.45 -26.52 -49.76
C ASN E 124 71.95 -25.15 -50.18
N SER E 125 72.90 -24.57 -49.45
CA SER E 125 73.39 -23.20 -49.76
C SER E 125 72.15 -22.30 -49.82
N SER E 126 71.14 -22.60 -49.01
CA SER E 126 69.85 -21.86 -49.09
C SER E 126 70.00 -20.41 -48.61
N LEU E 127 70.69 -20.18 -47.50
CA LEU E 127 70.77 -18.80 -46.92
C LEU E 127 72.01 -18.65 -46.02
N PRO E 128 72.27 -17.48 -45.43
CA PRO E 128 73.48 -17.29 -44.65
C PRO E 128 73.44 -18.34 -43.53
N TRP E 129 74.61 -18.85 -43.17
CA TRP E 129 74.72 -19.87 -42.08
C TRP E 129 74.82 -19.18 -40.72
N ARG E 130 74.00 -19.56 -39.74
CA ARG E 130 73.99 -18.89 -38.42
C ARG E 130 73.74 -19.93 -37.33
N ASP E 131 74.76 -20.20 -36.52
CA ASP E 131 74.70 -21.21 -35.44
C ASP E 131 73.54 -20.90 -34.49
N LEU E 132 73.64 -19.82 -33.71
CA LEU E 132 72.51 -19.40 -32.84
C LEU E 132 72.38 -20.36 -31.65
N SER E 133 73.27 -21.34 -31.56
CA SER E 133 73.15 -22.45 -30.58
C SER E 133 73.06 -21.97 -29.13
N GLU E 134 73.93 -21.04 -28.72
CA GLU E 134 74.01 -20.67 -27.28
C GLU E 134 73.11 -19.48 -26.97
N CYS E 135 71.90 -19.44 -27.55
CA CYS E 135 70.93 -18.37 -27.24
C CYS E 135 69.52 -18.95 -27.37
N GLU E 136 69.39 -20.28 -27.28
CA GLU E 136 68.11 -21.02 -27.42
C GLU E 136 67.42 -21.17 -26.06
N GLU E 137 66.10 -20.89 -25.95
CA GLU E 137 65.38 -20.94 -24.63
C GLU E 137 65.51 -22.33 -24.02
N SER E 138 65.83 -22.41 -22.73
CA SER E 138 65.98 -23.71 -22.03
C SER E 138 64.63 -24.44 -21.95
N SER E 144 57.28 -17.00 -16.76
CA SER E 144 57.38 -16.79 -18.19
C SER E 144 56.44 -15.67 -18.65
N SER E 145 55.20 -16.03 -18.96
CA SER E 145 54.23 -15.07 -19.43
C SER E 145 53.03 -15.02 -18.46
N PRO E 146 52.34 -13.88 -18.37
CA PRO E 146 51.25 -13.79 -17.38
C PRO E 146 50.10 -14.76 -17.62
N GLU E 147 49.71 -15.00 -18.87
CA GLU E 147 48.60 -15.90 -19.12
C GLU E 147 48.91 -17.33 -18.70
N GLU E 148 50.18 -17.65 -18.44
CA GLU E 148 50.54 -18.93 -17.87
C GLU E 148 50.99 -18.83 -16.42
N GLN E 149 51.61 -17.71 -16.03
CA GLN E 149 51.93 -17.52 -14.62
C GLN E 149 50.67 -17.30 -13.79
N LEU E 150 49.60 -16.85 -14.42
CA LEU E 150 48.31 -16.63 -13.77
C LEU E 150 47.22 -17.40 -14.49
N LEU E 151 47.54 -18.64 -14.89
CA LEU E 151 46.62 -19.44 -15.69
C LEU E 151 45.35 -19.77 -14.92
N PHE E 152 45.50 -20.41 -13.75
CA PHE E 152 44.30 -20.77 -12.99
C PHE E 152 43.56 -19.52 -12.53
N LEU E 153 44.27 -18.41 -12.34
CA LEU E 153 43.60 -17.15 -12.06
C LEU E 153 42.76 -16.70 -13.26
N TYR E 154 43.25 -16.98 -14.47
CA TYR E 154 42.54 -16.53 -15.67
C TYR E 154 41.21 -17.24 -15.83
N ILE E 155 41.16 -18.53 -15.48
CA ILE E 155 39.93 -19.28 -15.69
C ILE E 155 38.96 -19.06 -14.53
N ILE E 156 39.49 -18.67 -13.36
CA ILE E 156 38.60 -18.38 -12.24
C ILE E 156 37.72 -17.17 -12.55
N TYR E 157 38.29 -16.09 -13.08
CA TYR E 157 37.49 -14.90 -13.32
C TYR E 157 36.75 -14.93 -14.65
N THR E 158 37.16 -15.75 -15.61
CA THR E 158 36.37 -15.87 -16.83
C THR E 158 35.19 -16.81 -16.64
N VAL E 159 35.29 -17.74 -15.68
CA VAL E 159 34.12 -18.52 -15.28
C VAL E 159 33.21 -17.70 -14.38
N GLY E 160 33.78 -16.84 -13.53
CA GLY E 160 32.96 -15.98 -12.70
C GLY E 160 32.23 -14.92 -13.50
N TYR E 161 32.91 -14.35 -14.49
CA TYR E 161 32.28 -13.33 -15.33
C TYR E 161 31.21 -13.95 -16.23
N ALA E 162 31.34 -15.24 -16.53
CA ALA E 162 30.34 -15.91 -17.36
C ALA E 162 29.13 -16.34 -16.55
N LEU E 163 29.35 -16.81 -15.32
CA LEU E 163 28.23 -17.08 -14.42
C LEU E 163 27.53 -15.79 -14.01
N SER E 164 28.17 -14.64 -14.16
CA SER E 164 27.53 -13.36 -13.89
C SER E 164 26.89 -12.78 -15.14
N PHE E 165 27.55 -12.88 -16.29
CA PHE E 165 26.92 -12.48 -17.54
C PHE E 165 25.61 -13.23 -17.76
N SER E 166 25.58 -14.51 -17.38
CA SER E 166 24.37 -15.31 -17.57
C SER E 166 23.26 -14.87 -16.62
N ALA E 167 23.54 -14.94 -15.32
CA ALA E 167 22.54 -14.57 -14.32
C ALA E 167 22.02 -13.16 -14.52
N LEU E 168 22.86 -12.25 -15.02
CA LEU E 168 22.44 -10.87 -15.22
C LEU E 168 21.54 -10.73 -16.44
N VAL E 169 21.76 -11.52 -17.50
CA VAL E 169 20.84 -11.53 -18.62
C VAL E 169 19.50 -12.08 -18.19
N ILE E 170 19.50 -13.15 -17.40
CA ILE E 170 18.25 -13.71 -16.89
C ILE E 170 17.56 -12.71 -15.96
N ALA E 171 18.33 -12.09 -15.07
CA ALA E 171 17.76 -11.15 -14.12
C ALA E 171 17.29 -9.86 -14.78
N SER E 172 17.89 -9.47 -15.91
CA SER E 172 17.51 -8.22 -16.55
C SER E 172 16.21 -8.36 -17.33
N ALA E 173 16.01 -9.51 -17.99
CA ALA E 173 14.75 -9.74 -18.68
C ALA E 173 13.60 -9.97 -17.70
N ILE E 174 13.91 -10.28 -16.44
CA ILE E 174 12.86 -10.47 -15.44
C ILE E 174 12.36 -9.13 -14.91
N LEU E 175 13.23 -8.12 -14.87
CA LEU E 175 12.82 -6.78 -14.48
C LEU E 175 12.14 -6.04 -15.62
N LEU E 176 12.59 -6.27 -16.85
CA LEU E 176 11.92 -5.75 -18.03
C LEU E 176 10.72 -6.59 -18.45
N GLY E 177 10.53 -7.77 -17.87
CA GLY E 177 9.48 -8.67 -18.29
C GLY E 177 8.16 -8.46 -17.57
N PHE E 178 8.21 -8.23 -16.27
CA PHE E 178 7.02 -7.95 -15.47
C PHE E 178 6.99 -6.47 -15.12
N ARG E 179 5.93 -5.78 -15.55
CA ARG E 179 5.83 -4.36 -15.27
C ARG E 179 5.46 -4.06 -13.82
N HIS E 180 4.95 -5.05 -13.08
CA HIS E 180 4.75 -4.84 -11.65
C HIS E 180 6.06 -4.54 -10.93
N LEU E 181 7.19 -4.96 -11.50
CA LEU E 181 8.50 -4.67 -10.96
C LEU E 181 9.07 -3.34 -11.44
N HIS E 182 8.42 -2.69 -12.41
CA HIS E 182 8.91 -1.42 -12.93
C HIS E 182 8.88 -0.35 -11.85
N CYS E 183 10.02 0.26 -11.59
CA CYS E 183 10.16 1.34 -10.63
C CYS E 183 11.55 1.93 -10.77
N THR E 184 11.75 3.09 -10.16
CA THR E 184 13.03 3.79 -10.28
C THR E 184 14.17 2.93 -9.73
N ARG E 185 13.91 2.19 -8.65
CA ARG E 185 14.92 1.30 -8.11
C ARG E 185 15.29 0.22 -9.12
N ASN E 186 14.29 -0.48 -9.66
CA ASN E 186 14.57 -1.55 -10.61
C ASN E 186 15.13 -1.01 -11.92
N TYR E 187 14.79 0.23 -12.28
CA TYR E 187 15.43 0.86 -13.43
C TYR E 187 16.93 0.99 -13.21
N ILE E 188 17.32 1.55 -12.06
CA ILE E 188 18.74 1.70 -11.74
C ILE E 188 19.42 0.34 -11.67
N HIS E 189 18.74 -0.65 -11.08
CA HIS E 189 19.28 -2.00 -11.07
C HIS E 189 19.57 -2.51 -12.47
N LEU E 190 18.73 -2.14 -13.45
CA LEU E 190 18.93 -2.61 -14.81
C LEU E 190 20.19 -2.02 -15.43
N ASN E 191 20.41 -0.71 -15.23
CA ASN E 191 21.61 -0.07 -15.77
C ASN E 191 22.86 -0.57 -15.07
N LEU E 192 22.77 -0.90 -13.77
CA LEU E 192 23.88 -1.55 -13.10
C LEU E 192 24.14 -2.91 -13.69
N PHE E 193 23.08 -3.64 -14.03
CA PHE E 193 23.24 -4.97 -14.62
C PHE E 193 23.92 -4.89 -15.99
N ALA E 194 23.55 -3.88 -16.79
CA ALA E 194 24.18 -3.71 -18.09
C ALA E 194 25.66 -3.34 -17.95
N SER E 195 25.99 -2.51 -16.96
CA SER E 195 27.38 -2.17 -16.71
C SER E 195 28.22 -3.41 -16.43
N PHE E 196 27.70 -4.33 -15.61
CA PHE E 196 28.41 -5.56 -15.33
C PHE E 196 28.54 -6.46 -16.55
N ILE E 197 27.66 -6.28 -17.54
CA ILE E 197 27.75 -7.06 -18.77
C ILE E 197 28.86 -6.54 -19.67
N LEU E 198 28.91 -5.22 -19.85
CA LEU E 198 29.96 -4.62 -20.67
C LEU E 198 31.33 -4.82 -20.05
N ARG E 199 31.42 -4.88 -18.73
CA ARG E 199 32.70 -5.17 -18.09
C ARG E 199 33.06 -6.64 -18.24
N ALA E 200 32.06 -7.53 -18.09
CA ALA E 200 32.29 -8.95 -18.32
C ALA E 200 32.59 -9.23 -19.78
N LEU E 201 32.00 -8.45 -20.70
CA LEU E 201 32.26 -8.64 -22.12
C LEU E 201 33.63 -8.09 -22.52
N SER E 202 34.03 -6.96 -21.93
CA SER E 202 35.36 -6.42 -22.20
C SER E 202 36.46 -7.34 -21.70
N VAL E 203 36.17 -8.19 -20.70
CA VAL E 203 37.15 -9.18 -20.27
C VAL E 203 37.14 -10.37 -21.22
N PHE E 204 35.96 -10.80 -21.68
CA PHE E 204 35.86 -11.90 -22.61
C PHE E 204 36.60 -11.60 -23.91
N ILE E 205 36.27 -10.46 -24.54
CA ILE E 205 36.84 -10.11 -25.83
C ILE E 205 38.35 -9.92 -25.72
N LYS E 206 38.79 -9.17 -24.70
CA LYS E 206 40.22 -8.89 -24.53
C LYS E 206 41.03 -10.17 -24.47
N ASP E 207 40.69 -11.07 -23.54
CA ASP E 207 41.45 -12.29 -23.38
C ASP E 207 41.34 -13.20 -24.60
N ALA E 208 40.22 -13.10 -25.34
CA ALA E 208 40.09 -13.87 -26.57
C ALA E 208 40.97 -13.31 -27.67
N ALA E 209 40.94 -11.98 -27.85
CA ALA E 209 41.76 -11.36 -28.90
C ALA E 209 43.24 -11.65 -28.70
N LEU E 210 43.73 -11.53 -27.46
CA LEU E 210 45.14 -11.81 -27.21
C LEU E 210 45.45 -13.30 -27.36
N LYS E 211 44.49 -14.17 -27.05
CA LYS E 211 44.68 -15.59 -27.31
C LYS E 211 44.79 -15.89 -28.80
N TRP E 212 44.05 -15.14 -29.62
CA TRP E 212 44.11 -15.31 -31.06
C TRP E 212 45.42 -14.78 -31.63
N MET E 213 45.77 -13.54 -31.28
CA MET E 213 46.97 -12.91 -31.81
C MET E 213 48.24 -13.63 -31.39
N TYR E 214 48.19 -14.48 -30.37
CA TYR E 214 49.37 -15.23 -29.96
C TYR E 214 49.52 -16.55 -30.70
N SER E 215 48.41 -17.21 -31.04
CA SER E 215 48.47 -18.45 -31.80
C SER E 215 48.76 -18.17 -33.26
N THR E 216 47.97 -17.25 -33.85
CA THR E 216 48.14 -16.93 -35.27
C THR E 216 49.53 -16.35 -35.54
N ALA E 217 49.91 -15.33 -34.79
CA ALA E 217 51.24 -14.72 -34.91
C ALA E 217 52.22 -15.33 -33.92
N ALA E 218 52.38 -16.66 -33.97
CA ALA E 218 53.22 -17.35 -32.99
C ALA E 218 54.68 -17.28 -33.36
N GLN E 219 55.01 -17.57 -34.61
CA GLN E 219 56.41 -17.56 -35.04
C GLN E 219 56.87 -16.13 -35.32
N GLN E 220 58.20 -15.96 -35.33
CA GLN E 220 58.79 -14.63 -35.33
C GLN E 220 58.47 -13.84 -36.59
N HIS E 221 58.33 -14.52 -37.74
CA HIS E 221 58.12 -13.79 -38.99
C HIS E 221 56.73 -13.18 -39.09
N GLN E 222 55.89 -13.34 -38.08
CA GLN E 222 54.57 -12.73 -38.06
C GLN E 222 54.47 -11.58 -37.06
N TRP E 223 55.55 -11.25 -36.37
CA TRP E 223 55.53 -10.25 -35.31
C TRP E 223 55.28 -8.83 -35.82
N ASP E 224 55.51 -8.57 -37.11
CA ASP E 224 55.24 -7.24 -37.63
C ASP E 224 53.74 -7.01 -37.79
N GLY E 225 52.99 -8.07 -38.09
CA GLY E 225 51.54 -7.95 -38.10
C GLY E 225 50.99 -7.55 -36.75
N LEU E 226 51.49 -8.16 -35.68
CA LEU E 226 51.12 -7.73 -34.34
C LEU E 226 51.54 -6.29 -34.10
N LEU E 227 52.76 -5.92 -34.51
CA LEU E 227 53.21 -4.55 -34.40
C LEU E 227 52.31 -3.61 -35.18
N SER E 228 51.93 -4.00 -36.39
CA SER E 228 51.06 -3.16 -37.21
C SER E 228 49.70 -2.96 -36.55
N TYR E 229 49.18 -3.99 -35.87
CA TYR E 229 47.92 -3.84 -35.15
C TYR E 229 48.07 -2.89 -33.97
N GLN E 230 49.16 -3.03 -33.21
CA GLN E 230 49.38 -2.14 -32.09
C GLN E 230 49.53 -0.70 -32.55
N ASP E 231 50.06 -0.50 -33.76
CA ASP E 231 50.12 0.83 -34.35
C ASP E 231 48.77 1.31 -34.88
N SER E 232 47.85 0.38 -35.14
CA SER E 232 46.61 0.73 -35.81
C SER E 232 45.72 1.62 -34.94
N LEU E 233 44.84 2.36 -35.60
CA LEU E 233 43.85 3.16 -34.89
C LEU E 233 42.80 2.28 -34.21
N SER E 234 42.50 1.12 -34.80
CA SER E 234 41.50 0.23 -34.23
C SER E 234 41.89 -0.24 -32.84
N CYS E 235 43.19 -0.41 -32.60
CA CYS E 235 43.66 -0.86 -31.29
C CYS E 235 43.31 0.15 -30.21
N ARG E 236 43.61 1.43 -30.44
CA ARG E 236 43.38 2.45 -29.43
C ARG E 236 41.90 2.66 -29.15
N LEU E 237 41.03 2.27 -30.09
CA LEU E 237 39.60 2.53 -29.90
C LEU E 237 38.95 1.46 -29.04
N VAL E 238 39.35 0.20 -29.21
CA VAL E 238 38.81 -0.86 -28.36
C VAL E 238 39.40 -0.77 -26.96
N PHE E 239 40.64 -0.31 -26.84
CA PHE E 239 41.21 -0.10 -25.52
C PHE E 239 40.50 1.04 -24.80
N LEU E 240 40.14 2.10 -25.53
CA LEU E 240 39.29 3.13 -24.95
C LEU E 240 37.90 2.59 -24.63
N LEU E 241 37.38 1.71 -25.49
CA LEU E 241 36.08 1.11 -25.23
C LEU E 241 36.13 0.16 -24.02
N MET E 242 37.26 -0.52 -23.82
CA MET E 242 37.40 -1.37 -22.65
C MET E 242 37.63 -0.55 -21.40
N GLN E 243 38.32 0.58 -21.51
CA GLN E 243 38.54 1.43 -20.35
C GLN E 243 37.25 2.12 -19.91
N TYR E 244 36.39 2.47 -20.87
CA TYR E 244 35.13 3.12 -20.54
C TYR E 244 34.19 2.17 -19.80
N CYS E 245 34.15 0.90 -20.23
CA CYS E 245 33.19 -0.04 -19.66
C CYS E 245 33.52 -0.36 -18.20
N VAL E 246 34.79 -0.36 -17.83
CA VAL E 246 35.17 -0.52 -16.42
C VAL E 246 34.76 0.72 -15.62
N ALA E 247 35.09 1.90 -16.13
CA ALA E 247 34.78 3.13 -15.42
C ALA E 247 33.28 3.36 -15.29
N ALA E 248 32.48 2.83 -16.22
CA ALA E 248 31.04 2.99 -16.15
C ALA E 248 30.42 2.07 -15.11
N ASN E 249 30.92 0.84 -15.00
CA ASN E 249 30.46 -0.06 -13.95
C ASN E 249 30.72 0.54 -12.57
N TYR E 250 31.84 1.24 -12.41
CA TYR E 250 32.17 1.82 -11.11
C TYR E 250 31.27 3.00 -10.78
N TYR E 251 30.72 3.68 -11.79
CA TYR E 251 29.86 4.83 -11.52
C TYR E 251 28.38 4.47 -11.51
N TRP E 252 28.01 3.26 -11.93
CA TRP E 252 26.66 2.78 -11.67
C TRP E 252 26.55 2.10 -10.32
N LEU E 253 27.67 1.60 -9.79
CA LEU E 253 27.73 1.28 -8.36
C LEU E 253 27.58 2.54 -7.53
N LEU E 254 28.19 3.64 -7.97
CA LEU E 254 28.06 4.89 -7.26
C LEU E 254 26.65 5.46 -7.34
N VAL E 255 25.97 5.27 -8.47
CA VAL E 255 24.59 5.75 -8.59
C VAL E 255 23.67 4.96 -7.68
N GLU E 256 23.90 3.65 -7.56
CA GLU E 256 23.10 2.83 -6.65
C GLU E 256 23.27 3.30 -5.21
N GLY E 257 24.49 3.66 -4.81
CA GLY E 257 24.71 4.17 -3.48
C GLY E 257 24.09 5.53 -3.27
N VAL E 258 24.29 6.44 -4.22
CA VAL E 258 23.73 7.78 -4.10
C VAL E 258 22.21 7.74 -4.05
N TYR E 259 21.59 6.92 -4.91
CA TYR E 259 20.14 6.84 -4.93
C TYR E 259 19.59 6.28 -3.62
N LEU E 260 20.15 5.16 -3.16
CA LEU E 260 19.69 4.57 -1.91
C LEU E 260 19.91 5.51 -0.73
N TYR E 261 21.04 6.22 -0.73
CA TYR E 261 21.32 7.14 0.37
C TYR E 261 20.38 8.33 0.36
N THR E 262 19.88 8.74 -0.81
CA THR E 262 18.93 9.84 -0.87
C THR E 262 17.55 9.42 -0.43
N LEU E 263 17.15 8.18 -0.70
CA LEU E 263 15.91 7.64 -0.15
C LEU E 263 15.89 7.77 1.37
N LEU E 264 17.02 7.45 2.01
CA LEU E 264 17.07 7.45 3.46
C LEU E 264 17.38 8.83 4.02
N ALA E 265 17.95 9.72 3.20
CA ALA E 265 18.26 11.09 3.63
C ALA E 265 17.13 12.07 3.34
N PHE E 266 15.99 11.58 2.89
CA PHE E 266 14.75 12.36 2.75
C PHE E 266 14.96 13.67 1.99
N SER E 267 15.78 13.60 0.95
CA SER E 267 15.90 14.73 0.04
C SER E 267 14.69 14.79 -0.87
N VAL E 268 14.19 16.00 -1.12
CA VAL E 268 13.02 16.19 -1.96
C VAL E 268 13.47 16.47 -3.39
N PHE E 269 12.94 15.71 -4.34
CA PHE E 269 13.34 15.81 -5.74
C PHE E 269 12.30 15.13 -6.60
N SER E 270 12.21 15.55 -7.85
CA SER E 270 11.29 14.93 -8.79
C SER E 270 11.79 13.53 -9.17
N GLU E 271 10.88 12.56 -9.15
CA GLU E 271 11.24 11.21 -9.57
C GLU E 271 11.69 11.18 -11.03
N GLN E 272 11.09 12.05 -11.85
CA GLN E 272 11.48 12.12 -13.26
C GLN E 272 12.83 12.83 -13.42
N TRP E 273 12.94 14.03 -12.85
CA TRP E 273 14.12 14.87 -13.08
C TRP E 273 15.39 14.21 -12.52
N ILE E 274 15.26 13.50 -11.41
CA ILE E 274 16.45 12.96 -10.74
C ILE E 274 16.98 11.74 -11.48
N PHE E 275 16.10 11.05 -12.23
CA PHE E 275 16.50 9.77 -12.81
C PHE E 275 17.43 9.94 -14.00
N ARG E 276 17.18 10.93 -14.86
CA ARG E 276 18.09 11.17 -15.98
C ARG E 276 19.36 11.85 -15.50
N LEU E 277 19.31 12.45 -14.30
CA LEU E 277 20.55 12.85 -13.65
C LEU E 277 21.39 11.62 -13.28
N TYR E 278 20.74 10.60 -12.73
CA TYR E 278 21.44 9.36 -12.41
C TYR E 278 21.97 8.68 -13.68
N VAL E 279 21.16 8.66 -14.74
CA VAL E 279 21.57 8.01 -15.98
C VAL E 279 22.78 8.72 -16.58
N SER E 280 22.80 10.06 -16.52
CA SER E 280 23.92 10.81 -17.07
C SER E 280 25.16 10.74 -16.19
N ILE E 281 25.01 10.32 -14.94
CA ILE E 281 26.19 10.15 -14.08
C ILE E 281 26.83 8.79 -14.31
N GLY E 282 26.02 7.73 -14.39
CA GLY E 282 26.57 6.40 -14.60
C GLY E 282 27.17 6.22 -15.98
N TRP E 283 26.57 6.83 -17.00
CA TRP E 283 27.03 6.65 -18.37
C TRP E 283 27.80 7.85 -18.91
N GLY E 284 27.54 9.05 -18.42
CA GLY E 284 28.12 10.24 -19.01
C GLY E 284 29.37 10.77 -18.32
N VAL E 285 29.34 10.85 -16.99
CA VAL E 285 30.46 11.37 -16.21
C VAL E 285 31.74 10.58 -16.46
N PRO E 286 31.71 9.25 -16.63
CA PRO E 286 32.95 8.54 -16.99
C PRO E 286 33.60 9.04 -18.26
N LEU E 287 32.81 9.48 -19.25
CA LEU E 287 33.38 10.08 -20.46
C LEU E 287 34.26 11.29 -20.16
N LEU E 288 34.02 11.99 -19.06
CA LEU E 288 34.73 13.22 -18.75
C LEU E 288 36.10 12.98 -18.11
N PHE E 289 36.52 11.73 -17.99
CA PHE E 289 37.94 11.45 -17.71
C PHE E 289 38.51 10.32 -18.54
N VAL E 290 37.69 9.52 -19.22
CA VAL E 290 38.22 8.50 -20.12
C VAL E 290 38.60 9.10 -21.47
N VAL E 291 37.67 9.87 -22.06
CA VAL E 291 37.99 10.56 -23.31
C VAL E 291 39.14 11.53 -23.14
N PRO E 292 39.22 12.34 -22.06
CA PRO E 292 40.47 13.09 -21.84
C PRO E 292 41.69 12.21 -21.66
N TRP E 293 41.51 10.98 -21.16
CA TRP E 293 42.65 10.09 -20.98
C TRP E 293 43.22 9.65 -22.32
N GLY E 294 42.35 9.29 -23.27
CA GLY E 294 42.81 8.97 -24.61
C GLY E 294 43.53 10.13 -25.25
N ILE E 295 43.01 11.34 -25.09
CA ILE E 295 43.63 12.56 -25.68
C ILE E 295 45.07 12.73 -25.20
N VAL E 296 45.34 12.70 -23.88
CA VAL E 296 46.70 12.86 -23.32
C VAL E 296 47.59 11.70 -23.77
N LYS E 297 47.07 10.49 -23.76
CA LYS E 297 47.82 9.30 -24.23
C LYS E 297 48.15 9.46 -25.71
N TYR E 298 47.21 9.94 -26.52
CA TYR E 298 47.45 10.10 -27.97
C TYR E 298 48.50 11.18 -28.21
N LEU E 299 48.36 12.30 -27.54
CA LEU E 299 49.28 13.43 -27.72
C LEU E 299 50.66 13.21 -27.11
N TYR E 300 50.77 12.46 -26.01
CA TYR E 300 51.98 12.46 -25.14
C TYR E 300 52.60 11.08 -24.96
N GLU E 301 51.82 10.00 -25.06
CA GLU E 301 52.35 8.62 -24.88
C GLU E 301 51.68 7.65 -25.85
N ASP E 302 51.72 7.92 -27.15
CA ASP E 302 50.96 7.12 -28.16
C ASP E 302 51.39 5.67 -28.37
N GLU E 303 52.68 5.34 -28.34
CA GLU E 303 53.17 3.98 -28.75
C GLU E 303 52.68 2.83 -27.89
N GLY E 304 52.59 1.63 -28.47
CA GLY E 304 52.16 0.44 -27.74
C GLY E 304 50.67 0.32 -27.61
N CYS E 305 49.91 1.08 -28.40
CA CYS E 305 48.45 1.09 -28.31
C CYS E 305 48.02 1.53 -26.93
N TRP E 306 48.71 2.55 -26.40
CA TRP E 306 48.36 3.18 -25.11
C TRP E 306 48.55 2.21 -23.93
N THR E 307 49.15 1.03 -24.12
CA THR E 307 49.25 0.01 -23.04
C THR E 307 50.59 0.09 -22.34
N ARG E 308 51.39 1.10 -22.66
CA ARG E 308 52.66 1.27 -21.93
C ARG E 308 52.51 2.45 -20.98
N ASN E 309 52.91 2.28 -19.73
CA ASN E 309 52.72 3.29 -18.68
C ASN E 309 54.07 3.87 -18.26
N SER E 310 54.27 5.17 -18.48
CA SER E 310 55.53 5.87 -18.09
C SER E 310 55.44 6.45 -16.70
N ASN E 311 56.50 7.14 -16.27
CA ASN E 311 56.54 7.77 -14.93
C ASN E 311 55.41 8.80 -14.82
N MET E 312 54.98 9.36 -15.95
CA MET E 312 53.93 10.41 -15.97
C MET E 312 52.65 9.90 -15.31
N ASN E 313 52.54 8.59 -15.12
CA ASN E 313 51.35 8.07 -14.39
C ASN E 313 50.09 8.71 -14.95
N TYR E 314 49.91 8.69 -16.28
CA TYR E 314 48.67 9.22 -16.88
C TYR E 314 47.52 8.29 -16.49
N TRP E 315 47.83 7.07 -16.05
CA TRP E 315 46.80 6.10 -15.58
C TRP E 315 45.95 6.74 -14.49
N LEU E 316 46.54 7.67 -13.74
CA LEU E 316 45.80 8.36 -12.69
C LEU E 316 44.60 9.12 -13.22
N ILE E 317 44.62 9.50 -14.50
CA ILE E 317 43.46 10.12 -15.13
C ILE E 317 42.26 9.18 -15.11
N ILE E 318 42.49 7.88 -14.99
CA ILE E 318 41.42 6.90 -14.89
C ILE E 318 41.27 6.40 -13.45
N ARG E 319 42.39 6.19 -12.75
CA ARG E 319 42.34 5.53 -11.45
C ARG E 319 41.76 6.45 -10.38
N LEU E 320 42.17 7.71 -10.36
CA LEU E 320 41.72 8.64 -9.32
C LEU E 320 40.23 8.95 -9.43
N PRO E 321 39.68 9.22 -10.63
CA PRO E 321 38.21 9.34 -10.72
C PRO E 321 37.48 8.06 -10.34
N ILE E 322 38.10 6.90 -10.54
CA ILE E 322 37.48 5.65 -10.13
C ILE E 322 37.61 5.46 -8.63
N LEU E 323 38.77 5.82 -8.06
CA LEU E 323 38.94 5.74 -6.62
C LEU E 323 37.92 6.62 -5.89
N PHE E 324 37.59 7.77 -6.48
CA PHE E 324 36.58 8.65 -5.88
C PHE E 324 35.21 7.97 -5.83
N ALA E 325 34.87 7.17 -6.85
CA ALA E 325 33.62 6.43 -6.81
C ALA E 325 33.67 5.31 -5.79
N ILE E 326 34.86 4.79 -5.50
CA ILE E 326 35.01 3.74 -4.49
C ILE E 326 34.88 4.33 -3.09
N GLY E 327 35.45 5.51 -2.87
CA GLY E 327 35.42 6.11 -1.54
C GLY E 327 34.04 6.62 -1.18
N VAL E 328 33.40 7.35 -2.11
CA VAL E 328 32.05 7.85 -1.86
C VAL E 328 31.09 6.71 -1.55
N ASN E 329 31.32 5.54 -2.14
CA ASN E 329 30.45 4.39 -1.86
C ASN E 329 30.75 3.74 -0.53
N PHE E 330 31.99 3.83 -0.04
CA PHE E 330 32.27 3.32 1.30
C PHE E 330 31.71 4.24 2.37
N LEU E 331 31.76 5.55 2.15
CA LEU E 331 31.10 6.48 3.07
C LEU E 331 29.60 6.27 3.08
N ILE E 332 29.02 5.91 1.94
CA ILE E 332 27.59 5.62 1.89
C ILE E 332 27.30 4.30 2.59
N PHE E 333 28.14 3.29 2.36
CA PHE E 333 27.97 2.00 3.02
C PHE E 333 28.02 2.15 4.53
N VAL E 334 28.82 3.10 5.03
CA VAL E 334 28.90 3.30 6.47
C VAL E 334 27.63 3.95 7.00
N ARG E 335 27.18 5.01 6.41
CA ARG E 335 25.92 5.74 6.72
C ARG E 335 24.71 4.81 6.71
N VAL E 336 24.62 3.89 5.74
CA VAL E 336 23.47 3.01 5.61
C VAL E 336 23.47 1.97 6.73
N ILE E 337 24.60 1.29 6.92
CA ILE E 337 24.69 0.25 7.95
C ILE E 337 24.47 0.85 9.34
N CYS E 338 24.87 2.11 9.53
CA CYS E 338 24.60 2.77 10.80
C CYS E 338 23.11 2.99 11.00
N ILE E 339 22.40 3.38 9.94
CA ILE E 339 20.95 3.52 10.01
C ILE E 339 20.31 2.17 10.36
N VAL E 340 20.80 1.10 9.75
CA VAL E 340 20.28 -0.23 10.04
C VAL E 340 20.49 -0.57 11.51
N VAL E 341 21.61 -0.12 12.09
CA VAL E 341 21.85 -0.31 13.52
C VAL E 341 20.79 0.38 14.34
N SER E 342 20.53 1.66 14.06
CA SER E 342 19.56 2.43 14.82
C SER E 342 18.17 1.83 14.72
N LYS E 343 17.82 1.29 13.54
CA LYS E 343 16.49 0.71 13.36
C LYS E 343 16.33 -0.57 14.17
N LEU E 344 17.33 -1.45 14.14
CA LEU E 344 17.23 -2.72 14.84
C LEU E 344 17.20 -2.54 16.35
N LYS E 345 17.76 -1.44 16.85
CA LYS E 345 17.68 -1.16 18.29
C LYS E 345 16.28 -0.74 18.70
N ALA E 346 15.53 -0.12 17.77
CA ALA E 346 14.19 0.36 18.09
C ALA E 346 13.18 -0.78 18.11
N ASN E 347 13.49 -1.89 17.44
CA ASN E 347 12.60 -3.05 17.46
C ASN E 347 12.70 -3.85 18.75
N LEU E 348 13.62 -3.50 19.65
CA LEU E 348 13.77 -4.16 20.95
C LEU E 348 14.03 -5.66 20.81
N MET E 349 14.83 -6.02 19.81
CA MET E 349 15.11 -7.42 19.55
C MET E 349 16.30 -7.87 20.40
N CYS E 350 16.54 -9.18 20.43
CA CYS E 350 17.61 -9.75 21.24
C CYS E 350 18.94 -9.64 20.51
N LYS E 351 20.03 -9.55 21.28
CA LYS E 351 21.33 -9.21 20.72
C LYS E 351 21.83 -10.27 19.74
N THR E 352 21.66 -11.55 20.08
CA THR E 352 22.15 -12.62 19.21
C THR E 352 21.50 -12.54 17.82
N ASP E 353 20.24 -12.11 17.78
CA ASP E 353 19.53 -12.06 16.49
C ASP E 353 19.92 -10.83 15.69
N ILE E 354 20.06 -9.67 16.37
CA ILE E 354 20.39 -8.45 15.64
C ILE E 354 21.80 -8.54 15.07
N LYS E 355 22.69 -9.27 15.74
CA LYS E 355 24.01 -9.52 15.17
C LYS E 355 23.91 -10.40 13.94
N CYS E 356 22.88 -11.25 13.87
CA CYS E 356 22.65 -12.05 12.68
C CYS E 356 22.03 -11.22 11.57
N ARG E 357 21.01 -10.42 11.91
CA ARG E 357 20.37 -9.57 10.90
C ARG E 357 21.31 -8.47 10.43
N LEU E 358 22.10 -7.89 11.33
CA LEU E 358 23.07 -6.87 10.92
C LEU E 358 24.17 -7.49 10.07
N ALA E 359 24.50 -8.76 10.32
CA ALA E 359 25.46 -9.45 9.46
C ALA E 359 24.88 -9.72 8.08
N LYS E 360 23.56 -9.93 8.01
CA LYS E 360 22.93 -10.18 6.73
C LYS E 360 22.77 -8.90 5.92
N SER E 361 22.35 -7.81 6.57
CA SER E 361 22.19 -6.55 5.86
C SER E 361 23.52 -6.01 5.36
N THR E 362 24.60 -6.28 6.08
CA THR E 362 25.92 -5.80 5.66
C THR E 362 26.47 -6.64 4.51
N LEU E 363 26.38 -7.96 4.62
CA LEU E 363 26.87 -8.82 3.55
C LEU E 363 26.02 -8.72 2.28
N THR E 364 24.78 -8.24 2.40
CA THR E 364 23.93 -8.05 1.23
C THR E 364 24.22 -6.72 0.55
N LEU E 365 24.69 -5.74 1.31
CA LEU E 365 24.97 -4.42 0.75
C LEU E 365 26.31 -4.36 0.05
N ILE E 366 27.24 -5.25 0.41
CA ILE E 366 28.58 -5.21 -0.17
C ILE E 366 28.57 -5.33 -1.69
N PRO E 367 27.90 -6.32 -2.30
CA PRO E 367 27.94 -6.41 -3.76
C PRO E 367 27.23 -5.27 -4.46
N LEU E 368 26.24 -4.65 -3.81
CA LEU E 368 25.54 -3.54 -4.46
C LEU E 368 26.40 -2.30 -4.56
N LEU E 369 27.31 -2.09 -3.62
CA LEU E 369 28.05 -0.84 -3.53
C LEU E 369 29.51 -0.95 -3.91
N GLY E 370 30.02 -2.16 -4.15
CA GLY E 370 31.44 -2.32 -4.43
C GLY E 370 32.33 -2.12 -3.23
N THR E 371 31.82 -2.43 -2.03
CA THR E 371 32.57 -2.19 -0.81
C THR E 371 33.76 -3.14 -0.66
N HIS E 372 33.79 -4.22 -1.43
CA HIS E 372 34.81 -5.26 -1.22
C HIS E 372 36.21 -4.75 -1.55
N GLU E 373 36.34 -3.90 -2.57
CA GLU E 373 37.67 -3.46 -2.99
C GLU E 373 38.38 -2.70 -1.88
N VAL E 374 37.68 -1.80 -1.20
CA VAL E 374 38.29 -1.07 -0.09
C VAL E 374 38.43 -1.97 1.13
N ILE E 375 37.48 -2.87 1.35
CA ILE E 375 37.58 -3.82 2.46
C ILE E 375 38.82 -4.68 2.32
N PHE E 376 39.15 -5.10 1.11
CA PHE E 376 40.35 -5.88 0.89
C PHE E 376 41.62 -5.05 0.94
N ALA E 377 41.51 -3.72 0.84
CA ALA E 377 42.69 -2.88 0.96
C ALA E 377 43.14 -2.71 2.41
N PHE E 378 42.25 -2.90 3.38
CA PHE E 378 42.59 -2.71 4.78
C PHE E 378 42.52 -4.03 5.56
N VAL E 379 42.73 -5.15 4.90
CA VAL E 379 42.85 -6.44 5.57
C VAL E 379 44.09 -7.15 5.06
N MET E 380 44.75 -6.57 4.05
CA MET E 380 45.93 -7.15 3.45
C MET E 380 47.09 -6.16 3.56
N ASP E 381 48.30 -6.70 3.57
CA ASP E 381 49.49 -5.89 3.74
C ASP E 381 50.44 -6.15 2.57
N GLU E 382 51.35 -5.20 2.35
CA GLU E 382 52.33 -5.28 1.29
C GLU E 382 53.23 -6.50 1.46
N HIS E 383 53.93 -6.86 0.39
CA HIS E 383 54.93 -7.91 0.44
C HIS E 383 56.29 -7.39 -0.03
N THR E 387 53.43 -16.32 -1.69
CA THR E 387 52.28 -16.01 -2.53
C THR E 387 51.48 -14.84 -1.95
N LEU E 388 52.18 -13.96 -1.22
CA LEU E 388 51.50 -12.89 -0.49
C LEU E 388 50.70 -12.00 -1.44
N ARG E 389 51.24 -11.76 -2.64
CA ARG E 389 50.47 -11.09 -3.68
C ARG E 389 49.31 -11.95 -4.16
N PHE E 390 49.54 -13.26 -4.28
CA PHE E 390 48.55 -14.13 -4.93
C PHE E 390 47.24 -14.16 -4.16
N ILE E 391 47.30 -14.17 -2.83
CA ILE E 391 46.07 -14.11 -2.06
C ILE E 391 45.36 -12.78 -2.29
N LYS E 392 46.11 -11.68 -2.26
CA LYS E 392 45.52 -10.37 -2.55
C LYS E 392 45.13 -10.24 -4.02
N LEU E 393 45.94 -10.82 -4.92
CA LEU E 393 45.65 -10.71 -6.35
C LEU E 393 44.43 -11.53 -6.73
N PHE E 394 44.43 -12.83 -6.39
CA PHE E 394 43.32 -13.70 -6.73
C PHE E 394 42.01 -13.16 -6.16
N THR E 395 42.03 -12.70 -4.92
CA THR E 395 40.81 -12.35 -4.21
C THR E 395 40.03 -11.26 -4.94
N GLU E 396 40.66 -10.10 -5.15
CA GLU E 396 39.98 -9.00 -5.82
C GLU E 396 39.56 -9.39 -7.23
N LEU E 397 40.42 -10.11 -7.95
CA LEU E 397 40.05 -10.58 -9.28
C LEU E 397 38.91 -11.59 -9.21
N SER E 398 38.95 -12.50 -8.23
CA SER E 398 37.88 -13.47 -8.08
C SER E 398 36.57 -12.81 -7.67
N PHE E 399 36.62 -11.90 -6.70
CA PHE E 399 35.39 -11.33 -6.16
C PHE E 399 34.70 -10.44 -7.19
N THR E 400 35.47 -9.60 -7.89
CA THR E 400 34.89 -8.71 -8.88
C THR E 400 34.19 -9.48 -10.00
N SER E 401 34.81 -10.58 -10.46
CA SER E 401 34.21 -11.36 -11.52
C SER E 401 32.93 -12.06 -11.06
N PHE E 402 32.82 -12.36 -9.77
CA PHE E 402 31.62 -12.96 -9.21
C PHE E 402 30.66 -11.95 -8.63
N GLN E 403 30.97 -10.65 -8.73
CA GLN E 403 30.14 -9.63 -8.12
C GLN E 403 28.86 -9.38 -8.92
N GLY E 404 28.90 -9.51 -10.24
CA GLY E 404 27.68 -9.40 -11.03
C GLY E 404 26.72 -10.53 -10.74
N LEU E 405 27.24 -11.72 -10.43
CA LEU E 405 26.38 -12.82 -10.01
C LEU E 405 25.74 -12.53 -8.66
N MET E 406 26.50 -11.94 -7.74
CA MET E 406 25.98 -11.67 -6.40
C MET E 406 24.78 -10.73 -6.45
N VAL E 407 24.86 -9.66 -7.24
CA VAL E 407 23.76 -8.70 -7.28
C VAL E 407 22.56 -9.29 -8.02
N ALA E 408 22.80 -10.15 -9.01
CA ALA E 408 21.68 -10.78 -9.71
C ALA E 408 20.95 -11.78 -8.81
N ILE E 409 21.66 -12.39 -7.85
CA ILE E 409 21.02 -13.31 -6.94
C ILE E 409 20.36 -12.56 -5.78
N LEU E 410 20.97 -11.47 -5.32
CA LEU E 410 20.50 -10.79 -4.12
C LEU E 410 19.44 -9.73 -4.39
N TYR E 411 19.31 -9.25 -5.62
CA TYR E 411 18.36 -8.19 -5.92
C TYR E 411 17.33 -8.61 -6.97
N CYS E 412 17.53 -9.77 -7.59
CA CYS E 412 16.48 -10.32 -8.44
C CYS E 412 16.00 -11.70 -7.99
N PHE E 413 16.94 -12.65 -7.84
CA PHE E 413 16.54 -14.06 -7.75
C PHE E 413 15.95 -14.40 -6.38
N VAL E 414 16.41 -13.75 -5.32
CA VAL E 414 15.86 -13.97 -3.99
C VAL E 414 14.98 -12.84 -3.53
N ASN E 415 14.82 -11.79 -4.33
CA ASN E 415 13.97 -10.67 -3.96
C ASN E 415 12.53 -11.14 -3.75
N ASN E 416 11.94 -10.71 -2.62
CA ASN E 416 10.58 -11.12 -2.30
C ASN E 416 9.57 -10.61 -3.32
N GLU E 417 9.75 -9.40 -3.82
CA GLU E 417 8.82 -8.85 -4.81
C GLU E 417 8.94 -9.59 -6.14
N VAL E 418 10.16 -10.01 -6.49
CA VAL E 418 10.35 -10.75 -7.73
C VAL E 418 9.81 -12.18 -7.58
N GLN E 419 10.17 -12.86 -6.49
CA GLN E 419 9.77 -14.25 -6.31
C GLN E 419 8.26 -14.37 -6.15
N LEU E 420 7.62 -13.36 -5.56
CA LEU E 420 6.17 -13.37 -5.47
C LEU E 420 5.54 -13.20 -6.85
N GLU E 421 6.17 -12.40 -7.71
CA GLU E 421 5.69 -12.26 -9.08
C GLU E 421 5.78 -13.57 -9.84
N PHE E 422 6.74 -14.43 -9.46
CA PHE E 422 6.79 -15.76 -10.05
C PHE E 422 5.60 -16.60 -9.61
N ARG E 423 5.31 -16.63 -8.30
CA ARG E 423 4.24 -17.49 -7.81
C ARG E 423 2.88 -17.10 -8.39
N LYS E 424 2.65 -15.81 -8.60
CA LYS E 424 1.37 -15.39 -9.17
C LYS E 424 1.31 -15.69 -10.67
N SER E 425 2.46 -15.97 -11.28
CA SER E 425 2.45 -16.33 -12.69
C SER E 425 2.18 -17.82 -12.86
N TRP E 426 2.57 -18.62 -11.88
CA TRP E 426 2.25 -20.05 -11.90
C TRP E 426 0.75 -20.26 -11.82
N GLU E 427 0.11 -19.70 -10.78
CA GLU E 427 -1.33 -19.87 -10.59
C GLU E 427 -2.11 -19.41 -11.81
N ARG E 428 -1.82 -18.21 -12.32
CA ARG E 428 -2.50 -17.70 -13.51
C ARG E 428 -2.30 -18.64 -14.70
N TRP E 429 -1.21 -19.40 -14.70
CA TRP E 429 -0.97 -20.36 -15.77
C TRP E 429 -1.78 -21.64 -15.56
N ARG E 430 -1.74 -22.18 -14.33
CA ARG E 430 -2.49 -23.41 -14.06
C ARG E 430 -4.00 -23.18 -14.15
N LEU E 431 -4.47 -21.97 -13.83
CA LEU E 431 -5.87 -21.65 -14.05
C LEU E 431 -6.19 -21.63 -15.54
N GLU E 432 -5.29 -21.08 -16.34
CA GLU E 432 -5.45 -21.05 -17.79
C GLU E 432 -4.66 -22.16 -18.45
#